data_8R1L
#
_entry.id   8R1L
#
_cell.length_a   1.00
_cell.length_b   1.00
_cell.length_c   1.00
_cell.angle_alpha   90.00
_cell.angle_beta   90.00
_cell.angle_gamma   90.00
#
_symmetry.space_group_name_H-M   'P 1'
#
loop_
_entity.id
_entity.type
_entity.pdbx_description
1 polymer 'Acidic leucine-rich nuclear phosphoprotein 32 family member B'
2 polymer 'Polymerase acidic protein'
3 polymer 'RNA-directed RNA polymerase catalytic subunit'
4 polymer 'Polymerase basic protein 2'
#
loop_
_entity_poly.entity_id
_entity_poly.type
_entity_poly.pdbx_seq_one_letter_code
_entity_poly.pdbx_strand_id
1 'polypeptide(L)'
;MDMKRRIHLELRNRTPAAVRELVLDNCKSNDGKIEGLTAEFVNLEFLSLINVGLISVSNLPKLPKLKKLELSENRIFGGL
DMLAEKLPNLTHLNLSGNKLKDISTLEPLKKLECLKSLDLFNCEVTNLNDYRESVFKLLPQLTYLDGYDREDQEAPDSDA
EVDGVDEEEEDEEGEDEEDEDDEDGEEEEFDEEDDEDEDVEGDEDDDEVSEEEEEFGLDEEDEDEDEDEEEEEGGKGEKR
KRETDDEGEDD
;
D
2 'polypeptide(L)'
;MEDFVRQCFNPMIVELAEKAMKEYGEDPKIETNKFAAICTHLEVCFMYSDFHFIDERSESIIVESGDPNALLKHRFEIIE
GRDRTMAWTVVNSICNTTGVEKPKFLPDLYDYKENRFIEIGVTRREVHTYYLEKANKIKSEKTHIHIFSFTGEEMATKAD
YTLDEESRARIKTRLFTIRQEMATRGLWDSFRQSERGEETIEEKFEITGTMRRLADQSLPPNFSSLENFRAYVDGFEPNG
CIEGKLSQMSKEVNARIEPFLKTTPRPLKLPDGPPCSQRSKFLLMDALKLSIEDPSHEGEGIPLYDAIKCMKTFFGWKEP
NIVKPHEKGINPNYLLTWKQVLAELQDIENEEKIPKTKNMKKTSQLRWALGENMAPEKVDFEDCKDVSDLKQYDSDEPES
RSLASWIQSEFNKACELTDSSWIELDEIGEDVAPIEHIASMRRNYFTAEVSHCRATEYIMKGVYINTALLNASCAAMDDF
QLIPMISKCRTKEGRRKTNLYGFIIKGRSHLRNDTDVVNFVSMEFSLTDPRLEPHKWEKYCVLEIGNMLLRTAVGRVSRP
MFLYVRTNGTSKIKMKWGMEMRRCLLQSLQQIESMIEAESSVKEKDMTKEFFENKSETWPIGESPKGVEEGSIGKVCRTL
LAKSVFNSLYASSQLEGFSAESRKLLLIAQALRDNLEPGTFDLGGLYEAIEECLINDPWVLLNASWFNSFLAHALK
;
A
3 'polypeptide(L)'
;MDVNPTLLFLKVPVQNAISTTFPYTGDPPYSHGTGTGYTMDTVNRTHQYSEKGKWTKNTETGAPQLNPIDGPLPEDNEPS
GYAQTDCVLEAMAFLEESHPGIFENSCLETMEIVQQTRVDKLTQGRQTYDWTLNRNQPAATALANTIEIFRSNGLTANES
GRLIDFLKDVMESMDKEEMEITTHFQRKRRVRDNMTKKMVTQRTIGKKKQRLNKKSYLIRALTLNTMTKDAERGKLKRRA
IATPGMQIRGFVYFVETLARSICEKLEQSGLPVGGNEKKAKLANVVRKMMTNSQDTELSFTITGDNTKWNENQNPRMFLA
MITYITRNQPEWFRNVLSIAPIMFSNKMARLGRGYMFESKSMKLRTQIPAEMLANIDLKYFNELTKKKIEKIRPLLIDGT
ASLSPGMMMGMFNMLSTVLGVSILNLGQKRYTKTTYWWDGLQSSDDFALIVNAPNHEGIQAGVDRFYRTCKLVGINMSKK
KSYINRTGTFEFTSFFYRYGFVANFSMELPSFGVSGINESADMSIGVTVIKNNMINNDLGPATAQMALQLFIKDYRYTYR
CHRGDTQIQTRRSFELEKLWEQTRSKAGLLVSDGGPNLYNIRNLHIPEVCLKWELMDEDYQGRLCNPLNPFVSHKEIESV
NNAVVMPAHGPAKSMEYDAVATTHSWIPKRNRSILNTSQRGILEDEQMYQKCCNLFEKFFPSSSYRRPVGISSMVEAMVS
RARIDARIDFESGRIKKEEFAEIMKICSTIEELRRPK
;
B
4 'polypeptide(L)'
;MERIKELRDLMSQSRTREILTKTTVDHMAIIKKYTSGRQEKNPALRMKWMMAMKYPITADKRIIEMIPERNEQGQTLWSK
TNDAGSDRVMVSPLAVTWWNRNGPTTSTVHYPKVYKTYFEKVERLKHGTFGPVHFRNQVKIRRRVDTNPGHADLSAKEAQ
DVIMEVVFPNEVGARILTSESQLTITKEKKEELQDCKIAPLMVAYMLERELVRKTRFLPVAGGTSSVYIEVLHLTQGTCW
EQMYTPGGEVRNDDVDQSLIIAARNIVRRATVSADPLASLLEMCHSTQIGGIRMVDILRQNPTEEQAVDICKAAMGLRIS
SSFSFGGFTFKRTSGSSVTKEEEVLTGNLQTLKIRVHEGYEEFTMVGQRATAILRKATRRLIQLIVSGRNEQSIAEAIIV
AMVFSQEDCMIKAVRGDLNFVNRANQRLNPMHQLLRHFQKDAKVLFQNWGTEPIDNVMGMIGILPDMTPSTEMSLRGVRV
SKMGVDEYSSTERVVVSIDRFLRVRDQRGNVLLSPEEVSETQGTEKLTITYSSSMMWEINGPESVLVNTYQWIIRNWETV
KIQWSQDPTMLYNKMEFEPFQSLVPKAARGQYSGFVRTLFQQMRDVLGTFDTVQIIKLLPFAAAPPKQSRMQFSSLTVNV
RGSGMRILIRGNSPVFNYNKATKRLTVLGKDAGALTEDPDEGTAGVESAVLRGFLILGKEDKRYGPALSINELSNLAKGE
KANVLIGQGDVVLVMKRKRDSSILTDSQTATKRIRMAINELKTAALAQHDEAVDNKFNKEQQNAFYEILHLPNLNEEQRN
AFIQSLKDDPSQSANLLAEAKKLNDAQAPKVDNKFNKEQQNAFYEILHLPNLNEEQRNAFIQSLKADPSQSANLLAEAKK
LNGAQAPKVDANSAGKST
;
C
#
# COMPACT_ATOMS: atom_id res chain seq x y z
N MET A 1 10.61 -46.63 -32.36
CA MET A 1 11.68 -47.27 -33.19
C MET A 1 13.01 -47.23 -32.45
N ASP A 2 13.57 -48.42 -32.21
CA ASP A 2 14.82 -48.52 -31.48
C ASP A 2 15.96 -47.90 -32.29
N MET A 3 16.97 -47.38 -31.57
CA MET A 3 18.10 -46.76 -32.25
C MET A 3 18.85 -47.75 -33.12
N LYS A 4 19.05 -48.98 -32.63
CA LYS A 4 19.84 -49.95 -33.40
C LYS A 4 19.18 -50.24 -34.74
N ARG A 5 17.85 -50.38 -34.77
CA ARG A 5 17.16 -50.62 -36.02
C ARG A 5 17.03 -49.34 -36.85
N ARG A 6 16.77 -48.21 -36.19
CA ARG A 6 16.47 -46.99 -36.94
C ARG A 6 17.73 -46.40 -37.56
N ILE A 7 18.89 -46.58 -36.94
CA ILE A 7 20.13 -46.12 -37.57
C ILE A 7 20.35 -46.85 -38.89
N HIS A 8 20.15 -48.16 -38.88
CA HIS A 8 20.24 -48.94 -40.12
C HIS A 8 19.19 -48.47 -41.12
N LEU A 9 17.96 -48.22 -40.66
CA LEU A 9 16.91 -47.78 -41.57
C LEU A 9 17.27 -46.45 -42.23
N GLU A 10 17.78 -45.50 -41.43
CA GLU A 10 18.18 -44.20 -41.97
C GLU A 10 19.36 -44.33 -42.92
N LEU A 11 20.29 -45.24 -42.60
CA LEU A 11 21.46 -45.43 -43.46
C LEU A 11 21.07 -45.75 -44.89
N ARG A 12 19.95 -46.45 -45.09
CA ARG A 12 19.53 -46.90 -46.41
C ARG A 12 20.63 -47.73 -47.06
N ASN A 13 21.31 -48.55 -46.26
CA ASN A 13 22.42 -49.40 -46.67
C ASN A 13 23.70 -48.61 -46.93
N ARG A 14 23.66 -47.28 -46.85
CA ARG A 14 24.86 -46.49 -47.08
C ARG A 14 25.86 -46.69 -45.95
N THR A 15 27.14 -46.68 -46.30
CA THR A 15 28.17 -46.92 -45.31
C THR A 15 28.24 -45.78 -44.30
N PRO A 16 28.75 -46.04 -43.09
CA PRO A 16 28.77 -44.98 -42.07
C PRO A 16 29.53 -43.74 -42.50
N ALA A 17 30.56 -43.89 -43.32
CA ALA A 17 31.32 -42.73 -43.77
C ALA A 17 30.62 -41.98 -44.89
N ALA A 18 29.64 -42.60 -45.55
CA ALA A 18 28.98 -41.97 -46.68
C ALA A 18 27.84 -41.05 -46.28
N VAL A 19 27.45 -41.03 -45.00
CA VAL A 19 26.33 -40.23 -44.54
C VAL A 19 26.86 -38.93 -43.94
N ARG A 20 26.33 -37.80 -44.41
CA ARG A 20 26.72 -36.50 -43.89
C ARG A 20 25.80 -36.01 -42.78
N GLU A 21 24.54 -36.43 -42.79
CA GLU A 21 23.58 -36.02 -41.78
C GLU A 21 22.72 -37.22 -41.39
N LEU A 22 22.61 -37.46 -40.08
CA LEU A 22 21.76 -38.52 -39.54
C LEU A 22 20.75 -37.89 -38.60
N VAL A 23 19.47 -38.16 -38.85
CA VAL A 23 18.37 -37.62 -38.06
C VAL A 23 17.71 -38.77 -37.33
N LEU A 24 17.65 -38.66 -36.00
CA LEU A 24 17.09 -39.69 -35.13
C LEU A 24 16.05 -39.07 -34.21
N ASP A 25 15.13 -38.31 -34.80
CA ASP A 25 14.14 -37.58 -34.03
C ASP A 25 12.99 -38.51 -33.63
N ASN A 26 12.54 -38.37 -32.38
CA ASN A 26 11.38 -39.10 -31.87
C ASN A 26 11.63 -40.61 -31.91
N CYS A 27 12.62 -41.05 -31.15
CA CYS A 27 12.98 -42.46 -31.05
C CYS A 27 12.68 -42.98 -29.65
N LYS A 28 13.03 -44.25 -29.43
CA LYS A 28 12.89 -44.91 -28.13
C LYS A 28 14.28 -45.27 -27.65
N SER A 29 14.83 -44.47 -26.75
CA SER A 29 16.18 -44.70 -26.26
C SER A 29 16.27 -46.05 -25.54
N ASN A 30 17.40 -46.73 -25.72
CA ASN A 30 17.64 -48.03 -25.10
C ASN A 30 18.12 -47.78 -23.67
N ASP A 31 17.21 -47.95 -22.70
CA ASP A 31 17.52 -47.73 -21.29
C ASP A 31 17.98 -46.28 -21.04
N GLY A 32 17.49 -45.36 -21.86
CA GLY A 32 17.86 -43.96 -21.71
C GLY A 32 19.25 -43.61 -22.17
N LYS A 33 19.93 -44.51 -22.88
CA LYS A 33 21.30 -44.31 -23.31
C LYS A 33 21.41 -44.58 -24.80
N ILE A 34 22.36 -43.91 -25.44
CA ILE A 34 22.59 -44.12 -26.87
C ILE A 34 23.12 -45.53 -27.10
N GLU A 35 22.66 -46.14 -28.19
CA GLU A 35 23.14 -47.46 -28.58
C GLU A 35 23.00 -47.61 -30.08
N GLY A 36 24.04 -48.14 -30.72
CA GLY A 36 24.08 -48.31 -32.16
C GLY A 36 24.88 -47.25 -32.88
N LEU A 37 25.13 -46.11 -32.24
CA LEU A 37 25.96 -45.05 -32.82
C LEU A 37 27.42 -45.31 -32.46
N THR A 38 28.27 -45.42 -33.47
CA THR A 38 29.68 -45.77 -33.29
C THR A 38 30.55 -44.76 -34.05
N ALA A 39 31.86 -44.93 -33.91
CA ALA A 39 32.82 -43.99 -34.47
C ALA A 39 32.91 -44.07 -36.00
N GLU A 40 32.30 -45.08 -36.62
CA GLU A 40 32.43 -45.22 -38.07
C GLU A 40 31.84 -44.03 -38.81
N PHE A 41 30.97 -43.24 -38.17
CA PHE A 41 30.39 -42.05 -38.79
C PHE A 41 31.37 -40.89 -38.70
N VAL A 42 32.51 -41.05 -39.38
CA VAL A 42 33.58 -40.06 -39.27
C VAL A 42 33.16 -38.74 -39.89
N ASN A 43 32.40 -38.78 -40.98
CA ASN A 43 32.03 -37.59 -41.72
C ASN A 43 30.68 -37.01 -41.30
N LEU A 44 30.07 -37.55 -40.24
CA LEU A 44 28.76 -37.09 -39.81
C LEU A 44 28.83 -35.63 -39.36
N GLU A 45 28.19 -34.73 -40.12
CA GLU A 45 28.19 -33.31 -39.83
C GLU A 45 26.88 -32.83 -39.22
N PHE A 46 25.93 -33.72 -38.95
CA PHE A 46 24.63 -33.31 -38.41
C PHE A 46 23.99 -34.52 -37.74
N LEU A 47 23.84 -34.46 -36.42
CA LEU A 47 23.19 -35.52 -35.65
C LEU A 47 22.06 -34.91 -34.84
N SER A 48 20.90 -35.57 -34.85
CA SER A 48 19.72 -35.08 -34.14
C SER A 48 19.11 -36.19 -33.31
N LEU A 49 18.70 -35.83 -32.09
CA LEU A 49 18.11 -36.78 -31.15
C LEU A 49 16.91 -36.14 -30.44
N ILE A 50 16.06 -35.46 -31.22
CA ILE A 50 14.92 -34.76 -30.63
C ILE A 50 13.91 -35.77 -30.09
N ASN A 51 13.40 -35.49 -28.88
CA ASN A 51 12.35 -36.31 -28.28
C ASN A 51 12.75 -37.78 -28.24
N VAL A 52 14.02 -38.03 -27.91
CA VAL A 52 14.54 -39.39 -27.85
C VAL A 52 14.42 -40.00 -26.46
N GLY A 53 14.14 -39.19 -25.43
CA GLY A 53 14.09 -39.71 -24.08
C GLY A 53 15.44 -39.98 -23.48
N LEU A 54 16.50 -39.43 -24.07
CA LEU A 54 17.85 -39.65 -23.56
C LEU A 54 18.02 -39.02 -22.19
N ILE A 55 18.66 -39.76 -21.29
CA ILE A 55 18.96 -39.26 -19.94
C ILE A 55 20.44 -39.19 -19.66
N SER A 56 21.29 -39.80 -20.50
CA SER A 56 22.73 -39.74 -20.32
C SER A 56 23.39 -39.72 -21.68
N VAL A 57 24.49 -38.97 -21.79
CA VAL A 57 25.24 -38.86 -23.02
C VAL A 57 26.64 -39.47 -22.87
N SER A 58 26.81 -40.36 -21.89
CA SER A 58 28.10 -40.98 -21.64
C SER A 58 28.38 -42.17 -22.55
N ASN A 59 27.43 -42.57 -23.39
CA ASN A 59 27.64 -43.62 -24.37
C ASN A 59 27.98 -43.05 -25.75
N LEU A 60 28.08 -41.73 -25.87
CA LEU A 60 28.36 -41.12 -27.15
C LEU A 60 29.74 -41.54 -27.65
N PRO A 61 29.86 -41.95 -28.91
CA PRO A 61 31.18 -42.31 -29.45
C PRO A 61 31.96 -41.07 -29.86
N LYS A 62 33.18 -41.30 -30.34
CA LYS A 62 34.07 -40.22 -30.74
C LYS A 62 33.88 -39.94 -32.23
N LEU A 63 33.39 -38.73 -32.54
CA LEU A 63 33.21 -38.28 -33.90
C LEU A 63 34.08 -37.06 -34.14
N PRO A 64 34.93 -37.05 -35.18
CA PRO A 64 35.90 -35.95 -35.32
C PRO A 64 35.27 -34.62 -35.71
N LYS A 65 34.37 -34.64 -36.70
CA LYS A 65 33.79 -33.42 -37.25
C LYS A 65 32.27 -33.55 -37.23
N LEU A 66 31.65 -33.05 -36.15
CA LEU A 66 30.20 -32.99 -36.03
C LEU A 66 29.85 -31.56 -35.62
N LYS A 67 29.67 -30.70 -36.63
CA LYS A 67 29.47 -29.28 -36.35
C LYS A 67 28.10 -28.98 -35.76
N LYS A 68 27.10 -29.82 -35.99
CA LYS A 68 25.74 -29.58 -35.55
C LYS A 68 25.29 -30.74 -34.67
N LEU A 69 24.72 -30.41 -33.51
CA LEU A 69 24.12 -31.39 -32.62
C LEU A 69 22.77 -30.88 -32.15
N GLU A 70 21.83 -31.81 -31.96
CA GLU A 70 20.45 -31.47 -31.62
C GLU A 70 19.96 -32.48 -30.57
N LEU A 71 20.09 -32.11 -29.30
CA LEU A 71 19.65 -32.95 -28.19
C LEU A 71 18.39 -32.41 -27.52
N SER A 72 17.73 -31.43 -28.11
CA SER A 72 16.60 -30.78 -27.45
C SER A 72 15.46 -31.77 -27.24
N GLU A 73 14.67 -31.51 -26.20
CA GLU A 73 13.48 -32.28 -25.85
C GLU A 73 13.82 -33.64 -25.25
N ASN A 74 15.01 -33.81 -24.68
CA ASN A 74 15.39 -35.02 -23.98
C ASN A 74 15.34 -34.74 -22.46
N ARG A 75 15.78 -35.72 -21.67
CA ARG A 75 15.75 -35.64 -20.22
C ARG A 75 17.16 -35.57 -19.62
N ILE A 76 18.12 -35.05 -20.38
CA ILE A 76 19.49 -34.93 -19.88
C ILE A 76 19.52 -33.95 -18.72
N PHE A 77 20.14 -34.36 -17.61
CA PHE A 77 20.28 -33.51 -16.44
C PHE A 77 21.71 -33.14 -16.11
N GLY A 78 22.71 -33.84 -16.66
CA GLY A 78 24.08 -33.52 -16.37
C GLY A 78 25.03 -34.36 -17.19
N GLY A 79 26.29 -34.33 -16.79
CA GLY A 79 27.32 -35.08 -17.49
C GLY A 79 27.58 -34.58 -18.90
N LEU A 80 27.64 -33.26 -19.09
CA LEU A 80 27.91 -32.70 -20.40
C LEU A 80 29.37 -32.70 -20.78
N ASP A 81 30.28 -32.93 -19.82
CA ASP A 81 31.70 -32.86 -20.12
C ASP A 81 32.09 -33.83 -21.22
N MET A 82 31.36 -34.92 -21.38
CA MET A 82 31.68 -35.87 -22.43
C MET A 82 31.65 -35.21 -23.80
N LEU A 83 30.69 -34.31 -24.02
CA LEU A 83 30.63 -33.61 -25.31
C LEU A 83 31.93 -32.91 -25.63
N ALA A 84 32.66 -32.46 -24.61
CA ALA A 84 33.92 -31.76 -24.85
C ALA A 84 34.98 -32.70 -25.42
N GLU A 85 34.98 -33.97 -24.97
CA GLU A 85 36.03 -34.89 -25.38
C GLU A 85 35.63 -35.75 -26.57
N LYS A 86 34.38 -36.22 -26.62
CA LYS A 86 33.94 -37.05 -27.72
C LYS A 86 33.71 -36.25 -29.00
N LEU A 87 33.42 -34.96 -28.87
CA LEU A 87 33.13 -34.09 -30.01
C LEU A 87 33.96 -32.82 -29.91
N PRO A 88 35.28 -32.92 -30.13
CA PRO A 88 36.13 -31.71 -30.01
C PRO A 88 35.78 -30.62 -31.01
N ASN A 89 35.11 -30.95 -32.11
CA ASN A 89 34.80 -30.01 -33.17
C ASN A 89 33.30 -29.77 -33.29
N LEU A 90 32.63 -29.62 -32.16
CA LEU A 90 31.20 -29.31 -32.15
C LEU A 90 31.01 -27.80 -32.14
N THR A 91 30.12 -27.32 -33.00
CA THR A 91 29.90 -25.88 -33.18
C THR A 91 28.52 -25.43 -32.73
N HIS A 92 27.45 -26.04 -33.25
CA HIS A 92 26.08 -25.66 -32.93
C HIS A 92 25.45 -26.76 -32.09
N LEU A 93 25.14 -26.45 -30.83
CA LEU A 93 24.53 -27.40 -29.90
C LEU A 93 23.19 -26.85 -29.45
N ASN A 94 22.17 -27.71 -29.47
CA ASN A 94 20.82 -27.35 -29.03
C ASN A 94 20.45 -28.25 -27.85
N LEU A 95 20.04 -27.63 -26.74
CA LEU A 95 19.72 -28.36 -25.52
C LEU A 95 18.39 -27.89 -24.93
N SER A 96 17.46 -27.46 -25.78
CA SER A 96 16.17 -26.99 -25.29
C SER A 96 15.35 -28.14 -24.73
N GLY A 97 14.61 -27.88 -23.67
CA GLY A 97 13.71 -28.84 -23.10
C GLY A 97 14.34 -29.86 -22.16
N ASN A 98 15.64 -29.74 -21.90
CA ASN A 98 16.30 -30.65 -20.98
C ASN A 98 16.08 -30.20 -19.55
N LYS A 99 16.66 -30.95 -18.60
CA LYS A 99 16.46 -30.71 -17.18
C LYS A 99 17.67 -30.05 -16.52
N LEU A 100 18.51 -29.37 -17.31
CA LEU A 100 19.60 -28.61 -16.72
C LEU A 100 19.04 -27.54 -15.78
N LYS A 101 19.58 -27.49 -14.56
CA LYS A 101 19.05 -26.60 -13.54
C LYS A 101 20.07 -25.62 -12.97
N ASP A 102 21.36 -25.91 -13.10
CA ASP A 102 22.41 -25.07 -12.51
C ASP A 102 23.38 -24.64 -13.59
N ILE A 103 23.89 -23.42 -13.46
CA ILE A 103 24.89 -22.92 -14.41
C ILE A 103 26.15 -23.77 -14.34
N SER A 104 26.43 -24.38 -13.19
CA SER A 104 27.60 -25.23 -13.07
C SER A 104 27.56 -26.38 -14.06
N THR A 105 26.36 -26.90 -14.36
CA THR A 105 26.25 -27.98 -15.34
C THR A 105 26.71 -27.55 -16.72
N LEU A 106 26.72 -26.25 -17.00
CA LEU A 106 27.19 -25.73 -18.28
C LEU A 106 28.68 -25.45 -18.29
N GLU A 107 29.36 -25.56 -17.14
CA GLU A 107 30.80 -25.30 -17.10
C GLU A 107 31.59 -26.17 -18.07
N PRO A 108 31.31 -27.48 -18.21
CA PRO A 108 32.14 -28.30 -19.10
C PRO A 108 32.20 -27.78 -20.53
N LEU A 109 31.12 -27.17 -21.03
CA LEU A 109 31.12 -26.66 -22.39
C LEU A 109 32.19 -25.60 -22.60
N LYS A 110 32.70 -25.01 -21.52
CA LYS A 110 33.80 -24.06 -21.64
C LYS A 110 34.99 -24.68 -22.37
N LYS A 111 35.19 -25.99 -22.21
CA LYS A 111 36.29 -26.65 -22.89
C LYS A 111 36.12 -26.59 -24.40
N LEU A 112 34.89 -26.76 -24.89
CA LEU A 112 34.63 -26.73 -26.32
C LEU A 112 34.93 -25.35 -26.89
N GLU A 113 36.02 -25.23 -27.64
CA GLU A 113 36.38 -23.95 -28.25
C GLU A 113 35.65 -23.70 -29.56
N CYS A 114 35.04 -24.73 -30.15
CA CYS A 114 34.31 -24.57 -31.39
C CYS A 114 32.87 -24.12 -31.18
N LEU A 115 32.38 -24.17 -29.94
CA LEU A 115 31.01 -23.79 -29.67
C LEU A 115 30.80 -22.30 -29.92
N LYS A 116 29.76 -21.97 -30.67
CA LYS A 116 29.43 -20.57 -30.93
C LYS A 116 27.95 -20.30 -30.71
N SER A 117 27.11 -21.32 -30.87
CA SER A 117 25.67 -21.18 -30.72
C SER A 117 25.15 -22.22 -29.73
N LEU A 118 24.50 -21.76 -28.67
CA LEU A 118 23.87 -22.63 -27.68
C LEU A 118 22.45 -22.16 -27.46
N ASP A 119 21.54 -23.12 -27.24
CA ASP A 119 20.14 -22.81 -26.99
C ASP A 119 19.64 -23.64 -25.82
N LEU A 120 18.94 -23.00 -24.90
CA LEU A 120 18.53 -23.63 -23.64
C LEU A 120 17.07 -23.33 -23.34
N PHE A 121 16.23 -23.26 -24.36
CA PHE A 121 14.81 -22.98 -24.14
C PHE A 121 14.18 -24.09 -23.32
N ASN A 122 13.25 -23.71 -22.45
CA ASN A 122 12.49 -24.63 -21.59
C ASN A 122 13.37 -25.32 -20.55
N CYS A 123 14.59 -24.84 -20.35
CA CYS A 123 15.48 -25.37 -19.32
C CYS A 123 15.39 -24.50 -18.08
N GLU A 124 15.36 -25.14 -16.91
CA GLU A 124 15.18 -24.41 -15.67
C GLU A 124 16.34 -23.46 -15.37
N VAL A 125 17.49 -23.63 -16.03
CA VAL A 125 18.61 -22.72 -15.81
C VAL A 125 18.25 -21.31 -16.26
N THR A 126 17.32 -21.18 -17.21
CA THR A 126 16.94 -19.88 -17.76
C THR A 126 16.04 -19.08 -16.82
N ASN A 127 15.84 -19.54 -15.59
CA ASN A 127 14.98 -18.86 -14.63
C ASN A 127 15.76 -17.99 -13.65
N LEU A 128 17.07 -17.83 -13.87
CA LEU A 128 17.92 -17.06 -12.97
C LEU A 128 18.10 -15.64 -13.50
N ASN A 129 18.25 -14.70 -12.57
CA ASN A 129 18.59 -13.34 -12.96
C ASN A 129 19.96 -13.32 -13.63
N ASP A 130 20.10 -12.47 -14.65
CA ASP A 130 21.34 -12.39 -15.42
C ASP A 130 21.73 -13.76 -15.97
N TYR A 131 20.75 -14.48 -16.49
CA TYR A 131 21.02 -15.79 -17.09
C TYR A 131 21.89 -15.66 -18.32
N ARG A 132 21.55 -14.74 -19.23
CA ARG A 132 22.36 -14.53 -20.42
C ARG A 132 23.77 -14.09 -20.06
N GLU A 133 23.89 -13.13 -19.14
CA GLU A 133 25.21 -12.66 -18.75
C GLU A 133 26.02 -13.77 -18.11
N SER A 134 25.40 -14.55 -17.23
CA SER A 134 26.12 -15.64 -16.58
C SER A 134 26.61 -16.66 -17.60
N VAL A 135 25.75 -17.06 -18.53
CA VAL A 135 26.14 -18.06 -19.52
C VAL A 135 27.25 -17.53 -20.40
N PHE A 136 27.14 -16.27 -20.85
CA PHE A 136 28.16 -15.70 -21.72
C PHE A 136 29.50 -15.61 -20.99
N LYS A 137 29.51 -15.03 -19.79
CA LYS A 137 30.74 -14.90 -19.03
C LYS A 137 31.32 -16.26 -18.64
N LEU A 138 30.49 -17.30 -18.60
CA LEU A 138 31.01 -18.65 -18.36
C LEU A 138 31.60 -19.25 -19.64
N LEU A 139 30.92 -19.07 -20.77
CA LEU A 139 31.40 -19.56 -22.05
C LEU A 139 31.74 -18.38 -22.95
N PRO A 140 32.92 -17.78 -22.80
CA PRO A 140 33.23 -16.56 -23.57
C PRO A 140 33.25 -16.78 -25.07
N GLN A 141 33.42 -18.01 -25.54
CA GLN A 141 33.49 -18.27 -26.97
C GLN A 141 32.13 -18.24 -27.66
N LEU A 142 31.04 -18.19 -26.90
CA LEU A 142 29.70 -18.19 -27.48
C LEU A 142 29.41 -16.82 -28.10
N THR A 143 28.55 -16.82 -29.12
CA THR A 143 28.10 -15.59 -29.76
C THR A 143 26.60 -15.57 -30.02
N TYR A 144 25.90 -16.71 -29.91
CA TYR A 144 24.46 -16.79 -30.17
C TYR A 144 23.84 -17.72 -29.11
N LEU A 145 23.31 -17.13 -28.05
CA LEU A 145 22.63 -17.87 -27.00
C LEU A 145 21.12 -17.75 -27.18
N ASP A 146 20.44 -18.89 -27.21
CA ASP A 146 19.00 -18.95 -27.42
C ASP A 146 18.59 -18.26 -28.73
N GLY A 147 19.49 -18.25 -29.71
CA GLY A 147 19.24 -17.65 -30.99
C GLY A 147 19.58 -16.19 -31.08
N TYR A 148 19.89 -15.55 -29.95
CA TYR A 148 20.24 -14.14 -29.91
C TYR A 148 21.69 -13.97 -29.48
N ASP A 149 22.28 -12.85 -29.87
CA ASP A 149 23.66 -12.54 -29.56
C ASP A 149 23.73 -11.77 -28.24
N ARG A 150 24.94 -11.28 -27.91
CA ARG A 150 25.10 -10.55 -26.66
C ARG A 150 24.31 -9.26 -26.65
N GLU A 151 24.16 -8.61 -27.80
CA GLU A 151 23.44 -7.35 -27.90
C GLU A 151 21.95 -7.55 -28.18
N ASP A 152 21.43 -8.73 -27.90
CA ASP A 152 20.01 -9.03 -28.09
C ASP A 152 19.57 -8.72 -29.52
N GLN A 153 20.42 -9.08 -30.48
CA GLN A 153 20.12 -8.95 -31.90
C GLN A 153 20.06 -10.35 -32.50
N GLU A 154 18.98 -10.63 -33.23
CA GLU A 154 18.78 -11.96 -33.76
C GLU A 154 19.91 -12.35 -34.72
N ALA A 155 20.27 -13.63 -34.70
CA ALA A 155 21.37 -14.14 -35.50
C ALA A 155 20.96 -14.21 -36.97
N PRO A 156 21.86 -13.90 -37.91
CA PRO A 156 21.53 -14.08 -39.33
C PRO A 156 21.23 -15.54 -39.64
N ASP A 157 20.56 -15.80 -40.77
CA ASP A 157 20.08 -17.13 -41.09
C ASP A 157 21.10 -17.96 -41.85
N SER A 158 22.30 -17.42 -42.09
CA SER A 158 23.31 -18.15 -42.84
C SER A 158 23.93 -19.28 -42.04
N ASP A 159 23.90 -19.20 -40.72
CA ASP A 159 24.50 -20.23 -39.87
C ASP A 159 23.96 -21.62 -40.21
N GLU B 202 -19.72 30.96 35.74
CA GLU B 202 -20.52 31.78 34.85
C GLU B 202 -21.76 31.02 34.39
N GLU B 203 -21.55 29.95 33.63
CA GLU B 203 -22.65 29.17 33.09
C GLU B 203 -23.21 28.23 34.16
N LYS B 204 -24.27 27.52 33.80
CA LYS B 204 -24.95 26.58 34.71
C LYS B 204 -25.19 25.30 33.93
N PHE B 205 -24.22 24.39 33.97
CA PHE B 205 -24.35 23.06 33.38
C PHE B 205 -24.56 22.09 34.54
N GLU B 206 -25.80 21.64 34.71
CA GLU B 206 -26.19 20.83 35.84
C GLU B 206 -26.50 19.40 35.38
N ILE B 207 -26.16 18.43 36.22
CA ILE B 207 -26.45 17.04 35.99
C ILE B 207 -27.66 16.65 36.84
N THR B 208 -28.73 16.22 36.17
CA THR B 208 -30.01 15.95 36.82
C THR B 208 -30.42 14.52 36.46
N GLY B 209 -31.54 14.08 37.04
CA GLY B 209 -32.04 12.74 36.84
C GLY B 209 -31.90 12.23 35.42
N THR B 210 -31.59 10.94 35.27
CA THR B 210 -31.27 10.24 34.04
C THR B 210 -29.85 10.56 33.58
N MET B 211 -29.16 11.51 34.20
CA MET B 211 -27.73 11.72 34.01
C MET B 211 -26.99 11.74 35.33
N ARG B 212 -27.63 12.15 36.41
CA ARG B 212 -27.09 11.90 37.75
C ARG B 212 -27.20 10.43 38.10
N ARG B 213 -28.32 9.80 37.74
CA ARG B 213 -28.47 8.36 37.96
C ARG B 213 -27.45 7.58 37.15
N LEU B 214 -27.21 7.99 35.91
CA LEU B 214 -26.15 7.37 35.12
C LEU B 214 -24.79 7.63 35.75
N ALA B 215 -24.54 8.86 36.20
CA ALA B 215 -23.25 9.19 36.76
C ALA B 215 -22.99 8.45 38.07
N ASP B 216 -24.04 7.99 38.74
CA ASP B 216 -23.88 7.27 40.00
C ASP B 216 -23.58 5.80 39.82
N GLN B 217 -23.50 5.29 38.58
CA GLN B 217 -23.25 3.89 38.32
C GLN B 217 -21.97 3.63 37.55
N SER B 218 -21.21 4.66 37.20
CA SER B 218 -19.94 4.51 36.51
C SER B 218 -18.76 4.45 37.46
N LEU B 219 -18.72 5.35 38.44
CA LEU B 219 -17.64 5.48 39.40
C LEU B 219 -17.28 4.14 40.05
N PRO B 220 -16.09 4.03 40.64
CA PRO B 220 -15.57 2.71 41.06
C PRO B 220 -16.51 1.99 42.00
N PRO B 221 -16.23 0.71 42.29
CA PRO B 221 -17.19 -0.11 43.04
C PRO B 221 -17.06 0.01 44.55
N ASN B 222 -16.94 1.23 45.06
CA ASN B 222 -16.98 1.46 46.50
C ASN B 222 -17.82 2.67 46.88
N PHE B 223 -18.27 3.48 45.92
CA PHE B 223 -19.05 4.67 46.18
C PHE B 223 -20.45 4.50 45.62
N SER B 224 -21.40 5.24 46.19
CA SER B 224 -22.80 5.15 45.79
C SER B 224 -23.35 6.47 45.27
N SER B 225 -22.48 7.41 44.92
CA SER B 225 -22.93 8.69 44.41
C SER B 225 -21.73 9.44 43.85
N LEU B 226 -21.97 10.20 42.78
CA LEU B 226 -20.89 10.94 42.15
C LEU B 226 -20.32 12.01 43.08
N GLU B 227 -21.17 12.61 43.90
CA GLU B 227 -20.70 13.64 44.83
C GLU B 227 -19.72 13.06 45.84
N ASN B 228 -20.01 11.86 46.35
CA ASN B 228 -19.11 11.23 47.30
C ASN B 228 -17.73 10.99 46.68
N PHE B 229 -17.71 10.48 45.45
CA PHE B 229 -16.43 10.21 44.80
C PHE B 229 -15.69 11.50 44.47
N ARG B 230 -16.42 12.54 44.04
CA ARG B 230 -15.77 13.82 43.78
C ARG B 230 -15.15 14.37 45.05
N ALA B 231 -15.86 14.27 46.18
CA ALA B 231 -15.30 14.71 47.45
C ALA B 231 -14.08 13.89 47.83
N TYR B 232 -14.14 12.57 47.65
CA TYR B 232 -13.02 11.72 47.99
C TYR B 232 -11.78 12.08 47.16
N VAL B 233 -11.96 12.29 45.86
CA VAL B 233 -10.84 12.66 45.01
C VAL B 233 -10.32 14.04 45.38
N ASP B 234 -11.22 14.96 45.73
CA ASP B 234 -10.80 16.30 46.13
C ASP B 234 -9.95 16.29 47.39
N GLY B 235 -10.10 15.26 48.23
CA GLY B 235 -9.33 15.15 49.45
C GLY B 235 -8.34 14.01 49.42
N PHE B 236 -7.67 13.83 48.29
CA PHE B 236 -6.72 12.75 48.08
C PHE B 236 -5.30 13.28 48.16
N GLU B 237 -4.46 12.59 48.95
CA GLU B 237 -3.05 12.88 49.03
C GLU B 237 -2.30 11.55 48.90
N PRO B 238 -1.23 11.49 48.10
CA PRO B 238 -0.53 10.21 47.94
C PRO B 238 -0.05 9.66 49.27
N ASN B 239 -0.22 8.35 49.45
CA ASN B 239 0.15 7.67 50.68
C ASN B 239 0.84 6.35 50.38
N GLY B 240 1.66 6.33 49.34
CA GLY B 240 2.41 5.12 49.01
C GLY B 240 1.52 3.93 48.69
N CYS B 241 0.46 4.15 47.92
CA CYS B 241 -0.41 3.04 47.54
C CYS B 241 0.26 2.13 46.52
N ILE B 242 0.99 2.72 45.58
CA ILE B 242 1.63 1.91 44.53
C ILE B 242 2.63 0.94 45.13
N GLU B 243 3.43 1.41 46.10
CA GLU B 243 4.42 0.53 46.70
C GLU B 243 3.76 -0.64 47.42
N GLY B 244 2.69 -0.37 48.18
CA GLY B 244 2.00 -1.46 48.86
C GLY B 244 1.38 -2.45 47.89
N LYS B 245 0.76 -1.95 46.82
CA LYS B 245 0.16 -2.84 45.84
C LYS B 245 1.22 -3.68 45.14
N LEU B 246 2.37 -3.08 44.84
CA LEU B 246 3.45 -3.83 44.21
C LEU B 246 3.97 -4.91 45.15
N SER B 247 4.11 -4.60 46.43
CA SER B 247 4.55 -5.60 47.39
C SER B 247 3.54 -6.74 47.49
N GLN B 248 2.25 -6.41 47.42
CA GLN B 248 1.22 -7.45 47.49
C GLN B 248 1.14 -8.26 46.20
N MET B 249 1.49 -7.63 45.06
CA MET B 249 1.33 -8.31 43.78
C MET B 249 2.23 -9.54 43.71
N SER B 250 1.73 -10.59 43.07
CA SER B 250 2.50 -11.82 42.91
C SER B 250 3.75 -11.57 42.10
N LYS B 251 4.84 -12.25 42.47
CA LYS B 251 6.09 -12.10 41.75
C LYS B 251 6.06 -12.76 40.37
N GLU B 252 5.04 -13.56 40.07
CA GLU B 252 4.89 -14.12 38.74
C GLU B 252 4.62 -13.06 37.68
N VAL B 253 4.23 -11.86 38.09
CA VAL B 253 3.97 -10.76 37.16
C VAL B 253 5.29 -10.01 36.99
N ASN B 254 6.10 -10.44 36.03
CA ASN B 254 7.40 -9.83 35.78
C ASN B 254 7.71 -9.91 34.29
N ALA B 255 8.60 -9.03 33.86
CA ALA B 255 9.06 -8.97 32.47
C ALA B 255 10.52 -9.42 32.45
N ARG B 256 10.73 -10.73 32.33
CA ARG B 256 12.06 -11.28 32.31
C ARG B 256 12.67 -11.11 30.92
N ILE B 257 13.84 -10.48 30.86
CA ILE B 257 14.50 -10.22 29.59
C ILE B 257 15.25 -11.48 29.16
N GLU B 258 14.75 -12.15 28.13
CA GLU B 258 15.44 -13.32 27.60
C GLU B 258 16.59 -12.87 26.70
N PRO B 259 17.82 -13.31 26.96
CA PRO B 259 18.94 -12.87 26.10
C PRO B 259 18.76 -13.37 24.68
N PHE B 260 19.22 -12.56 23.74
CA PHE B 260 19.14 -12.86 22.31
C PHE B 260 20.56 -13.08 21.80
N LEU B 261 20.86 -14.31 21.40
CA LEU B 261 22.20 -14.69 20.97
C LEU B 261 22.13 -15.28 19.57
N LYS B 262 23.31 -15.38 18.93
CA LYS B 262 23.38 -15.86 17.56
C LYS B 262 22.75 -17.23 17.39
N THR B 263 22.54 -17.98 18.47
CA THR B 263 21.98 -19.32 18.38
C THR B 263 20.46 -19.35 18.52
N THR B 264 19.86 -18.36 19.17
CA THR B 264 18.43 -18.41 19.44
C THR B 264 17.57 -18.43 18.19
N PRO B 265 17.82 -17.62 17.15
CA PRO B 265 16.84 -17.49 16.06
C PRO B 265 16.69 -18.75 15.23
N ARG B 266 15.56 -19.44 15.35
CA ARG B 266 15.27 -20.55 14.46
C ARG B 266 14.71 -20.02 13.14
N PRO B 267 14.87 -20.77 12.05
CA PRO B 267 14.22 -20.36 10.80
C PRO B 267 12.71 -20.42 10.92
N LEU B 268 12.04 -19.50 10.23
CA LEU B 268 10.58 -19.49 10.22
C LEU B 268 10.05 -20.78 9.60
N LYS B 269 8.93 -21.26 10.11
CA LYS B 269 8.30 -22.47 9.61
C LYS B 269 7.27 -22.09 8.56
N LEU B 270 7.59 -22.38 7.30
CA LEU B 270 6.66 -22.12 6.21
C LEU B 270 5.56 -23.18 6.19
N PRO B 271 4.39 -22.85 5.65
CA PRO B 271 3.27 -23.80 5.68
C PRO B 271 3.57 -25.05 4.88
N ASP B 272 2.66 -26.01 4.98
CA ASP B 272 2.76 -27.28 4.28
C ASP B 272 1.45 -27.55 3.54
N GLY B 273 1.58 -28.06 2.31
CA GLY B 273 0.42 -28.36 1.50
C GLY B 273 0.74 -28.30 0.02
N PRO B 274 -0.29 -28.37 -0.83
CA PRO B 274 -0.05 -28.31 -2.26
C PRO B 274 0.58 -26.99 -2.64
N PRO B 275 1.43 -26.98 -3.68
CA PRO B 275 2.11 -25.73 -4.04
C PRO B 275 1.13 -24.64 -4.43
N CYS B 276 1.52 -23.39 -4.15
CA CYS B 276 0.67 -22.25 -4.45
C CYS B 276 0.52 -22.09 -5.96
N SER B 277 -0.30 -21.12 -6.37
CA SER B 277 -0.62 -20.92 -7.77
C SER B 277 -0.67 -19.43 -8.07
N GLN B 278 -0.67 -19.12 -9.37
CA GLN B 278 -0.68 -17.73 -9.81
C GLN B 278 -1.96 -17.03 -9.37
N ARG B 279 -1.82 -15.75 -9.01
CA ARG B 279 -2.96 -14.93 -8.60
C ARG B 279 -3.10 -13.63 -9.38
N SER B 280 -2.11 -13.25 -10.17
CA SER B 280 -2.16 -11.96 -10.84
C SER B 280 -3.27 -11.93 -11.90
N LYS B 281 -3.73 -10.73 -12.20
CA LYS B 281 -4.76 -10.56 -13.21
C LYS B 281 -4.24 -10.90 -14.61
N PHE B 282 -2.96 -10.68 -14.86
CA PHE B 282 -2.36 -10.91 -16.17
C PHE B 282 -1.05 -11.65 -16.02
N LEU B 283 -0.67 -12.39 -17.06
CA LEU B 283 0.58 -13.12 -17.04
C LEU B 283 1.76 -12.16 -16.89
N LEU B 284 2.70 -12.52 -16.03
CA LEU B 284 3.80 -11.62 -15.71
C LEU B 284 5.03 -11.87 -16.58
N MET B 285 5.61 -13.06 -16.48
CA MET B 285 6.80 -13.39 -17.26
C MET B 285 6.51 -14.30 -18.44
N ASP B 286 5.30 -14.84 -18.53
CA ASP B 286 4.89 -15.68 -19.64
C ASP B 286 4.21 -14.91 -20.76
N ALA B 287 4.10 -13.60 -20.63
CA ALA B 287 3.39 -12.80 -21.62
C ALA B 287 4.12 -12.81 -22.95
N LEU B 288 3.36 -12.92 -24.04
CA LEU B 288 3.88 -12.84 -25.40
C LEU B 288 3.25 -11.64 -26.08
N LYS B 289 4.07 -10.86 -26.78
CA LYS B 289 3.64 -9.60 -27.37
C LYS B 289 3.62 -9.71 -28.89
N LEU B 290 2.49 -9.37 -29.49
CA LEU B 290 2.39 -9.15 -30.94
C LEU B 290 2.47 -7.66 -31.18
N SER B 291 3.60 -7.20 -31.73
CA SER B 291 3.89 -5.77 -31.83
C SER B 291 3.67 -5.27 -33.25
N ILE B 292 3.46 -3.96 -33.36
CA ILE B 292 3.23 -3.30 -34.64
C ILE B 292 4.45 -2.51 -35.09
N GLU B 293 4.99 -1.67 -34.20
CA GLU B 293 6.07 -0.75 -34.55
C GLU B 293 5.62 0.24 -35.63
N ASP B 294 4.45 0.83 -35.40
CA ASP B 294 3.93 1.85 -36.31
C ASP B 294 3.20 2.91 -35.49
N PRO B 295 3.64 4.17 -35.53
CA PRO B 295 2.93 5.22 -34.81
C PRO B 295 1.77 5.79 -35.61
N SER B 296 0.83 6.38 -34.88
CA SER B 296 -0.31 7.10 -35.46
C SER B 296 -0.45 8.45 -34.77
N HIS B 297 0.68 9.14 -34.61
CA HIS B 297 0.80 10.40 -33.87
C HIS B 297 0.60 10.21 -32.38
N GLU B 298 0.53 8.97 -31.89
CA GLU B 298 0.51 8.68 -30.47
C GLU B 298 -0.80 9.10 -29.82
N GLY B 299 -1.29 8.30 -28.89
CA GLY B 299 -2.48 8.65 -28.11
C GLY B 299 -3.81 8.53 -28.80
N GLU B 300 -3.96 9.13 -29.97
CA GLU B 300 -5.25 9.16 -30.65
C GLU B 300 -5.71 7.76 -31.02
N GLY B 301 -4.78 6.91 -31.47
CA GLY B 301 -5.12 5.59 -31.95
C GLY B 301 -6.13 4.85 -31.10
N ILE B 302 -7.24 4.46 -31.71
CA ILE B 302 -8.27 3.70 -30.98
C ILE B 302 -7.74 2.32 -30.65
N PRO B 303 -7.94 1.81 -29.43
CA PRO B 303 -7.29 0.53 -29.07
C PRO B 303 -7.65 -0.63 -29.97
N LEU B 304 -8.91 -0.72 -30.40
CA LEU B 304 -9.34 -1.89 -31.16
C LEU B 304 -8.65 -1.96 -32.52
N TYR B 305 -8.42 -0.82 -33.15
CA TYR B 305 -7.69 -0.82 -34.42
C TYR B 305 -6.27 -1.34 -34.21
N ASP B 306 -5.62 -0.93 -33.12
CA ASP B 306 -4.30 -1.45 -32.81
C ASP B 306 -4.35 -2.96 -32.57
N ALA B 307 -5.42 -3.44 -31.92
CA ALA B 307 -5.55 -4.89 -31.74
C ALA B 307 -5.67 -5.60 -33.08
N ILE B 308 -6.45 -5.05 -34.00
CA ILE B 308 -6.58 -5.64 -35.33
C ILE B 308 -5.23 -5.69 -36.02
N LYS B 309 -4.50 -4.57 -35.98
CA LYS B 309 -3.21 -4.52 -36.66
C LYS B 309 -2.23 -5.51 -36.03
N CYS B 310 -2.23 -5.62 -34.70
CA CYS B 310 -1.38 -6.59 -34.04
C CYS B 310 -1.71 -8.01 -34.49
N MET B 311 -3.00 -8.37 -34.46
CA MET B 311 -3.40 -9.71 -34.86
C MET B 311 -3.05 -9.99 -36.32
N LYS B 312 -2.99 -8.95 -37.15
CA LYS B 312 -2.66 -9.15 -38.56
C LYS B 312 -1.18 -9.47 -38.77
N THR B 313 -0.31 -9.18 -37.81
CA THR B 313 1.11 -9.39 -37.97
C THR B 313 1.56 -10.80 -37.64
N PHE B 314 0.65 -11.68 -37.21
CA PHE B 314 0.99 -13.06 -36.87
C PHE B 314 0.26 -13.99 -37.83
N PHE B 315 1.02 -14.65 -38.68
CA PHE B 315 0.50 -15.71 -39.55
C PHE B 315 0.93 -17.05 -38.98
N GLY B 316 -0.02 -17.95 -38.80
CA GLY B 316 0.26 -19.22 -38.16
C GLY B 316 -0.84 -19.71 -37.25
N TRP B 317 -1.92 -18.95 -37.15
CA TRP B 317 -3.06 -19.39 -36.35
C TRP B 317 -3.49 -20.79 -36.77
N LYS B 318 -3.66 -21.67 -35.81
CA LYS B 318 -4.19 -23.01 -36.03
C LYS B 318 -5.46 -23.17 -35.22
N GLU B 319 -6.23 -24.20 -35.54
CA GLU B 319 -7.50 -24.41 -34.87
C GLU B 319 -7.25 -24.58 -33.37
N PRO B 320 -7.83 -23.74 -32.51
CA PRO B 320 -7.53 -23.83 -31.09
C PRO B 320 -7.85 -25.20 -30.52
N ASN B 321 -7.00 -25.64 -29.59
CA ASN B 321 -7.15 -26.92 -28.92
C ASN B 321 -6.84 -26.73 -27.45
N ILE B 322 -7.49 -27.51 -26.59
CA ILE B 322 -7.33 -27.41 -25.15
C ILE B 322 -6.16 -28.29 -24.72
N VAL B 323 -5.24 -27.71 -23.96
CA VAL B 323 -4.05 -28.41 -23.48
C VAL B 323 -4.12 -28.68 -21.99
N LYS B 324 -4.52 -27.68 -21.19
CA LYS B 324 -4.58 -27.80 -19.75
C LYS B 324 -6.01 -27.49 -19.29
N PRO B 325 -6.83 -28.51 -19.04
CA PRO B 325 -8.20 -28.24 -18.61
C PRO B 325 -8.25 -27.53 -17.27
N HIS B 326 -9.30 -26.74 -17.08
CA HIS B 326 -9.42 -25.91 -15.87
C HIS B 326 -9.55 -26.76 -14.61
N GLU B 327 -10.17 -27.95 -14.72
CA GLU B 327 -10.39 -28.88 -13.62
C GLU B 327 -11.46 -28.44 -12.64
N LYS B 328 -12.03 -27.24 -12.80
CA LYS B 328 -13.12 -26.80 -11.93
C LYS B 328 -14.24 -26.12 -12.71
N GLY B 329 -14.16 -26.05 -14.03
CA GLY B 329 -15.27 -25.58 -14.84
C GLY B 329 -15.25 -26.34 -16.14
N ILE B 330 -16.42 -26.47 -16.75
CA ILE B 330 -16.50 -27.21 -18.01
C ILE B 330 -15.55 -26.58 -19.00
N ASN B 331 -14.54 -27.35 -19.41
CA ASN B 331 -13.50 -26.79 -20.27
C ASN B 331 -14.07 -26.23 -21.57
N PRO B 332 -15.01 -26.89 -22.25
CA PRO B 332 -15.72 -26.19 -23.32
C PRO B 332 -16.42 -24.97 -22.78
N ASN B 333 -16.61 -23.97 -23.64
CA ASN B 333 -17.03 -22.61 -23.33
C ASN B 333 -15.85 -21.77 -22.88
N TYR B 334 -14.65 -22.33 -22.76
CA TYR B 334 -13.42 -21.56 -22.77
C TYR B 334 -12.80 -21.55 -24.16
N LEU B 335 -12.84 -22.70 -24.84
CA LEU B 335 -12.45 -22.75 -26.25
C LEU B 335 -13.39 -21.91 -27.10
N LEU B 336 -14.70 -22.04 -26.86
CA LEU B 336 -15.68 -21.34 -27.67
C LEU B 336 -15.58 -19.83 -27.49
N THR B 337 -15.14 -19.35 -26.33
CA THR B 337 -14.95 -17.91 -26.16
C THR B 337 -13.87 -17.39 -27.08
N TRP B 338 -12.75 -18.11 -27.19
CA TRP B 338 -11.71 -17.69 -28.12
C TRP B 338 -12.19 -17.79 -29.57
N LYS B 339 -12.91 -18.86 -29.90
CA LYS B 339 -13.47 -18.97 -31.24
C LYS B 339 -14.38 -17.79 -31.54
N GLN B 340 -15.23 -17.42 -30.58
CA GLN B 340 -16.14 -16.30 -30.76
C GLN B 340 -15.39 -14.99 -30.93
N VAL B 341 -14.34 -14.77 -30.13
CA VAL B 341 -13.58 -13.53 -30.27
C VAL B 341 -12.93 -13.46 -31.64
N LEU B 342 -12.41 -14.58 -32.13
CA LEU B 342 -11.86 -14.61 -33.48
C LEU B 342 -12.94 -14.29 -34.51
N ALA B 343 -14.14 -14.86 -34.33
CA ALA B 343 -15.23 -14.61 -35.27
C ALA B 343 -15.60 -13.14 -35.32
N GLU B 344 -15.75 -12.49 -34.16
CA GLU B 344 -16.06 -11.06 -34.15
C GLU B 344 -14.91 -10.22 -34.65
N LEU B 345 -13.67 -10.65 -34.44
CA LEU B 345 -12.54 -9.92 -35.03
C LEU B 345 -12.62 -9.97 -36.55
N GLN B 346 -12.94 -11.15 -37.10
CA GLN B 346 -13.16 -11.26 -38.55
C GLN B 346 -14.31 -10.38 -39.00
N ASP B 347 -15.39 -10.34 -38.22
CA ASP B 347 -16.54 -9.50 -38.59
C ASP B 347 -16.15 -8.04 -38.63
N ILE B 348 -15.39 -7.57 -37.64
CA ILE B 348 -14.93 -6.19 -37.64
C ILE B 348 -14.06 -5.92 -38.87
N GLU B 349 -13.15 -6.84 -39.17
CA GLU B 349 -12.28 -6.65 -40.32
C GLU B 349 -13.08 -6.56 -41.61
N ASN B 350 -14.09 -7.41 -41.75
CA ASN B 350 -14.89 -7.41 -42.98
C ASN B 350 -15.57 -6.08 -43.21
N GLU B 351 -16.17 -5.51 -42.17
CA GLU B 351 -16.88 -4.25 -42.31
C GLU B 351 -15.91 -3.12 -42.64
N GLU B 352 -16.39 -2.19 -43.47
CA GLU B 352 -15.54 -1.09 -43.93
C GLU B 352 -15.09 -0.20 -42.77
N LYS B 353 -16.00 0.09 -41.85
CA LYS B 353 -15.74 1.05 -40.79
C LYS B 353 -15.52 0.32 -39.47
N ILE B 354 -14.42 0.65 -38.80
CA ILE B 354 -14.13 0.06 -37.48
C ILE B 354 -15.09 0.65 -36.45
N PRO B 355 -15.83 -0.18 -35.71
CA PRO B 355 -16.79 0.39 -34.74
C PRO B 355 -16.12 1.18 -33.62
N LYS B 356 -14.84 0.94 -33.35
CA LYS B 356 -14.07 1.67 -32.35
C LYS B 356 -14.46 1.25 -30.92
N THR B 357 -15.53 0.46 -30.79
CA THR B 357 -15.89 -0.12 -29.49
C THR B 357 -16.77 -1.34 -29.77
N LYS B 358 -16.19 -2.52 -29.69
CA LYS B 358 -16.92 -3.75 -29.97
C LYS B 358 -17.65 -4.24 -28.72
N ASN B 359 -18.77 -4.93 -28.95
CA ASN B 359 -19.60 -5.47 -27.88
C ASN B 359 -19.91 -6.92 -28.23
N MET B 360 -19.36 -7.85 -27.44
CA MET B 360 -19.52 -9.26 -27.75
C MET B 360 -20.98 -9.68 -27.63
N LYS B 361 -21.39 -10.59 -28.50
CA LYS B 361 -22.72 -11.18 -28.40
C LYS B 361 -22.83 -11.98 -27.10
N LYS B 362 -23.95 -11.80 -26.39
CA LYS B 362 -24.15 -12.46 -25.09
C LYS B 362 -24.62 -13.89 -25.33
N THR B 363 -23.70 -14.70 -25.86
CA THR B 363 -23.98 -16.10 -26.16
C THR B 363 -23.95 -16.93 -24.87
N SER B 364 -24.18 -18.22 -25.01
CA SER B 364 -24.24 -19.09 -23.85
C SER B 364 -22.85 -19.31 -23.25
N GLN B 365 -21.86 -19.60 -24.11
CA GLN B 365 -20.52 -19.87 -23.60
C GLN B 365 -19.93 -18.65 -22.90
N LEU B 366 -20.10 -17.46 -23.47
CA LEU B 366 -19.57 -16.25 -22.86
C LEU B 366 -20.30 -15.93 -21.57
N ARG B 367 -21.55 -16.34 -21.44
CA ARG B 367 -22.28 -16.12 -20.19
C ARG B 367 -21.75 -17.03 -19.09
N TRP B 368 -21.55 -18.32 -19.40
CA TRP B 368 -21.01 -19.23 -18.40
C TRP B 368 -19.61 -18.83 -17.99
N ALA B 369 -18.77 -18.46 -18.97
CA ALA B 369 -17.40 -18.06 -18.65
C ALA B 369 -17.36 -16.83 -17.76
N LEU B 370 -18.23 -15.86 -18.04
CA LEU B 370 -18.26 -14.61 -17.28
C LEU B 370 -18.84 -14.78 -15.89
N GLY B 371 -19.13 -16.00 -15.44
CA GLY B 371 -19.69 -16.18 -14.10
C GLY B 371 -21.15 -15.86 -13.99
N GLU B 372 -21.88 -15.87 -15.10
CA GLU B 372 -23.33 -15.66 -15.05
C GLU B 372 -24.07 -16.82 -14.46
N ASN B 373 -23.37 -17.82 -13.93
CA ASN B 373 -23.99 -18.89 -13.15
C ASN B 373 -24.38 -18.26 -11.82
N MET B 374 -25.50 -17.52 -11.86
CA MET B 374 -25.85 -16.60 -10.79
C MET B 374 -25.74 -17.27 -9.42
N ALA B 375 -25.36 -16.48 -8.42
CA ALA B 375 -25.39 -16.93 -7.06
C ALA B 375 -26.85 -17.06 -6.60
N PRO B 376 -27.10 -17.84 -5.54
CA PRO B 376 -28.48 -18.04 -5.10
C PRO B 376 -29.18 -16.71 -4.85
N GLU B 377 -30.43 -16.62 -5.28
CA GLU B 377 -31.19 -15.38 -5.14
C GLU B 377 -31.37 -15.03 -3.68
N LYS B 378 -31.30 -13.74 -3.38
CA LYS B 378 -31.57 -13.28 -2.02
C LYS B 378 -33.02 -13.54 -1.67
N VAL B 379 -33.24 -14.12 -0.49
CA VAL B 379 -34.57 -14.48 -0.01
C VAL B 379 -34.71 -14.00 1.43
N ASP B 380 -35.88 -14.26 2.01
CA ASP B 380 -36.15 -13.92 3.40
C ASP B 380 -35.86 -15.13 4.28
N PHE B 381 -35.20 -14.87 5.42
CA PHE B 381 -34.84 -15.96 6.32
C PHE B 381 -36.06 -16.76 6.75
N GLU B 382 -37.21 -16.11 6.88
CA GLU B 382 -38.42 -16.82 7.29
C GLU B 382 -38.81 -17.86 6.25
N ASP B 383 -38.60 -17.55 4.96
CA ASP B 383 -38.96 -18.51 3.92
C ASP B 383 -38.14 -19.79 4.04
N CYS B 384 -36.85 -19.67 4.31
CA CYS B 384 -35.94 -20.81 4.40
C CYS B 384 -35.59 -21.15 5.84
N LYS B 385 -36.54 -20.94 6.75
CA LYS B 385 -36.29 -21.23 8.16
C LYS B 385 -36.02 -22.72 8.38
N ASP B 386 -36.80 -23.58 7.74
CA ASP B 386 -36.72 -25.03 7.92
C ASP B 386 -36.17 -25.65 6.63
N VAL B 387 -34.85 -25.79 6.56
CA VAL B 387 -34.20 -26.41 5.41
C VAL B 387 -32.99 -27.19 5.89
N SER B 388 -32.26 -27.81 4.95
CA SER B 388 -31.18 -28.72 5.33
C SER B 388 -30.13 -28.03 6.19
N ASP B 389 -29.63 -26.89 5.74
CA ASP B 389 -28.57 -26.21 6.48
C ASP B 389 -28.43 -24.78 5.97
N LEU B 390 -27.90 -23.92 6.85
CA LEU B 390 -27.58 -22.53 6.52
C LEU B 390 -26.21 -22.16 7.06
N LYS B 391 -25.24 -23.08 6.94
CA LYS B 391 -23.89 -22.77 7.39
C LYS B 391 -23.37 -21.53 6.67
N GLN B 392 -22.85 -20.58 7.45
CA GLN B 392 -22.39 -19.32 6.89
C GLN B 392 -21.25 -19.55 5.88
N ASP B 396 -14.71 -21.96 7.64
CA ASP B 396 -14.11 -21.91 6.31
C ASP B 396 -12.64 -21.53 6.39
N GLU B 397 -11.84 -22.41 6.99
CA GLU B 397 -10.42 -22.12 7.16
C GLU B 397 -9.74 -22.07 5.80
N PRO B 398 -8.97 -21.02 5.49
CA PRO B 398 -8.24 -21.00 4.22
C PRO B 398 -7.28 -22.18 4.11
N GLU B 399 -7.19 -22.74 2.91
CA GLU B 399 -6.28 -23.85 2.69
C GLU B 399 -4.83 -23.38 2.79
N SER B 400 -3.97 -24.24 3.30
CA SER B 400 -2.56 -23.93 3.46
C SER B 400 -1.78 -24.49 2.27
N ARG B 401 -0.91 -23.67 1.70
CA ARG B 401 -0.15 -24.03 0.52
C ARG B 401 1.32 -23.67 0.73
N SER B 402 2.20 -24.47 0.16
CA SER B 402 3.63 -24.32 0.34
C SER B 402 4.23 -23.54 -0.83
N LEU B 403 5.54 -23.32 -0.76
CA LEU B 403 6.23 -22.57 -1.80
C LEU B 403 6.36 -23.39 -3.08
N ALA B 404 6.52 -22.68 -4.19
CA ALA B 404 6.86 -23.28 -5.47
C ALA B 404 7.98 -22.45 -6.10
N SER B 405 8.75 -23.09 -6.97
CA SER B 405 9.90 -22.41 -7.56
C SER B 405 9.48 -21.20 -8.39
N TRP B 406 8.29 -21.24 -9.00
CA TRP B 406 7.95 -20.26 -10.02
C TRP B 406 7.98 -18.84 -9.46
N ILE B 407 7.45 -18.64 -8.25
CA ILE B 407 7.40 -17.29 -7.71
C ILE B 407 8.80 -16.72 -7.54
N GLN B 408 9.79 -17.57 -7.29
CA GLN B 408 11.16 -17.08 -7.19
C GLN B 408 11.74 -16.77 -8.56
N SER B 409 11.30 -17.49 -9.60
CA SER B 409 11.76 -17.18 -10.95
C SER B 409 11.07 -15.94 -11.51
N GLU B 410 9.78 -15.77 -11.20
CA GLU B 410 9.07 -14.60 -11.69
C GLU B 410 9.65 -13.31 -11.15
N PHE B 411 10.20 -13.34 -9.93
CA PHE B 411 10.88 -12.17 -9.41
C PHE B 411 12.29 -12.01 -9.96
N ASN B 412 12.87 -13.07 -10.53
CA ASN B 412 14.16 -12.94 -11.19
C ASN B 412 14.02 -12.24 -12.52
N LYS B 413 12.95 -12.53 -13.27
CA LYS B 413 12.71 -11.89 -14.55
C LYS B 413 12.12 -10.49 -14.41
N ALA B 414 11.59 -10.15 -13.23
CA ALA B 414 11.10 -8.80 -12.98
C ALA B 414 12.21 -7.84 -12.56
N CYS B 415 13.44 -8.33 -12.45
CA CYS B 415 14.59 -7.50 -12.12
C CYS B 415 15.50 -7.28 -13.32
N GLU B 416 15.15 -7.79 -14.49
CA GLU B 416 16.03 -7.80 -15.64
C GLU B 416 15.72 -6.63 -16.57
N LEU B 417 16.76 -6.15 -17.25
CA LEU B 417 16.60 -5.09 -18.23
C LEU B 417 15.98 -5.63 -19.51
N THR B 418 15.11 -4.82 -20.12
CA THR B 418 14.54 -5.10 -21.41
C THR B 418 15.26 -4.28 -22.48
N ASP B 419 14.75 -4.33 -23.70
CA ASP B 419 15.30 -3.56 -24.81
C ASP B 419 14.40 -2.40 -25.22
N SER B 420 13.37 -2.09 -24.43
CA SER B 420 12.41 -1.04 -24.76
C SER B 420 12.29 -0.08 -23.58
N SER B 421 11.97 1.17 -23.89
CA SER B 421 11.80 2.22 -22.89
C SER B 421 10.31 2.31 -22.55
N TRP B 422 9.95 1.90 -21.33
CA TRP B 422 8.54 1.76 -20.96
C TRP B 422 7.99 2.99 -20.27
N ILE B 423 8.82 3.79 -19.61
CA ILE B 423 8.37 4.97 -18.89
C ILE B 423 8.99 6.20 -19.55
N GLU B 424 8.16 7.15 -19.95
CA GLU B 424 8.60 8.42 -20.52
C GLU B 424 8.05 9.53 -19.64
N LEU B 425 8.83 9.94 -18.65
CA LEU B 425 8.40 10.96 -17.70
C LEU B 425 8.58 12.35 -18.33
N ASP B 426 7.75 13.29 -17.87
CA ASP B 426 7.63 14.59 -18.52
C ASP B 426 8.77 15.51 -18.06
N GLU B 427 8.66 16.78 -18.42
CA GLU B 427 9.74 17.74 -18.21
C GLU B 427 9.73 18.27 -16.79
N ILE B 428 10.90 18.77 -16.36
CA ILE B 428 11.06 19.50 -15.12
C ILE B 428 11.87 20.75 -15.42
N GLY B 429 11.51 21.84 -14.76
CA GLY B 429 12.21 23.10 -14.97
C GLY B 429 13.70 22.95 -14.80
N GLU B 430 14.44 23.92 -15.34
CA GLU B 430 15.88 23.88 -15.27
C GLU B 430 16.36 23.96 -13.83
N ASP B 431 17.49 23.32 -13.55
CA ASP B 431 18.01 23.22 -12.21
C ASP B 431 19.06 24.31 -11.97
N VAL B 432 18.85 25.12 -10.94
CA VAL B 432 19.78 26.19 -10.59
C VAL B 432 20.29 26.09 -9.16
N ALA B 433 19.66 25.29 -8.31
CA ALA B 433 20.13 25.14 -6.94
C ALA B 433 21.00 23.90 -6.81
N PRO B 434 22.07 23.92 -6.01
CA PRO B 434 22.89 22.71 -5.87
C PRO B 434 22.10 21.51 -5.38
N ILE B 435 21.16 21.71 -4.46
CA ILE B 435 20.30 20.61 -4.03
C ILE B 435 19.48 20.09 -5.21
N GLU B 436 19.02 21.01 -6.05
CA GLU B 436 18.31 20.58 -7.26
C GLU B 436 19.22 19.77 -8.15
N HIS B 437 20.50 20.14 -8.24
CA HIS B 437 21.44 19.38 -9.05
C HIS B 437 21.61 17.97 -8.50
N ILE B 438 21.76 17.84 -7.18
CA ILE B 438 21.92 16.51 -6.58
C ILE B 438 20.67 15.67 -6.78
N ALA B 439 19.49 16.29 -6.58
CA ALA B 439 18.25 15.57 -6.77
C ALA B 439 18.09 15.11 -8.21
N SER B 440 18.43 15.98 -9.17
CA SER B 440 18.38 15.59 -10.57
C SER B 440 19.35 14.46 -10.87
N MET B 441 20.55 14.51 -10.27
CA MET B 441 21.50 13.41 -10.45
C MET B 441 20.90 12.09 -9.99
N ARG B 442 20.38 12.05 -8.76
CA ARG B 442 19.80 10.82 -8.25
C ARG B 442 18.64 10.35 -9.12
N ARG B 443 17.74 11.27 -9.45
CA ARG B 443 16.54 10.90 -10.20
C ARG B 443 16.89 10.41 -11.59
N ASN B 444 17.81 11.09 -12.27
CA ASN B 444 18.20 10.68 -13.62
C ASN B 444 18.91 9.32 -13.60
N TYR B 445 19.79 9.10 -12.63
CA TYR B 445 20.46 7.80 -12.54
C TYR B 445 19.43 6.69 -12.31
N PHE B 446 18.51 6.90 -11.37
CA PHE B 446 17.50 5.89 -11.10
C PHE B 446 16.64 5.63 -12.33
N THR B 447 16.19 6.70 -12.99
CA THR B 447 15.33 6.54 -14.16
C THR B 447 16.06 5.81 -15.28
N ALA B 448 17.31 6.17 -15.53
CA ALA B 448 18.07 5.50 -16.58
C ALA B 448 18.26 4.02 -16.26
N GLU B 449 18.52 3.70 -15.00
CA GLU B 449 18.68 2.31 -14.61
C GLU B 449 17.36 1.56 -14.48
N VAL B 450 16.23 2.25 -14.55
CA VAL B 450 14.94 1.63 -14.26
C VAL B 450 14.00 1.67 -15.45
N SER B 451 14.18 2.65 -16.35
CA SER B 451 13.21 2.84 -17.43
C SER B 451 13.07 1.59 -18.29
N HIS B 452 14.13 0.81 -18.44
CA HIS B 452 14.12 -0.38 -19.27
C HIS B 452 13.79 -1.65 -18.49
N CYS B 453 13.61 -1.57 -17.17
CA CYS B 453 13.35 -2.75 -16.37
C CYS B 453 12.00 -3.35 -16.73
N ARG B 454 11.89 -4.67 -16.58
CA ARG B 454 10.63 -5.35 -16.83
C ARG B 454 9.58 -5.02 -15.78
N ALA B 455 10.00 -4.62 -14.57
CA ALA B 455 9.04 -4.16 -13.58
C ALA B 455 8.27 -2.96 -14.10
N THR B 456 8.94 -2.07 -14.85
CA THR B 456 8.23 -0.95 -15.47
C THR B 456 7.27 -1.43 -16.54
N GLU B 457 7.62 -2.50 -17.26
CA GLU B 457 6.66 -3.08 -18.20
C GLU B 457 5.43 -3.57 -17.48
N TYR B 458 5.61 -4.23 -16.33
CA TYR B 458 4.47 -4.68 -15.55
C TYR B 458 3.63 -3.49 -15.08
N ILE B 459 4.31 -2.43 -14.63
CA ILE B 459 3.59 -1.24 -14.18
C ILE B 459 2.71 -0.69 -15.30
N MET B 460 3.29 -0.51 -16.49
CA MET B 460 2.55 0.10 -17.59
C MET B 460 1.44 -0.82 -18.08
N LYS B 461 1.71 -2.12 -18.17
CA LYS B 461 0.68 -3.06 -18.59
C LYS B 461 -0.51 -3.04 -17.63
N GLY B 462 -0.23 -3.07 -16.33
CA GLY B 462 -1.30 -3.01 -15.35
C GLY B 462 -2.07 -1.71 -15.42
N VAL B 463 -1.37 -0.59 -15.55
CA VAL B 463 -2.04 0.70 -15.62
C VAL B 463 -2.97 0.74 -16.81
N TYR B 464 -2.48 0.34 -17.98
CA TYR B 464 -3.31 0.38 -19.18
C TYR B 464 -4.51 -0.54 -19.06
N ILE B 465 -4.29 -1.76 -18.56
CA ILE B 465 -5.38 -2.73 -18.47
C ILE B 465 -6.45 -2.23 -17.51
N ASN B 466 -6.04 -1.73 -16.34
CA ASN B 466 -7.00 -1.27 -15.36
C ASN B 466 -7.75 -0.04 -15.84
N THR B 467 -7.04 0.88 -16.52
CA THR B 467 -7.73 2.05 -17.06
C THR B 467 -8.77 1.64 -18.08
N ALA B 468 -8.41 0.71 -18.98
CA ALA B 468 -9.37 0.27 -19.99
C ALA B 468 -10.57 -0.40 -19.33
N LEU B 469 -10.33 -1.27 -18.35
CA LEU B 469 -11.43 -1.93 -17.66
C LEU B 469 -12.35 -0.92 -16.99
N LEU B 470 -11.78 0.05 -16.28
CA LEU B 470 -12.59 1.02 -15.56
C LEU B 470 -13.42 1.85 -16.53
N ASN B 471 -12.79 2.34 -17.61
CA ASN B 471 -13.53 3.14 -18.58
C ASN B 471 -14.66 2.35 -19.22
N ALA B 472 -14.37 1.10 -19.63
CA ALA B 472 -15.40 0.29 -20.27
C ALA B 472 -16.53 -0.02 -19.31
N SER B 473 -16.20 -0.33 -18.05
CA SER B 473 -17.24 -0.68 -17.09
C SER B 473 -18.11 0.52 -16.74
N CYS B 474 -17.50 1.70 -16.64
CA CYS B 474 -18.29 2.90 -16.34
C CYS B 474 -19.04 3.43 -17.56
N ALA B 475 -18.64 3.04 -18.77
CA ALA B 475 -19.28 3.52 -19.98
C ALA B 475 -20.37 2.57 -20.49
N ALA B 476 -20.00 1.33 -20.80
CA ALA B 476 -20.91 0.33 -21.35
C ALA B 476 -21.16 -0.72 -20.27
N MET B 477 -22.26 -0.58 -19.54
CA MET B 477 -22.52 -1.40 -18.37
C MET B 477 -23.32 -2.66 -18.68
N ASP B 478 -24.31 -2.56 -19.58
CA ASP B 478 -25.25 -3.65 -19.76
C ASP B 478 -24.68 -4.83 -20.55
N ASP B 479 -23.79 -4.56 -21.50
CA ASP B 479 -23.33 -5.57 -22.43
C ASP B 479 -21.86 -5.90 -22.20
N PHE B 480 -21.41 -6.96 -22.87
CA PHE B 480 -20.05 -7.46 -22.74
C PHE B 480 -19.18 -6.79 -23.79
N GLN B 481 -18.22 -5.99 -23.35
CA GLN B 481 -17.37 -5.20 -24.24
C GLN B 481 -15.98 -5.84 -24.31
N LEU B 482 -15.45 -5.96 -25.52
CA LEU B 482 -14.13 -6.56 -25.74
C LEU B 482 -13.07 -5.49 -25.59
N ILE B 483 -12.23 -5.61 -24.58
CA ILE B 483 -11.20 -4.65 -24.24
C ILE B 483 -9.84 -5.27 -24.59
N PRO B 484 -9.11 -4.74 -25.57
CA PRO B 484 -7.78 -5.26 -25.84
C PRO B 484 -6.81 -4.99 -24.70
N MET B 485 -5.82 -5.87 -24.57
CA MET B 485 -4.75 -5.73 -23.59
C MET B 485 -3.55 -5.14 -24.33
N ILE B 486 -3.36 -3.83 -24.23
CA ILE B 486 -2.40 -3.12 -25.06
C ILE B 486 -1.45 -2.34 -24.16
N SER B 487 -0.20 -2.24 -24.60
CA SER B 487 0.78 -1.39 -23.93
C SER B 487 1.74 -0.81 -24.97
N LYS B 488 2.10 0.45 -24.81
CA LYS B 488 2.94 1.16 -25.76
C LYS B 488 4.33 1.38 -25.18
N CYS B 489 5.34 1.01 -25.95
CA CYS B 489 6.73 1.14 -25.52
C CYS B 489 7.55 1.70 -26.68
N ARG B 490 8.58 2.47 -26.34
CA ARG B 490 9.51 3.00 -27.32
C ARG B 490 10.75 2.12 -27.36
N THR B 491 11.14 1.68 -28.55
CA THR B 491 12.22 0.72 -28.69
C THR B 491 13.58 1.40 -28.47
N LYS B 492 14.66 0.64 -28.70
CA LYS B 492 16.00 1.12 -28.43
C LYS B 492 16.48 2.19 -29.40
N GLU B 493 15.83 2.31 -30.56
CA GLU B 493 16.22 3.28 -31.58
C GLU B 493 15.16 4.38 -31.75
N GLY B 494 14.36 4.62 -30.72
CA GLY B 494 13.43 5.73 -30.71
C GLY B 494 12.14 5.51 -31.46
N ARG B 495 11.88 4.31 -31.97
CA ARG B 495 10.67 4.03 -32.73
C ARG B 495 9.58 3.53 -31.81
N ARG B 496 8.40 4.16 -31.89
CA ARG B 496 7.28 3.76 -31.06
C ARG B 496 6.88 2.31 -31.37
N LYS B 497 6.03 1.76 -30.50
CA LYS B 497 5.57 0.39 -30.68
C LYS B 497 4.28 0.22 -29.89
N THR B 498 3.50 -0.80 -30.27
CA THR B 498 2.24 -1.09 -29.63
C THR B 498 2.12 -2.61 -29.51
N ASN B 499 2.07 -3.10 -28.28
CA ASN B 499 2.10 -4.52 -27.97
C ASN B 499 0.73 -4.98 -27.51
N LEU B 500 0.28 -6.11 -28.05
CA LEU B 500 -1.02 -6.71 -27.73
C LEU B 500 -0.77 -8.01 -26.98
N TYR B 501 -0.95 -7.99 -25.66
CA TYR B 501 -0.77 -9.20 -24.88
C TYR B 501 -1.95 -10.15 -25.01
N GLY B 502 -3.16 -9.63 -25.18
CA GLY B 502 -4.33 -10.48 -25.26
C GLY B 502 -5.60 -9.65 -25.28
N PHE B 503 -6.69 -10.27 -24.84
CA PHE B 503 -8.00 -9.66 -24.83
C PHE B 503 -8.67 -9.83 -23.48
N ILE B 504 -9.56 -8.90 -23.17
CA ILE B 504 -10.40 -8.96 -21.97
C ILE B 504 -11.84 -8.76 -22.39
N ILE B 505 -12.70 -9.70 -22.04
CA ILE B 505 -14.14 -9.59 -22.27
C ILE B 505 -14.77 -9.21 -20.94
N LYS B 506 -15.28 -7.99 -20.85
CA LYS B 506 -15.90 -7.50 -19.63
C LYS B 506 -17.31 -8.07 -19.49
N GLY B 507 -17.75 -8.22 -18.25
CA GLY B 507 -19.08 -8.68 -17.95
C GLY B 507 -20.01 -7.54 -17.57
N ARG B 508 -21.26 -7.91 -17.29
CA ARG B 508 -22.24 -6.93 -16.82
C ARG B 508 -21.70 -6.24 -15.58
N SER B 509 -21.73 -4.91 -15.58
CA SER B 509 -21.04 -4.15 -14.54
C SER B 509 -21.86 -2.92 -14.18
N HIS B 510 -22.67 -3.03 -13.13
CA HIS B 510 -23.33 -1.89 -12.50
C HIS B 510 -22.71 -1.71 -11.14
N LEU B 511 -21.82 -0.72 -11.02
CA LEU B 511 -20.98 -0.54 -9.84
C LEU B 511 -21.32 0.79 -9.17
N ARG B 512 -22.11 0.72 -8.11
CA ARG B 512 -22.36 1.89 -7.26
C ARG B 512 -21.38 1.92 -6.10
N ASN B 513 -21.35 0.87 -5.29
CA ASN B 513 -20.36 0.74 -4.24
C ASN B 513 -19.01 0.35 -4.83
N ASP B 514 -17.94 0.74 -4.15
CA ASP B 514 -16.60 0.40 -4.64
C ASP B 514 -16.39 -1.11 -4.68
N THR B 515 -16.82 -1.82 -3.64
CA THR B 515 -16.56 -3.25 -3.53
C THR B 515 -17.34 -4.07 -4.55
N ASP B 516 -18.31 -3.47 -5.24
CA ASP B 516 -19.04 -4.21 -6.27
C ASP B 516 -18.07 -4.77 -7.30
N VAL B 517 -18.22 -6.05 -7.63
CA VAL B 517 -17.27 -6.77 -8.45
C VAL B 517 -17.82 -6.92 -9.86
N VAL B 518 -16.99 -6.62 -10.84
CA VAL B 518 -17.27 -6.94 -12.24
C VAL B 518 -16.45 -8.16 -12.62
N ASN B 519 -17.11 -9.15 -13.22
CA ASN B 519 -16.45 -10.37 -13.66
C ASN B 519 -16.07 -10.23 -15.13
N PHE B 520 -14.81 -10.54 -15.45
CA PHE B 520 -14.34 -10.50 -16.83
C PHE B 520 -13.62 -11.80 -17.14
N VAL B 521 -13.39 -12.02 -18.42
CA VAL B 521 -12.65 -13.17 -18.92
C VAL B 521 -11.41 -12.65 -19.61
N SER B 522 -10.23 -13.05 -19.12
CA SER B 522 -8.96 -12.59 -19.66
C SER B 522 -8.30 -13.72 -20.43
N MET B 523 -7.83 -13.41 -21.63
CA MET B 523 -7.18 -14.37 -22.52
C MET B 523 -5.86 -13.77 -22.96
N GLU B 524 -4.75 -14.33 -22.47
CA GLU B 524 -3.43 -13.80 -22.74
C GLU B 524 -2.61 -14.77 -23.58
N PHE B 525 -1.91 -14.25 -24.57
CA PHE B 525 -0.98 -15.06 -25.34
C PHE B 525 0.21 -15.44 -24.48
N SER B 526 0.90 -16.50 -24.88
CA SER B 526 2.09 -16.94 -24.15
C SER B 526 2.81 -18.00 -24.96
N LEU B 527 4.06 -18.24 -24.60
CA LEU B 527 4.85 -19.33 -25.16
C LEU B 527 5.24 -20.35 -24.11
N THR B 528 4.92 -20.12 -22.84
CA THR B 528 5.31 -21.02 -21.75
C THR B 528 4.35 -22.19 -21.73
N ASP B 529 4.86 -23.38 -22.03
CA ASP B 529 4.01 -24.56 -22.01
C ASP B 529 3.48 -24.81 -20.61
N PRO B 530 2.20 -25.16 -20.44
CA PRO B 530 1.67 -25.37 -19.09
C PRO B 530 2.12 -26.66 -18.44
N ARG B 531 2.58 -27.63 -19.21
CA ARG B 531 2.97 -28.92 -18.65
C ARG B 531 4.31 -28.88 -17.93
N LEU B 532 5.02 -27.75 -17.99
CA LEU B 532 6.27 -27.64 -17.25
C LEU B 532 6.02 -27.40 -15.76
N GLU B 533 5.11 -26.48 -15.43
CA GLU B 533 4.76 -26.16 -14.05
C GLU B 533 3.24 -26.15 -13.92
N PRO B 534 2.61 -27.32 -14.02
CA PRO B 534 1.14 -27.37 -13.98
C PRO B 534 0.55 -26.79 -12.70
N HIS B 535 1.18 -27.01 -11.55
CA HIS B 535 0.61 -26.54 -10.30
C HIS B 535 0.51 -25.02 -10.25
N LYS B 536 1.26 -24.32 -11.09
CA LYS B 536 1.14 -22.86 -11.15
C LYS B 536 -0.14 -22.45 -11.86
N TRP B 537 -0.55 -23.21 -12.87
CA TRP B 537 -1.72 -22.88 -13.68
C TRP B 537 -2.95 -23.67 -13.22
N GLU B 538 -3.40 -23.40 -12.00
CA GLU B 538 -4.57 -24.10 -11.47
C GLU B 538 -5.86 -23.33 -11.72
N LYS B 539 -5.78 -22.03 -11.97
CA LYS B 539 -6.97 -21.23 -12.26
C LYS B 539 -7.18 -20.97 -13.75
N TYR B 540 -6.16 -21.19 -14.58
CA TYR B 540 -6.25 -20.93 -16.00
C TYR B 540 -6.65 -22.20 -16.76
N CYS B 541 -7.26 -21.98 -17.92
CA CYS B 541 -7.46 -23.01 -18.92
C CYS B 541 -6.62 -22.64 -20.14
N VAL B 542 -5.90 -23.61 -20.69
CA VAL B 542 -4.88 -23.35 -21.70
C VAL B 542 -5.35 -23.90 -23.03
N LEU B 543 -5.31 -23.07 -24.07
CA LEU B 543 -5.57 -23.47 -25.43
C LEU B 543 -4.29 -23.38 -26.24
N GLU B 544 -4.17 -24.22 -27.27
CA GLU B 544 -3.03 -24.17 -28.17
C GLU B 544 -3.42 -23.30 -29.37
N ILE B 545 -2.89 -22.09 -29.43
CA ILE B 545 -3.35 -21.13 -30.42
C ILE B 545 -2.70 -21.37 -31.77
N GLY B 546 -1.38 -21.44 -31.81
CA GLY B 546 -0.71 -21.50 -33.09
C GLY B 546 0.67 -22.08 -33.01
N ASN B 547 1.44 -21.86 -34.07
CA ASN B 547 2.83 -22.28 -34.16
C ASN B 547 3.66 -21.09 -34.59
N MET B 548 4.68 -20.76 -33.81
CA MET B 548 5.55 -19.63 -34.11
C MET B 548 6.96 -20.14 -34.36
N LEU B 549 7.58 -19.69 -35.45
CA LEU B 549 8.91 -20.10 -35.82
C LEU B 549 9.92 -19.13 -35.19
N LEU B 550 10.77 -19.65 -34.31
CA LEU B 550 11.76 -18.84 -33.61
C LEU B 550 13.15 -19.43 -33.82
N ARG B 551 14.14 -18.57 -33.70
CA ARG B 551 15.51 -18.94 -34.01
C ARG B 551 16.12 -19.78 -32.90
N THR B 552 16.61 -20.96 -33.26
CA THR B 552 17.33 -21.83 -32.35
C THR B 552 18.81 -21.83 -32.73
N ALA B 553 19.64 -22.59 -32.01
CA ALA B 553 21.03 -22.78 -32.39
C ALA B 553 21.17 -23.51 -33.72
N VAL B 554 20.32 -24.50 -33.97
CA VAL B 554 20.32 -25.26 -35.22
C VAL B 554 19.08 -24.84 -35.99
N GLY B 555 19.24 -23.95 -36.96
CA GLY B 555 18.14 -23.52 -37.80
C GLY B 555 17.08 -22.75 -37.04
N ARG B 556 15.82 -22.92 -37.43
CA ARG B 556 14.70 -22.28 -36.76
C ARG B 556 13.66 -23.34 -36.44
N VAL B 557 13.10 -23.28 -35.24
CA VAL B 557 12.21 -24.31 -34.74
C VAL B 557 10.82 -23.73 -34.55
N SER B 558 9.81 -24.57 -34.79
CA SER B 558 8.41 -24.21 -34.60
C SER B 558 8.00 -24.57 -33.19
N ARG B 559 7.63 -23.56 -32.40
CA ARG B 559 7.24 -23.73 -31.01
C ARG B 559 5.76 -23.40 -30.87
N PRO B 560 4.99 -24.16 -30.10
CA PRO B 560 3.57 -23.83 -29.95
C PRO B 560 3.36 -22.49 -29.26
N MET B 561 2.26 -21.84 -29.59
CA MET B 561 1.84 -20.58 -28.99
C MET B 561 0.50 -20.82 -28.31
N PHE B 562 0.46 -20.56 -27.00
CA PHE B 562 -0.66 -20.90 -26.13
C PHE B 562 -1.43 -19.65 -25.75
N LEU B 563 -2.65 -19.88 -25.28
CA LEU B 563 -3.51 -18.84 -24.71
C LEU B 563 -3.99 -19.29 -23.34
N TYR B 564 -3.82 -18.42 -22.36
CA TYR B 564 -4.27 -18.67 -21.00
C TYR B 564 -5.56 -17.88 -20.77
N VAL B 565 -6.64 -18.60 -20.48
CA VAL B 565 -7.98 -18.04 -20.34
C VAL B 565 -8.42 -18.24 -18.89
N ARG B 566 -8.79 -17.16 -18.22
CA ARG B 566 -9.26 -17.26 -16.85
C ARG B 566 -10.42 -16.30 -16.63
N THR B 567 -11.42 -16.77 -15.88
CA THR B 567 -12.55 -15.95 -15.48
C THR B 567 -12.21 -15.30 -14.15
N ASN B 568 -11.85 -14.02 -14.20
CA ASN B 568 -11.42 -13.27 -13.02
C ASN B 568 -12.48 -12.26 -12.63
N GLY B 569 -12.30 -11.68 -11.46
CA GLY B 569 -13.19 -10.64 -10.97
C GLY B 569 -12.43 -9.48 -10.36
N THR B 570 -12.95 -8.28 -10.52
CA THR B 570 -12.27 -7.09 -10.02
C THR B 570 -13.29 -6.01 -9.70
N SER B 571 -13.09 -5.34 -8.57
CA SER B 571 -13.96 -4.26 -8.15
C SER B 571 -13.36 -2.92 -8.55
N LYS B 572 -13.96 -1.82 -8.10
CA LYS B 572 -13.43 -0.50 -8.42
C LYS B 572 -12.19 -0.15 -7.60
N ILE B 573 -12.11 -0.65 -6.37
CA ILE B 573 -10.91 -0.41 -5.56
C ILE B 573 -9.72 -1.13 -6.18
N LYS B 574 -9.95 -2.31 -6.75
CA LYS B 574 -8.88 -3.04 -7.42
C LYS B 574 -8.57 -2.48 -8.80
N MET B 575 -9.38 -1.56 -9.32
CA MET B 575 -9.06 -0.85 -10.55
C MET B 575 -8.30 0.44 -10.27
N LYS B 576 -8.76 1.22 -9.29
CA LYS B 576 -8.01 2.40 -8.88
C LYS B 576 -6.65 1.99 -8.33
N TRP B 577 -6.61 0.94 -7.52
CA TRP B 577 -5.35 0.31 -7.11
C TRP B 577 -4.94 -0.61 -8.25
N GLY B 578 -4.09 -0.11 -9.12
CA GLY B 578 -3.78 -0.78 -10.37
C GLY B 578 -3.64 0.24 -11.48
N MET B 579 -4.40 1.33 -11.36
CA MET B 579 -4.12 2.54 -12.13
C MET B 579 -3.07 3.40 -11.44
N GLU B 580 -2.76 3.12 -10.18
CA GLU B 580 -1.74 3.83 -9.43
C GLU B 580 -0.43 3.06 -9.36
N MET B 581 -0.29 1.99 -10.14
CA MET B 581 0.96 1.23 -10.15
C MET B 581 2.15 2.11 -10.51
N ARG B 582 1.92 3.21 -11.21
CA ARG B 582 3.00 4.13 -11.56
C ARG B 582 3.62 4.77 -10.33
N ARG B 583 2.97 4.68 -9.18
CA ARG B 583 3.55 5.17 -7.93
C ARG B 583 4.51 4.17 -7.31
N CYS B 584 4.67 2.98 -7.91
CA CYS B 584 5.73 2.08 -7.47
C CYS B 584 7.10 2.63 -7.83
N LEU B 585 7.20 3.37 -8.94
CA LEU B 585 8.45 4.04 -9.27
C LEU B 585 8.78 5.15 -8.28
N LEU B 586 7.78 5.71 -7.61
CA LEU B 586 7.98 6.77 -6.65
C LEU B 586 8.28 6.26 -5.24
N GLN B 587 8.17 4.95 -5.03
CA GLN B 587 8.52 4.32 -3.75
C GLN B 587 9.93 3.76 -3.77
N SER B 588 10.32 3.09 -4.84
CA SER B 588 11.69 2.58 -4.95
C SER B 588 12.69 3.73 -4.96
N LEU B 589 12.33 4.84 -5.62
CA LEU B 589 13.21 5.99 -5.61
C LEU B 589 13.40 6.50 -4.18
N GLN B 590 12.34 6.52 -3.38
CA GLN B 590 12.51 6.99 -2.01
C GLN B 590 13.29 5.99 -1.17
N GLN B 591 13.16 4.69 -1.44
CA GLN B 591 13.99 3.71 -0.74
C GLN B 591 15.46 3.94 -1.03
N ILE B 592 15.81 4.10 -2.30
CA ILE B 592 17.20 4.34 -2.68
C ILE B 592 17.69 5.65 -2.07
N GLU B 593 16.87 6.69 -2.13
CA GLU B 593 17.27 7.98 -1.60
C GLU B 593 17.42 7.94 -0.09
N SER B 594 16.58 7.14 0.59
CA SER B 594 16.71 7.00 2.03
C SER B 594 18.01 6.29 2.40
N MET B 595 18.38 5.25 1.65
CA MET B 595 19.67 4.62 1.91
C MET B 595 20.81 5.60 1.68
N ILE B 596 20.74 6.37 0.58
CA ILE B 596 21.79 7.34 0.28
C ILE B 596 21.88 8.38 1.40
N GLU B 597 20.73 8.90 1.84
CA GLU B 597 20.73 9.93 2.86
C GLU B 597 21.20 9.41 4.21
N ALA B 598 20.85 8.17 4.56
CA ALA B 598 21.35 7.59 5.80
C ALA B 598 22.87 7.45 5.75
N GLU B 599 23.40 6.84 4.69
CA GLU B 599 24.84 6.68 4.60
C GLU B 599 25.57 7.98 4.36
N SER B 600 24.85 9.05 3.99
CA SER B 600 25.47 10.36 3.88
C SER B 600 25.41 11.12 5.20
N SER B 601 24.42 10.83 6.04
CA SER B 601 24.38 11.38 7.40
C SER B 601 25.43 10.71 8.29
N VAL B 602 25.68 9.42 8.09
CA VAL B 602 26.77 8.78 8.82
C VAL B 602 28.08 9.51 8.55
N LYS B 603 28.33 9.82 7.28
CA LYS B 603 29.41 10.73 6.91
C LYS B 603 28.85 12.15 6.88
N GLU B 604 29.59 13.08 6.29
CA GLU B 604 29.12 14.46 6.15
C GLU B 604 29.36 14.96 4.73
N LYS B 605 29.21 14.06 3.74
CA LYS B 605 29.35 14.42 2.35
C LYS B 605 28.28 13.70 1.53
N ASP B 606 27.86 14.35 0.44
CA ASP B 606 26.87 13.75 -0.45
C ASP B 606 27.40 12.45 -1.01
N MET B 607 26.76 11.33 -0.67
CA MET B 607 27.17 10.02 -1.15
C MET B 607 26.43 9.61 -2.42
N THR B 608 25.82 10.55 -3.13
CA THR B 608 25.16 10.22 -4.39
C THR B 608 26.16 9.68 -5.40
N LYS B 609 27.33 10.31 -5.49
CA LYS B 609 28.34 9.88 -6.45
C LYS B 609 29.04 8.61 -6.02
N GLU B 610 29.20 8.40 -4.71
CA GLU B 610 29.80 7.16 -4.23
C GLU B 610 28.85 5.98 -4.38
N PHE B 611 27.56 6.23 -4.56
CA PHE B 611 26.62 5.16 -4.85
C PHE B 611 26.58 4.85 -6.34
N PHE B 612 26.27 5.85 -7.15
CA PHE B 612 26.01 5.65 -8.58
C PHE B 612 27.27 5.74 -9.43
N GLU B 613 28.14 6.70 -9.15
CA GLU B 613 29.36 6.90 -9.92
C GLU B 613 30.53 6.15 -9.27
N ASN B 614 30.37 4.84 -9.15
CA ASN B 614 31.42 3.99 -8.59
C ASN B 614 31.15 2.56 -9.03
N LYS B 615 32.05 1.99 -9.82
CA LYS B 615 31.89 0.63 -10.31
C LYS B 615 32.33 -0.43 -9.30
N SER B 616 32.92 -0.02 -8.19
CA SER B 616 33.41 -0.97 -7.19
C SER B 616 32.36 -1.34 -6.15
N GLU B 617 31.33 -0.52 -5.96
CA GLU B 617 30.30 -0.82 -4.97
C GLU B 617 29.43 -1.97 -5.44
N THR B 618 29.11 -2.88 -4.52
CA THR B 618 28.30 -4.05 -4.83
C THR B 618 27.57 -4.49 -3.57
N TRP B 619 26.22 -4.55 -3.64
CA TRP B 619 25.40 -4.95 -2.50
C TRP B 619 25.02 -6.43 -2.60
N PRO B 620 24.83 -7.12 -1.48
CA PRO B 620 24.45 -8.56 -1.56
C PRO B 620 22.97 -8.78 -1.83
N ILE B 621 22.60 -8.71 -3.11
CA ILE B 621 21.24 -8.97 -3.57
C ILE B 621 21.29 -10.23 -4.42
N GLY B 622 20.97 -11.37 -3.81
CA GLY B 622 20.94 -12.63 -4.53
C GLY B 622 21.63 -13.74 -3.77
N GLU B 623 21.50 -14.97 -4.26
CA GLU B 623 22.16 -16.10 -3.61
C GLU B 623 22.25 -17.24 -4.62
N SER B 624 23.45 -17.53 -5.07
CA SER B 624 23.76 -18.65 -5.94
C SER B 624 24.35 -19.78 -5.11
N PRO B 625 24.53 -20.97 -5.70
CA PRO B 625 25.18 -22.06 -4.95
C PRO B 625 26.69 -21.89 -4.89
N LYS B 626 27.12 -20.67 -4.58
CA LYS B 626 28.53 -20.36 -4.39
C LYS B 626 28.76 -19.33 -3.28
N GLY B 627 27.71 -18.69 -2.79
CA GLY B 627 27.81 -17.56 -1.89
C GLY B 627 26.89 -16.44 -2.31
N VAL B 628 26.69 -15.50 -1.38
CA VAL B 628 25.80 -14.38 -1.66
C VAL B 628 26.36 -13.58 -2.83
N GLU B 629 25.63 -13.57 -3.94
CA GLU B 629 26.03 -12.79 -5.10
C GLU B 629 25.83 -11.31 -4.83
N GLU B 630 26.68 -10.49 -5.44
CA GLU B 630 26.65 -9.05 -5.23
C GLU B 630 26.50 -8.36 -6.57
N GLY B 631 25.56 -7.42 -6.65
CA GLY B 631 25.30 -6.67 -7.86
C GLY B 631 25.46 -5.18 -7.62
N SER B 632 25.92 -4.48 -8.64
CA SER B 632 26.14 -3.05 -8.53
C SER B 632 24.82 -2.31 -8.47
N ILE B 633 24.89 -1.05 -8.02
CA ILE B 633 23.73 -0.18 -8.10
C ILE B 633 23.23 -0.17 -9.52
N GLY B 634 21.91 -0.32 -9.70
CA GLY B 634 21.31 -0.59 -10.99
C GLY B 634 20.66 -1.96 -11.04
N LYS B 635 21.23 -2.94 -10.35
CA LYS B 635 20.51 -4.15 -10.00
C LYS B 635 19.87 -4.04 -8.63
N VAL B 636 20.29 -3.06 -7.82
CA VAL B 636 19.58 -2.73 -6.60
C VAL B 636 18.43 -1.77 -6.90
N CYS B 637 18.65 -0.83 -7.82
CA CYS B 637 17.57 0.06 -8.23
C CYS B 637 16.42 -0.72 -8.87
N ARG B 638 16.76 -1.65 -9.76
CA ARG B 638 15.74 -2.48 -10.40
C ARG B 638 15.24 -3.60 -9.50
N THR B 639 15.98 -3.94 -8.44
CA THR B 639 15.53 -5.00 -7.54
C THR B 639 14.52 -4.48 -6.53
N LEU B 640 14.73 -3.26 -6.02
CA LEU B 640 13.72 -2.66 -5.16
C LEU B 640 12.46 -2.32 -5.94
N LEU B 641 12.60 -1.91 -7.19
CA LEU B 641 11.42 -1.64 -8.01
C LEU B 641 10.61 -2.91 -8.25
N ALA B 642 11.30 -4.03 -8.50
CA ALA B 642 10.58 -5.30 -8.66
C ALA B 642 9.84 -5.66 -7.38
N LYS B 643 10.48 -5.43 -6.22
CA LYS B 643 9.84 -5.72 -4.94
C LYS B 643 8.59 -4.85 -4.77
N SER B 644 8.68 -3.56 -5.10
CA SER B 644 7.53 -2.69 -4.96
C SER B 644 6.40 -3.08 -5.91
N VAL B 645 6.74 -3.38 -7.16
CA VAL B 645 5.72 -3.77 -8.13
C VAL B 645 5.05 -5.06 -7.71
N PHE B 646 5.81 -6.01 -7.16
CA PHE B 646 5.21 -7.27 -6.74
C PHE B 646 4.40 -7.11 -5.45
N ASN B 647 4.79 -6.17 -4.59
CA ASN B 647 3.95 -5.84 -3.44
C ASN B 647 2.62 -5.27 -3.90
N SER B 648 2.65 -4.43 -4.94
CA SER B 648 1.41 -3.87 -5.47
C SER B 648 0.56 -4.95 -6.12
N LEU B 649 1.16 -5.77 -6.99
CA LEU B 649 0.40 -6.78 -7.70
C LEU B 649 -0.18 -7.83 -6.76
N TYR B 650 0.63 -8.29 -5.79
CA TYR B 650 0.26 -9.37 -4.89
C TYR B 650 -0.16 -8.86 -3.52
N ALA B 651 -0.71 -7.65 -3.45
CA ALA B 651 -1.11 -7.08 -2.17
C ALA B 651 -2.15 -7.97 -1.50
N SER B 652 -1.95 -8.22 -0.21
CA SER B 652 -2.88 -9.03 0.57
C SER B 652 -2.70 -8.70 2.04
N SER B 653 -3.69 -9.09 2.84
CA SER B 653 -3.60 -8.85 4.28
C SER B 653 -2.49 -9.65 4.91
N GLN B 654 -2.16 -10.81 4.35
CA GLN B 654 -1.06 -11.60 4.87
C GLN B 654 0.26 -10.86 4.74
N LEU B 655 0.47 -10.22 3.58
CA LEU B 655 1.71 -9.47 3.38
C LEU B 655 1.82 -8.30 4.35
N GLU B 656 0.72 -7.58 4.57
CA GLU B 656 0.75 -6.44 5.48
C GLU B 656 0.93 -6.87 6.93
N GLY B 657 0.58 -8.12 7.26
CA GLY B 657 0.75 -8.61 8.60
C GLY B 657 2.07 -9.32 8.81
N PHE B 658 2.75 -9.64 7.70
CA PHE B 658 4.07 -10.26 7.77
C PHE B 658 5.17 -9.21 7.73
N SER B 659 5.00 -8.15 6.94
CA SER B 659 6.00 -7.10 6.90
C SER B 659 6.11 -6.38 8.24
N ALA B 660 4.99 -6.17 8.91
CA ALA B 660 5.02 -5.47 10.19
C ALA B 660 5.62 -6.34 11.28
N GLU B 661 5.21 -7.60 11.36
CA GLU B 661 5.71 -8.48 12.41
C GLU B 661 7.13 -8.96 12.14
N SER B 662 7.53 -9.06 10.87
CA SER B 662 8.89 -9.48 10.54
C SER B 662 9.88 -8.34 10.60
N ARG B 663 9.43 -7.10 10.75
CA ARG B 663 10.35 -5.99 10.93
C ARG B 663 10.92 -5.96 12.34
N LYS B 664 10.14 -6.35 13.34
CA LYS B 664 10.65 -6.42 14.70
C LYS B 664 11.73 -7.49 14.82
N LEU B 665 11.51 -8.67 14.23
CA LEU B 665 12.51 -9.71 14.25
C LEU B 665 13.75 -9.33 13.46
N LEU B 666 13.67 -8.29 12.63
CA LEU B 666 14.80 -7.81 11.85
C LEU B 666 15.63 -6.80 12.62
N LEU B 667 14.99 -5.89 13.35
CA LEU B 667 15.72 -4.92 14.16
C LEU B 667 16.42 -5.57 15.34
N ILE B 668 15.86 -6.65 15.89
CA ILE B 668 16.56 -7.39 16.93
C ILE B 668 17.83 -8.02 16.37
N ALA B 669 17.76 -8.60 15.17
CA ALA B 669 18.95 -9.13 14.54
C ALA B 669 19.97 -8.04 14.25
N GLN B 670 19.52 -6.87 13.80
CA GLN B 670 20.43 -5.76 13.59
C GLN B 670 21.11 -5.33 14.88
N ALA B 671 20.35 -5.26 15.97
CA ALA B 671 20.94 -4.93 17.27
C ALA B 671 21.97 -5.97 17.69
N LEU B 672 21.69 -7.26 17.48
CA LEU B 672 22.68 -8.27 17.77
C LEU B 672 23.93 -8.07 16.93
N ARG B 673 23.77 -7.78 15.65
CA ARG B 673 24.91 -7.57 14.76
C ARG B 673 25.64 -6.26 15.05
N ASP B 674 25.05 -5.36 15.83
CA ASP B 674 25.73 -4.16 16.29
C ASP B 674 26.26 -4.30 17.71
N ASN B 675 26.21 -5.51 18.28
CA ASN B 675 26.74 -5.77 19.62
C ASN B 675 26.07 -4.87 20.66
N LEU B 676 24.74 -4.81 20.61
CA LEU B 676 23.95 -4.10 21.59
C LEU B 676 23.24 -5.04 22.56
N GLU B 677 23.55 -6.34 22.51
CA GLU B 677 23.02 -7.31 23.46
C GLU B 677 21.49 -7.30 23.44
N PRO B 678 20.87 -7.64 22.31
CA PRO B 678 19.41 -7.64 22.26
C PRO B 678 18.80 -8.64 23.24
N GLY B 679 17.65 -8.26 23.78
CA GLY B 679 16.88 -9.14 24.64
C GLY B 679 15.41 -9.05 24.31
N THR B 680 14.69 -10.18 24.39
CA THR B 680 13.28 -10.22 24.01
C THR B 680 12.48 -10.79 25.18
N PHE B 681 11.38 -10.11 25.52
CA PHE B 681 10.52 -10.60 26.58
C PHE B 681 9.84 -11.92 26.18
N ASP B 682 9.38 -12.02 24.94
CA ASP B 682 8.73 -13.23 24.45
C ASP B 682 9.06 -13.36 22.97
N LEU B 683 10.09 -14.16 22.65
CA LEU B 683 10.46 -14.40 21.27
C LEU B 683 9.64 -15.51 20.63
N GLY B 684 9.15 -16.46 21.41
CA GLY B 684 8.28 -17.49 20.86
C GLY B 684 6.96 -16.92 20.37
N GLY B 685 6.43 -15.91 21.07
CA GLY B 685 5.20 -15.27 20.63
C GLY B 685 5.38 -14.49 19.34
N LEU B 686 6.52 -13.81 19.19
CA LEU B 686 6.79 -13.07 17.96
C LEU B 686 6.86 -13.98 16.76
N TYR B 687 7.52 -15.14 16.90
CA TYR B 687 7.56 -16.11 15.82
C TYR B 687 6.16 -16.62 15.47
N GLU B 688 5.34 -16.88 16.48
CA GLU B 688 3.97 -17.30 16.23
C GLU B 688 3.21 -16.22 15.46
N ALA B 689 3.37 -14.97 15.87
CA ALA B 689 2.68 -13.87 15.18
C ALA B 689 3.12 -13.77 13.73
N ILE B 690 4.42 -13.94 13.48
CA ILE B 690 4.91 -13.93 12.10
C ILE B 690 4.30 -15.09 11.32
N GLU B 691 4.26 -16.28 11.92
CA GLU B 691 3.87 -17.47 11.20
C GLU B 691 2.36 -17.57 10.97
N GLU B 692 1.55 -16.87 11.76
CA GLU B 692 0.11 -16.88 11.48
C GLU B 692 -0.22 -16.14 10.18
N CYS B 693 0.72 -15.39 9.63
CA CYS B 693 0.47 -14.68 8.37
C CYS B 693 0.82 -15.55 7.16
N LEU B 694 1.78 -16.46 7.31
CA LEU B 694 2.16 -17.36 6.23
C LEU B 694 1.08 -18.44 6.09
N ILE B 695 0.18 -18.29 5.13
CA ILE B 695 -0.86 -19.28 4.93
C ILE B 695 -0.82 -19.84 3.52
N ASN B 696 -1.12 -19.00 2.52
CA ASN B 696 -1.14 -19.48 1.14
C ASN B 696 -0.63 -18.47 0.11
N ASP B 697 -0.28 -17.25 0.50
CA ASP B 697 0.04 -16.23 -0.48
C ASP B 697 1.38 -16.54 -1.14
N PRO B 698 1.46 -16.68 -2.47
CA PRO B 698 2.76 -16.99 -3.08
C PRO B 698 3.82 -15.94 -2.80
N TRP B 699 3.43 -14.67 -2.73
CA TRP B 699 4.40 -13.60 -2.52
C TRP B 699 4.90 -13.61 -1.08
N VAL B 700 3.99 -13.73 -0.11
CA VAL B 700 4.40 -13.66 1.30
C VAL B 700 5.28 -14.85 1.65
N LEU B 701 4.95 -16.04 1.16
CA LEU B 701 5.79 -17.19 1.45
C LEU B 701 7.20 -16.99 0.94
N LEU B 702 7.35 -16.36 -0.23
CA LEU B 702 8.68 -16.06 -0.74
C LEU B 702 9.41 -15.10 0.19
N ASN B 703 8.74 -14.04 0.63
CA ASN B 703 9.37 -13.10 1.54
C ASN B 703 9.79 -13.78 2.83
N ALA B 704 9.03 -14.78 3.28
CA ALA B 704 9.45 -15.56 4.44
C ALA B 704 10.69 -16.39 4.12
N SER B 705 10.71 -17.03 2.94
CA SER B 705 11.88 -17.81 2.56
C SER B 705 13.11 -16.93 2.41
N TRP B 706 12.93 -15.69 1.97
CA TRP B 706 14.04 -14.74 1.95
C TRP B 706 14.52 -14.44 3.37
N PHE B 707 13.59 -14.31 4.31
CA PHE B 707 13.97 -14.03 5.69
C PHE B 707 14.85 -15.13 6.26
N ASN B 708 14.48 -16.39 6.01
CA ASN B 708 15.29 -17.50 6.49
C ASN B 708 16.70 -17.42 5.94
N SER B 709 16.85 -17.11 4.66
CA SER B 709 18.18 -17.00 4.07
C SER B 709 18.98 -15.87 4.70
N PHE B 710 18.32 -14.73 4.96
CA PHE B 710 19.03 -13.60 5.56
C PHE B 710 19.52 -13.96 6.96
N LEU B 711 18.67 -14.60 7.76
CA LEU B 711 19.08 -14.95 9.12
C LEU B 711 20.25 -15.92 9.12
N ALA B 712 20.22 -16.92 8.24
CA ALA B 712 21.30 -17.90 8.19
C ALA B 712 22.62 -17.23 7.80
N HIS B 713 22.59 -16.36 6.78
CA HIS B 713 23.81 -15.72 6.33
C HIS B 713 24.24 -14.58 7.24
N ALA B 714 23.29 -13.86 7.83
CA ALA B 714 23.63 -12.69 8.64
C ALA B 714 24.24 -13.10 9.98
N LEU B 715 23.57 -13.99 10.71
CA LEU B 715 24.06 -14.41 12.02
C LEU B 715 24.94 -15.64 11.95
N LYS B 716 24.60 -16.61 11.11
CA LYS B 716 25.40 -17.80 10.93
C LYS B 716 25.49 -18.60 12.23
N MET C 1 22.03 -16.71 -10.44
CA MET C 1 21.61 -15.93 -9.24
C MET C 1 20.11 -16.08 -8.99
N ASP C 2 19.71 -15.93 -7.73
CA ASP C 2 18.31 -15.87 -7.33
C ASP C 2 18.16 -14.64 -6.46
N VAL C 3 17.71 -13.54 -7.06
CA VAL C 3 17.66 -12.24 -6.38
C VAL C 3 16.94 -12.41 -5.05
N ASN C 4 17.38 -11.65 -4.05
CA ASN C 4 16.89 -11.79 -2.67
C ASN C 4 17.07 -10.46 -1.97
N PRO C 5 16.13 -9.53 -2.18
CA PRO C 5 16.33 -8.15 -1.69
C PRO C 5 16.44 -8.05 -0.18
N THR C 6 16.00 -9.05 0.58
CA THR C 6 16.19 -9.01 2.03
C THR C 6 17.64 -9.18 2.44
N LEU C 7 18.49 -9.71 1.54
CA LEU C 7 19.92 -9.79 1.81
C LEU C 7 20.61 -8.44 1.72
N LEU C 8 19.90 -7.40 1.25
CA LEU C 8 20.49 -6.07 1.21
C LEU C 8 20.96 -5.63 2.59
N PHE C 9 20.32 -6.14 3.65
CA PHE C 9 20.65 -5.78 5.01
C PHE C 9 21.98 -6.37 5.47
N LEU C 10 22.58 -7.29 4.70
CA LEU C 10 23.88 -7.83 5.06
C LEU C 10 24.99 -6.80 4.94
N LYS C 11 24.77 -5.71 4.19
CA LYS C 11 25.75 -4.66 4.04
C LYS C 11 25.29 -3.36 4.70
N VAL C 12 24.12 -2.85 4.33
CA VAL C 12 23.57 -1.65 4.95
C VAL C 12 22.81 -2.07 6.20
N PRO C 13 22.83 -1.27 7.28
CA PRO C 13 22.03 -1.61 8.46
C PRO C 13 20.54 -1.69 8.15
N VAL C 14 19.74 -2.12 9.11
CA VAL C 14 18.30 -2.24 8.88
C VAL C 14 17.55 -0.93 9.10
N GLN C 15 18.14 0.02 9.82
CA GLN C 15 17.51 1.33 10.01
C GLN C 15 17.78 2.27 8.84
N ASN C 16 18.67 1.91 7.93
CA ASN C 16 18.93 2.71 6.75
C ASN C 16 18.05 2.32 5.57
N ALA C 17 17.86 1.03 5.36
CA ALA C 17 17.02 0.51 4.28
C ALA C 17 15.70 -0.04 4.82
N ILE C 18 15.16 0.59 5.88
CA ILE C 18 13.92 0.12 6.47
C ILE C 18 12.73 0.38 5.57
N SER C 19 12.85 1.30 4.61
CA SER C 19 11.74 1.57 3.72
C SER C 19 11.34 0.35 2.92
N THR C 20 12.27 -0.58 2.72
CA THR C 20 11.97 -1.79 1.96
C THR C 20 11.02 -2.72 2.70
N THR C 21 10.83 -2.54 4.00
CA THR C 21 9.94 -3.38 4.80
C THR C 21 8.54 -2.80 4.94
N PHE C 22 8.26 -1.67 4.29
CA PHE C 22 6.91 -1.12 4.28
C PHE C 22 6.28 -1.44 2.94
N PRO C 23 5.31 -2.37 2.85
CA PRO C 23 4.87 -2.85 1.54
C PRO C 23 4.21 -1.80 0.66
N TYR C 24 3.19 -1.13 1.18
CA TYR C 24 2.29 -0.33 0.36
C TYR C 24 2.59 1.16 0.50
N THR C 25 2.22 1.89 -0.55
CA THR C 25 2.30 3.35 -0.56
C THR C 25 0.96 4.01 -0.22
N GLY C 26 -0.14 3.30 -0.38
CA GLY C 26 -1.45 3.84 -0.05
C GLY C 26 -2.30 2.83 0.68
N ASP C 27 -3.61 3.05 0.71
CA ASP C 27 -4.52 2.11 1.35
C ASP C 27 -4.69 0.88 0.45
N PRO C 28 -4.42 -0.33 0.95
CA PRO C 28 -4.55 -1.51 0.10
C PRO C 28 -6.00 -1.80 -0.23
N PRO C 29 -6.27 -2.55 -1.30
CA PRO C 29 -7.65 -2.82 -1.72
C PRO C 29 -8.27 -4.04 -1.03
N TYR C 30 -8.42 -3.96 0.28
CA TYR C 30 -9.08 -5.02 1.03
C TYR C 30 -9.37 -4.49 2.43
N SER C 31 -9.93 -5.37 3.28
CA SER C 31 -10.25 -5.00 4.66
C SER C 31 -10.39 -6.25 5.52
N GLY C 35 -16.49 -6.80 10.24
CA GLY C 35 -17.89 -7.17 10.23
C GLY C 35 -18.45 -7.39 11.62
N THR C 36 -19.56 -8.13 11.70
CA THR C 36 -20.18 -8.42 12.99
C THR C 36 -19.46 -9.52 13.75
N GLY C 37 -18.65 -10.34 13.06
CA GLY C 37 -17.89 -11.36 13.76
C GLY C 37 -16.77 -10.79 14.60
N TYR C 38 -16.19 -9.67 14.16
CA TYR C 38 -15.10 -9.05 14.91
C TYR C 38 -15.60 -8.30 16.14
N THR C 39 -16.78 -7.67 16.05
CA THR C 39 -17.31 -6.94 17.21
C THR C 39 -17.63 -7.88 18.36
N MET C 40 -18.20 -9.05 18.05
CA MET C 40 -18.46 -10.02 19.11
C MET C 40 -17.18 -10.45 19.80
N ASP C 41 -16.12 -10.71 19.02
CA ASP C 41 -14.85 -11.09 19.62
C ASP C 41 -14.27 -9.94 20.44
N THR C 42 -14.42 -8.71 19.97
CA THR C 42 -13.93 -7.56 20.72
C THR C 42 -14.60 -7.47 22.08
N VAL C 43 -15.94 -7.56 22.11
CA VAL C 43 -16.64 -7.43 23.38
C VAL C 43 -16.34 -8.64 24.28
N ASN C 44 -16.24 -9.84 23.68
CA ASN C 44 -15.95 -11.02 24.48
C ASN C 44 -14.58 -10.91 25.14
N ARG C 45 -13.56 -10.48 24.39
CA ARG C 45 -12.24 -10.29 24.97
C ARG C 45 -12.25 -9.19 26.02
N THR C 46 -12.97 -8.09 25.75
CA THR C 46 -13.02 -7.00 26.70
C THR C 46 -13.61 -7.46 28.03
N HIS C 47 -14.64 -8.30 27.98
CA HIS C 47 -15.24 -8.82 29.21
C HIS C 47 -14.46 -9.98 29.80
N GLN C 48 -13.63 -10.66 29.01
CA GLN C 48 -12.79 -11.73 29.54
C GLN C 48 -11.61 -11.17 30.31
N TYR C 49 -11.03 -10.06 29.84
CA TYR C 49 -9.90 -9.46 30.54
C TYR C 49 -10.31 -8.78 31.83
N SER C 50 -11.60 -8.76 32.18
CA SER C 50 -12.07 -8.04 33.35
C SER C 50 -13.16 -8.81 34.11
N GLU C 51 -13.11 -10.14 34.09
CA GLU C 51 -14.19 -10.95 34.66
C GLU C 51 -13.86 -11.25 36.13
N LYS C 52 -14.01 -10.23 36.98
CA LYS C 52 -13.69 -10.38 38.40
C LYS C 52 -14.56 -9.46 39.24
N GLY C 53 -15.34 -10.05 40.13
CA GLY C 53 -15.71 -9.42 41.38
C GLY C 53 -17.00 -8.63 41.43
N LYS C 54 -17.55 -8.21 40.30
CA LYS C 54 -18.75 -7.37 40.37
C LYS C 54 -19.48 -7.36 39.03
N TRP C 55 -20.76 -7.67 39.07
CA TRP C 55 -21.68 -7.42 37.96
C TRP C 55 -22.90 -6.67 38.51
N THR C 56 -23.33 -5.66 37.78
CA THR C 56 -24.47 -4.83 38.16
C THR C 56 -25.55 -4.93 37.09
N LYS C 57 -26.60 -4.12 37.25
CA LYS C 57 -27.67 -4.01 36.26
C LYS C 57 -28.08 -2.55 36.19
N ASN C 58 -27.77 -1.90 35.07
CA ASN C 58 -28.05 -0.47 34.94
C ASN C 58 -29.54 -0.21 35.14
N THR C 59 -29.85 0.81 35.95
CA THR C 59 -31.23 1.10 36.27
C THR C 59 -31.96 1.82 35.14
N GLU C 60 -31.23 2.37 34.16
CA GLU C 60 -31.85 3.07 33.04
C GLU C 60 -32.07 2.15 31.86
N THR C 61 -30.99 1.56 31.33
CA THR C 61 -31.07 0.70 30.17
C THR C 61 -31.30 -0.76 30.52
N GLY C 62 -31.23 -1.13 31.80
CA GLY C 62 -31.40 -2.52 32.18
C GLY C 62 -30.39 -3.44 31.54
N ALA C 63 -29.14 -2.99 31.39
CA ALA C 63 -28.09 -3.77 30.76
C ALA C 63 -27.03 -4.13 31.78
N PRO C 64 -26.59 -5.38 31.84
CA PRO C 64 -25.56 -5.74 32.82
C PRO C 64 -24.26 -4.99 32.55
N GLN C 65 -23.58 -4.61 33.62
CA GLN C 65 -22.34 -3.85 33.54
C GLN C 65 -21.29 -4.50 34.43
N LEU C 66 -20.06 -4.56 33.92
CA LEU C 66 -18.93 -5.17 34.62
C LEU C 66 -18.00 -4.07 35.09
N ASN C 67 -17.69 -4.05 36.39
CA ASN C 67 -16.87 -3.01 37.01
C ASN C 67 -15.56 -3.64 37.47
N PRO C 68 -14.49 -3.54 36.67
CA PRO C 68 -13.23 -4.20 37.02
C PRO C 68 -12.41 -3.38 38.01
N ILE C 69 -12.49 -2.05 37.87
CA ILE C 69 -11.60 -1.18 38.64
C ILE C 69 -11.64 -1.54 40.12
N ASP C 70 -10.50 -1.40 40.78
CA ASP C 70 -10.34 -1.83 42.17
C ASP C 70 -10.57 -3.32 42.34
N GLY C 71 -10.39 -4.10 41.27
CA GLY C 71 -10.59 -5.52 41.30
C GLY C 71 -9.36 -6.27 41.81
N PRO C 72 -9.41 -7.59 41.78
CA PRO C 72 -8.27 -8.38 42.25
C PRO C 72 -7.02 -8.06 41.46
N LEU C 73 -5.89 -8.00 42.16
CA LEU C 73 -4.62 -7.73 41.51
C LEU C 73 -4.24 -8.89 40.60
N PRO C 74 -3.60 -8.61 39.46
CA PRO C 74 -3.20 -9.69 38.56
C PRO C 74 -2.19 -10.61 39.23
N GLU C 75 -2.25 -11.90 38.87
CA GLU C 75 -1.33 -12.90 39.37
C GLU C 75 -0.69 -13.69 38.24
N ASP C 76 -0.74 -13.17 37.02
CA ASP C 76 -0.10 -13.80 35.87
C ASP C 76 0.13 -12.73 34.81
N ASN C 77 0.76 -13.12 33.72
CA ASN C 77 1.21 -12.17 32.70
C ASN C 77 0.18 -11.90 31.62
N GLU C 78 -1.02 -12.48 31.72
CA GLU C 78 -2.06 -12.17 30.76
C GLU C 78 -2.55 -10.74 30.96
N PRO C 79 -3.09 -10.11 29.93
CA PRO C 79 -3.56 -8.73 30.08
C PRO C 79 -4.66 -8.64 31.12
N SER C 80 -4.66 -7.53 31.86
CA SER C 80 -5.60 -7.33 32.96
C SER C 80 -6.11 -5.90 32.93
N GLY C 81 -7.41 -5.74 33.13
CA GLY C 81 -8.04 -4.44 33.22
C GLY C 81 -8.38 -4.00 34.62
N TYR C 82 -7.90 -4.71 35.65
CA TYR C 82 -8.23 -4.39 37.04
C TYR C 82 -7.38 -3.22 37.53
N ALA C 83 -7.60 -2.08 36.90
CA ALA C 83 -6.91 -0.86 37.32
C ALA C 83 -7.30 -0.54 38.76
N GLN C 84 -6.34 0.00 39.51
CA GLN C 84 -6.55 0.37 40.90
C GLN C 84 -6.79 1.87 40.98
N THR C 85 -7.91 2.26 41.58
CA THR C 85 -8.23 3.68 41.67
C THR C 85 -7.19 4.42 42.49
N ASP C 86 -6.66 3.77 43.54
CA ASP C 86 -5.63 4.41 44.35
C ASP C 86 -4.37 4.68 43.54
N CYS C 87 -3.95 3.72 42.70
CA CYS C 87 -2.72 3.89 41.95
C CYS C 87 -2.87 4.94 40.86
N VAL C 88 -4.03 5.00 40.21
CA VAL C 88 -4.24 6.00 39.16
C VAL C 88 -4.17 7.41 39.76
N LEU C 89 -4.87 7.61 40.87
CA LEU C 89 -4.86 8.92 41.50
C LEU C 89 -3.47 9.28 41.98
N GLU C 90 -2.73 8.32 42.54
CA GLU C 90 -1.37 8.58 42.98
C GLU C 90 -0.49 8.97 41.80
N ALA C 91 -0.62 8.26 40.68
CA ALA C 91 0.19 8.59 39.50
C ALA C 91 -0.12 9.98 39.00
N MET C 92 -1.40 10.35 38.93
CA MET C 92 -1.75 11.69 38.48
C MET C 92 -1.26 12.75 39.46
N ALA C 93 -1.33 12.46 40.76
CA ALA C 93 -0.83 13.40 41.76
C ALA C 93 0.67 13.64 41.60
N PHE C 94 1.43 12.56 41.40
CA PHE C 94 2.86 12.71 41.16
C PHE C 94 3.14 13.45 39.86
N LEU C 95 2.32 13.21 38.84
CA LEU C 95 2.47 13.94 37.58
C LEU C 95 2.30 15.43 37.81
N GLU C 96 1.29 15.82 38.59
CA GLU C 96 1.12 17.24 38.89
C GLU C 96 2.27 17.77 39.75
N GLU C 97 2.76 16.95 40.68
CA GLU C 97 3.84 17.39 41.55
C GLU C 97 5.11 17.68 40.74
N SER C 98 5.44 16.82 39.78
CA SER C 98 6.64 17.02 38.98
C SER C 98 6.48 18.16 37.98
N HIS C 99 5.25 18.53 37.64
CA HIS C 99 4.96 19.63 36.73
C HIS C 99 3.97 20.56 37.42
N PRO C 100 4.44 21.40 38.32
CA PRO C 100 3.51 22.25 39.09
C PRO C 100 2.61 23.07 38.19
N GLY C 101 1.31 23.05 38.49
CA GLY C 101 0.35 23.81 37.73
C GLY C 101 0.03 23.26 36.37
N ILE C 102 0.31 21.98 36.11
CA ILE C 102 0.01 21.41 34.80
C ILE C 102 -1.50 21.25 34.63
N PHE C 103 -2.20 20.85 35.67
CA PHE C 103 -3.64 20.64 35.57
C PHE C 103 -4.43 21.93 35.73
N GLU C 104 -3.98 22.83 36.60
CA GLU C 104 -4.66 24.12 36.74
C GLU C 104 -4.56 24.93 35.46
N ASN C 105 -3.39 24.94 34.83
CA ASN C 105 -3.22 25.71 33.60
C ASN C 105 -4.01 25.09 32.45
N SER C 106 -4.02 23.75 32.35
CA SER C 106 -4.78 23.11 31.29
C SER C 106 -6.26 23.41 31.42
N CYS C 107 -6.80 23.36 32.64
CA CYS C 107 -8.20 23.71 32.85
C CYS C 107 -8.45 25.17 32.50
N LEU C 108 -7.53 26.06 32.86
CA LEU C 108 -7.70 27.48 32.56
C LEU C 108 -7.81 27.71 31.06
N GLU C 109 -6.99 27.02 30.27
CA GLU C 109 -6.97 27.19 28.83
C GLU C 109 -8.07 26.39 28.12
N THR C 110 -8.84 25.59 28.85
CA THR C 110 -9.98 24.90 28.26
C THR C 110 -11.31 25.59 28.55
N MET C 111 -11.41 26.32 29.66
CA MET C 111 -12.61 27.13 29.89
C MET C 111 -12.74 28.24 28.86
N GLU C 112 -11.64 28.62 28.21
CA GLU C 112 -11.71 29.59 27.12
C GLU C 112 -12.12 28.95 25.79
N ILE C 113 -12.22 27.62 25.73
CA ILE C 113 -12.60 26.94 24.52
C ILE C 113 -13.98 26.27 24.63
N VAL C 114 -14.50 26.08 25.83
CA VAL C 114 -15.85 25.54 25.98
C VAL C 114 -16.91 26.63 25.86
N GLN C 115 -16.54 27.90 26.04
CA GLN C 115 -17.46 29.02 25.89
C GLN C 115 -17.32 29.71 24.55
N GLN C 116 -16.45 29.21 23.67
CA GLN C 116 -16.22 29.83 22.37
C GLN C 116 -16.16 28.79 21.26
N THR C 117 -16.87 27.68 21.41
CA THR C 117 -16.86 26.60 20.43
C THR C 117 -18.22 26.56 19.75
N ARG C 118 -18.26 26.94 18.48
CA ARG C 118 -19.49 26.90 17.71
C ARG C 118 -19.95 25.46 17.52
N VAL C 119 -21.27 25.26 17.54
CA VAL C 119 -21.81 23.92 17.31
C VAL C 119 -21.33 23.37 15.97
N ASP C 120 -21.02 24.26 15.02
CA ASP C 120 -20.54 23.81 13.71
C ASP C 120 -19.27 23.00 13.82
N LYS C 121 -18.52 23.14 14.92
CA LYS C 121 -17.32 22.34 15.11
C LYS C 121 -17.63 20.84 15.12
N LEU C 122 -18.86 20.46 15.43
CA LEU C 122 -19.22 19.04 15.40
C LEU C 122 -19.30 18.50 13.98
N THR C 123 -19.37 19.37 12.98
CA THR C 123 -19.37 18.93 11.59
C THR C 123 -17.97 18.65 11.06
N GLN C 124 -16.93 19.08 11.78
CA GLN C 124 -15.55 18.88 11.35
C GLN C 124 -15.10 17.48 11.82
N GLY C 125 -15.54 16.48 11.09
CA GLY C 125 -15.20 15.11 11.47
C GLY C 125 -15.55 14.12 10.38
N ARG C 126 -15.39 12.85 10.71
CA ARG C 126 -15.64 11.75 9.78
C ARG C 126 -17.07 11.23 9.99
N GLN C 127 -17.38 10.09 9.37
CA GLN C 127 -18.69 9.48 9.54
C GLN C 127 -19.03 9.34 11.01
N THR C 128 -20.25 9.71 11.37
CA THR C 128 -20.74 9.60 12.73
C THR C 128 -22.08 8.88 12.74
N TYR C 129 -22.26 7.98 13.70
CA TYR C 129 -23.54 7.29 13.84
C TYR C 129 -24.67 8.29 14.03
N ASP C 130 -25.78 8.05 13.34
CA ASP C 130 -26.95 8.92 13.40
C ASP C 130 -28.04 8.22 14.20
N TRP C 131 -28.49 8.86 15.27
CA TRP C 131 -29.46 8.26 16.17
C TRP C 131 -30.90 8.37 15.66
N THR C 132 -31.13 9.14 14.60
CA THR C 132 -32.46 9.27 14.02
C THR C 132 -32.73 8.20 12.97
N LEU C 133 -31.83 8.10 11.98
CA LEU C 133 -31.97 7.11 10.93
C LEU C 133 -31.48 5.73 11.33
N ASN C 134 -30.74 5.63 12.45
CA ASN C 134 -30.18 4.36 12.91
C ASN C 134 -29.14 3.81 11.94
N ARG C 135 -28.39 4.69 11.29
CA ARG C 135 -27.30 4.28 10.40
C ARG C 135 -26.31 5.42 10.28
N ASN C 136 -25.12 5.10 9.82
CA ASN C 136 -24.05 6.08 9.74
C ASN C 136 -24.35 7.12 8.67
N GLN C 137 -24.08 8.38 9.00
CA GLN C 137 -24.19 9.50 8.09
C GLN C 137 -23.02 10.44 8.34
N PRO C 138 -22.65 11.24 7.34
CA PRO C 138 -21.55 12.20 7.55
C PRO C 138 -21.82 13.09 8.74
N ALA C 139 -20.77 13.80 9.18
CA ALA C 139 -20.88 14.61 10.38
C ALA C 139 -21.94 15.70 10.21
N ALA C 140 -21.90 16.42 9.10
CA ALA C 140 -22.84 17.52 8.90
C ALA C 140 -24.28 17.02 8.86
N THR C 141 -24.52 15.94 8.12
CA THR C 141 -25.89 15.42 8.02
C THR C 141 -26.40 14.92 9.36
N ALA C 142 -25.56 14.21 10.11
CA ALA C 142 -25.99 13.71 11.42
C ALA C 142 -26.28 14.86 12.37
N LEU C 143 -25.41 15.87 12.39
CA LEU C 143 -25.65 17.02 13.27
C LEU C 143 -26.93 17.74 12.88
N ALA C 144 -27.16 17.92 11.58
CA ALA C 144 -28.37 18.60 11.13
C ALA C 144 -29.61 17.80 11.53
N ASN C 145 -29.58 16.48 11.34
CA ASN C 145 -30.73 15.66 11.71
C ASN C 145 -30.99 15.74 13.21
N THR C 146 -29.93 15.66 14.03
CA THR C 146 -30.11 15.73 15.47
C THR C 146 -30.68 17.08 15.89
N ILE C 147 -30.17 18.17 15.31
CA ILE C 147 -30.69 19.49 15.65
C ILE C 147 -32.15 19.62 15.23
N GLU C 148 -32.49 19.11 14.06
CA GLU C 148 -33.88 19.19 13.59
C GLU C 148 -34.81 18.41 14.50
N ILE C 149 -34.42 17.20 14.90
CA ILE C 149 -35.28 16.41 15.77
C ILE C 149 -35.37 17.06 17.14
N PHE C 150 -34.29 17.67 17.62
CA PHE C 150 -34.35 18.40 18.88
C PHE C 150 -35.33 19.55 18.80
N ARG C 151 -35.30 20.30 17.68
CA ARG C 151 -36.22 21.42 17.51
C ARG C 151 -37.66 20.92 17.40
N SER C 152 -37.87 19.73 16.83
CA SER C 152 -39.21 19.17 16.79
C SER C 152 -39.81 19.05 18.18
N ASN C 153 -38.96 18.84 19.18
CA ASN C 153 -39.38 18.87 20.58
C ASN C 153 -39.10 20.26 21.14
N GLY C 154 -39.24 20.42 22.46
CA GLY C 154 -39.05 21.71 23.09
C GLY C 154 -37.60 22.04 23.38
N LEU C 155 -36.68 21.52 22.58
CA LEU C 155 -35.24 21.72 22.74
C LEU C 155 -34.78 22.71 21.66
N THR C 156 -34.38 23.90 22.08
CA THR C 156 -33.99 24.95 21.13
C THR C 156 -32.77 25.74 21.58
N ALA C 157 -32.12 25.38 22.69
CA ALA C 157 -30.99 26.16 23.16
C ALA C 157 -29.84 26.13 22.16
N ASN C 158 -29.76 25.08 21.34
CA ASN C 158 -28.69 24.99 20.35
C ASN C 158 -28.74 26.14 19.36
N GLU C 159 -29.87 26.82 19.24
CA GLU C 159 -29.96 28.00 18.37
C GLU C 159 -29.05 29.12 18.83
N SER C 160 -28.60 29.08 20.09
CA SER C 160 -27.71 30.12 20.59
C SER C 160 -26.38 30.13 19.86
N GLY C 161 -26.03 29.06 19.15
CA GLY C 161 -24.79 28.99 18.42
C GLY C 161 -23.58 28.56 19.22
N ARG C 162 -23.78 27.97 20.39
CA ARG C 162 -22.69 27.49 21.23
C ARG C 162 -22.82 25.98 21.42
N LEU C 163 -21.70 25.28 21.32
CA LEU C 163 -21.72 23.84 21.51
C LEU C 163 -22.19 23.47 22.92
N ILE C 164 -21.84 24.29 23.92
CA ILE C 164 -22.27 24.01 25.28
C ILE C 164 -23.79 23.99 25.37
N ASP C 165 -24.45 24.86 24.61
CA ASP C 165 -25.91 24.88 24.61
C ASP C 165 -26.48 23.64 23.95
N PHE C 166 -25.82 23.12 22.91
CA PHE C 166 -26.23 21.85 22.33
C PHE C 166 -26.06 20.72 23.34
N LEU C 167 -24.99 20.78 24.14
CA LEU C 167 -24.80 19.79 25.20
C LEU C 167 -25.92 19.88 26.23
N LYS C 168 -26.32 21.09 26.58
CA LYS C 168 -27.46 21.25 27.47
C LYS C 168 -28.73 20.67 26.86
N ASP C 169 -28.92 20.88 25.56
CA ASP C 169 -30.09 20.34 24.88
C ASP C 169 -30.10 18.82 24.90
N VAL C 170 -28.96 18.19 24.69
CA VAL C 170 -28.92 16.73 24.73
C VAL C 170 -29.15 16.22 26.15
N MET C 171 -28.60 16.93 27.14
CA MET C 171 -28.86 16.55 28.52
C MET C 171 -30.35 16.60 28.82
N GLU C 172 -31.03 17.66 28.36
CA GLU C 172 -32.47 17.76 28.54
C GLU C 172 -33.20 16.64 27.78
N SER C 173 -32.74 16.36 26.55
CA SER C 173 -33.39 15.33 25.74
C SER C 173 -33.33 13.98 26.42
N MET C 174 -32.24 13.71 27.15
CA MET C 174 -32.14 12.45 27.85
C MET C 174 -33.23 12.28 28.90
N ASP C 175 -33.90 13.37 29.29
CA ASP C 175 -34.94 13.32 30.31
C ASP C 175 -36.33 13.12 29.74
N LYS C 176 -36.57 13.51 28.49
CA LYS C 176 -37.93 13.45 27.93
C LYS C 176 -38.46 12.03 28.00
N GLU C 177 -39.71 11.90 28.47
CA GLU C 177 -40.30 10.57 28.62
C GLU C 177 -40.47 9.88 27.29
N GLU C 178 -40.64 10.63 26.20
CA GLU C 178 -40.80 10.05 24.88
C GLU C 178 -40.29 11.05 23.85
N MET C 179 -39.50 10.57 22.90
CA MET C 179 -38.87 11.42 21.90
C MET C 179 -39.46 11.12 20.53
N GLU C 180 -39.92 12.16 19.84
CA GLU C 180 -40.62 12.03 18.57
C GLU C 180 -39.68 12.32 17.42
N ILE C 181 -39.66 11.43 16.42
CA ILE C 181 -38.83 11.59 15.23
C ILE C 181 -39.71 11.39 14.01
N THR C 182 -39.60 12.29 13.04
CA THR C 182 -40.37 12.23 11.81
C THR C 182 -39.45 12.42 10.61
N THR C 183 -39.80 11.75 9.52
CA THR C 183 -39.03 11.86 8.28
C THR C 183 -39.94 11.71 7.07
N LYS C 209 -43.70 9.17 11.30
CA LYS C 209 -43.73 9.76 12.64
C LYS C 209 -43.73 8.65 13.69
N GLN C 210 -42.56 8.38 14.27
CA GLN C 210 -42.40 7.36 15.29
C GLN C 210 -41.83 7.99 16.56
N ARG C 211 -42.34 7.55 17.71
CA ARG C 211 -41.89 8.07 19.00
C ARG C 211 -41.30 6.94 19.81
N LEU C 212 -40.13 7.20 20.41
CA LEU C 212 -39.38 6.23 21.18
C LEU C 212 -39.53 6.49 22.67
N ASN C 213 -39.47 5.40 23.44
CA ASN C 213 -39.59 5.49 24.89
C ASN C 213 -38.36 6.21 25.46
N LYS C 214 -38.36 6.38 26.78
CA LYS C 214 -37.18 6.91 27.44
C LYS C 214 -36.01 5.94 27.33
N LYS C 215 -36.25 4.66 27.68
CA LYS C 215 -35.17 3.67 27.62
C LYS C 215 -34.61 3.56 26.22
N SER C 216 -35.47 3.50 25.20
CA SER C 216 -35.01 3.33 23.83
C SER C 216 -34.13 4.50 23.40
N TYR C 217 -34.51 5.72 23.77
CA TYR C 217 -33.70 6.87 23.39
C TYR C 217 -32.34 6.84 24.07
N LEU C 218 -32.29 6.43 25.33
CA LEU C 218 -30.99 6.27 25.99
C LEU C 218 -30.14 5.22 25.27
N ILE C 219 -30.74 4.09 24.91
CA ILE C 219 -29.97 3.05 24.24
C ILE C 219 -29.46 3.55 22.90
N ARG C 220 -30.25 4.36 22.20
CA ARG C 220 -29.85 4.90 20.91
C ARG C 220 -28.90 6.08 21.03
N ALA C 221 -28.79 6.69 22.20
CA ALA C 221 -27.86 7.79 22.42
C ALA C 221 -26.56 7.35 23.08
N LEU C 222 -26.54 6.17 23.69
CA LEU C 222 -25.35 5.61 24.33
C LEU C 222 -24.83 4.41 23.53
N THR C 223 -24.93 4.47 22.22
CA THR C 223 -24.59 3.36 21.33
C THR C 223 -23.41 3.74 20.45
N LEU C 224 -22.52 2.77 20.25
CA LEU C 224 -21.38 2.91 19.35
C LEU C 224 -21.55 1.94 18.18
N ASN C 225 -21.46 2.47 16.97
CA ASN C 225 -21.73 1.71 15.76
C ASN C 225 -20.42 1.36 15.05
N THR C 226 -20.54 0.44 14.09
CA THR C 226 -19.38 -0.02 13.33
C THR C 226 -19.35 0.63 11.95
N THR C 243 -17.98 3.60 15.92
CA THR C 243 -18.20 5.03 15.85
C THR C 243 -19.33 5.45 16.80
N PRO C 244 -19.13 6.53 17.55
CA PRO C 244 -20.17 6.96 18.50
C PRO C 244 -21.21 7.85 17.84
N GLY C 245 -22.35 7.97 18.53
CA GLY C 245 -23.44 8.79 18.06
C GLY C 245 -23.10 10.27 18.15
N MET C 246 -24.06 11.09 17.72
CA MET C 246 -23.86 12.53 17.73
C MET C 246 -23.97 13.11 19.13
N GLN C 247 -24.69 12.43 20.03
CA GLN C 247 -24.82 12.94 21.40
C GLN C 247 -23.47 12.94 22.11
N ILE C 248 -22.72 11.84 21.98
CA ILE C 248 -21.46 11.71 22.71
C ILE C 248 -20.40 12.65 22.15
N ARG C 249 -20.39 12.82 20.82
CA ARG C 249 -19.27 13.53 20.18
C ARG C 249 -19.10 14.93 20.73
N GLY C 250 -20.16 15.54 21.27
CA GLY C 250 -20.03 16.88 21.80
C GLY C 250 -19.10 16.94 23.00
N PHE C 251 -19.28 16.02 23.94
CA PHE C 251 -18.46 16.05 25.17
C PHE C 251 -17.06 15.51 24.92
N VAL C 252 -16.92 14.46 24.11
CA VAL C 252 -15.61 13.88 23.87
C VAL C 252 -14.67 14.91 23.27
N TYR C 253 -15.19 15.83 22.47
CA TYR C 253 -14.35 16.90 21.93
C TYR C 253 -13.78 17.75 23.05
N PHE C 254 -14.61 18.11 24.03
CA PHE C 254 -14.12 18.92 25.14
C PHE C 254 -13.11 18.15 25.97
N VAL C 255 -13.35 16.86 26.20
CA VAL C 255 -12.40 16.06 26.96
C VAL C 255 -11.07 15.98 26.24
N GLU C 256 -11.10 15.77 24.92
CA GLU C 256 -9.86 15.72 24.14
C GLU C 256 -9.14 17.06 24.15
N THR C 257 -9.89 18.16 24.14
CA THR C 257 -9.25 19.47 24.19
C THR C 257 -8.50 19.66 25.50
N LEU C 258 -9.05 19.20 26.61
CA LEU C 258 -8.34 19.28 27.88
C LEU C 258 -7.10 18.38 27.87
N ALA C 259 -7.24 17.16 27.35
CA ALA C 259 -6.08 16.26 27.28
C ALA C 259 -5.00 16.82 26.38
N ARG C 260 -5.38 17.55 25.34
CA ARG C 260 -4.38 18.09 24.41
C ARG C 260 -3.45 19.08 25.11
N SER C 261 -4.00 19.92 25.98
CA SER C 261 -3.17 20.88 26.71
C SER C 261 -2.15 20.16 27.59
N ILE C 262 -2.60 19.15 28.32
CA ILE C 262 -1.70 18.38 29.18
C ILE C 262 -0.61 17.72 28.34
N CYS C 263 -1.01 17.11 27.22
CA CYS C 263 -0.04 16.45 26.36
C CYS C 263 0.99 17.44 25.84
N GLU C 264 0.55 18.63 25.43
CA GLU C 264 1.49 19.64 24.96
C GLU C 264 2.45 20.05 26.07
N LYS C 265 1.95 20.23 27.29
CA LYS C 265 2.82 20.63 28.39
C LYS C 265 3.77 19.51 28.79
N LEU C 266 3.44 18.26 28.46
CA LEU C 266 4.29 17.13 28.82
C LEU C 266 5.39 16.97 27.78
N GLU C 267 6.64 16.97 28.23
CA GLU C 267 7.76 16.73 27.32
C GLU C 267 7.77 15.29 26.82
N GLN C 268 7.36 14.35 27.68
CA GLN C 268 7.47 12.94 27.34
C GLN C 268 6.44 12.55 26.28
N SER C 269 5.25 13.15 26.32
CA SER C 269 4.24 12.84 25.33
C SER C 269 4.68 13.34 23.96
N GLY C 270 4.41 12.54 22.93
CA GLY C 270 4.77 12.91 21.57
C GLY C 270 3.62 12.71 20.60
N LEU C 271 2.40 12.69 21.13
CA LEU C 271 1.22 12.47 20.29
C LEU C 271 0.86 13.71 19.50
N PRO C 272 0.59 14.86 20.14
CA PRO C 272 0.10 16.02 19.36
C PRO C 272 1.06 16.45 18.26
N VAL C 273 2.36 16.40 18.51
CA VAL C 273 3.35 16.83 17.53
C VAL C 273 3.41 15.80 16.40
N GLY C 274 4.07 16.16 15.31
CA GLY C 274 4.23 15.25 14.20
C GLY C 274 5.32 15.72 13.26
N GLY C 275 5.79 14.81 12.42
CA GLY C 275 6.81 15.17 11.46
C GLY C 275 8.12 15.53 12.13
N ASN C 276 8.81 16.51 11.55
CA ASN C 276 10.16 16.83 11.98
C ASN C 276 10.23 17.08 13.48
N GLU C 277 9.22 17.73 14.05
CA GLU C 277 9.26 18.06 15.47
C GLU C 277 9.39 16.80 16.32
N LYS C 278 8.65 15.74 15.96
CA LYS C 278 8.77 14.50 16.71
C LYS C 278 10.19 13.94 16.63
N LYS C 279 10.86 14.13 15.49
CA LYS C 279 12.24 13.67 15.38
C LYS C 279 13.16 14.38 16.36
N ALA C 280 12.78 15.58 16.82
CA ALA C 280 13.57 16.29 17.82
C ALA C 280 13.30 15.78 19.23
N LYS C 281 12.30 14.92 19.42
CA LYS C 281 12.01 14.37 20.73
C LYS C 281 12.78 13.09 21.00
N LEU C 282 12.72 12.12 20.07
CA LEU C 282 13.43 10.86 20.25
C LEU C 282 14.87 11.12 20.68
N ALA C 283 15.64 11.75 19.79
CA ALA C 283 17.03 12.04 20.13
C ALA C 283 17.13 12.72 21.47
N ASN C 284 16.26 13.72 21.71
CA ASN C 284 16.29 14.46 22.96
C ASN C 284 16.28 13.51 24.15
N VAL C 285 15.36 12.55 24.17
CA VAL C 285 15.29 11.66 25.33
C VAL C 285 16.55 10.82 25.42
N VAL C 286 17.05 10.33 24.29
CA VAL C 286 18.29 9.56 24.31
C VAL C 286 19.45 10.43 24.74
N ARG C 287 19.31 11.75 24.59
CA ARG C 287 20.35 12.67 25.07
C ARG C 287 20.28 12.82 26.58
N LYS C 288 19.10 12.68 27.17
CA LYS C 288 18.98 12.82 28.62
C LYS C 288 19.59 11.62 29.35
N MET C 289 19.40 10.42 28.81
CA MET C 289 19.78 9.20 29.52
C MET C 289 21.26 8.90 29.34
N MET C 290 21.71 8.74 28.09
CA MET C 290 23.08 8.32 27.84
C MET C 290 24.09 9.34 28.37
N THR C 291 23.82 10.63 28.18
CA THR C 291 24.79 11.65 28.52
C THR C 291 25.15 11.56 30.01
N ASN C 292 26.45 11.45 30.29
CA ASN C 292 26.97 11.37 31.64
C ASN C 292 28.49 11.33 31.55
N SER C 293 29.14 11.62 32.68
CA SER C 293 30.59 11.67 32.76
C SER C 293 31.07 10.82 33.92
N GLN C 294 32.18 10.11 33.71
CA GLN C 294 32.76 9.23 34.73
C GLN C 294 31.69 8.31 35.30
N ASP C 295 30.99 7.61 34.40
CA ASP C 295 29.81 6.84 34.74
C ASP C 295 30.07 5.36 34.52
N THR C 296 29.74 4.56 35.54
CA THR C 296 29.74 3.11 35.42
C THR C 296 28.36 2.55 35.11
N GLU C 297 27.32 3.40 35.12
CA GLU C 297 25.97 2.93 34.83
C GLU C 297 25.83 2.56 33.37
N LEU C 298 25.01 1.54 33.11
CA LEU C 298 24.70 1.09 31.77
C LEU C 298 23.24 1.33 31.47
N SER C 299 22.95 1.73 30.22
CA SER C 299 21.62 2.12 29.81
C SER C 299 21.10 1.17 28.73
N PHE C 300 19.86 0.75 28.88
CA PHE C 300 19.17 -0.12 27.93
C PHE C 300 17.90 0.57 27.46
N THR C 301 17.43 0.16 26.28
CA THR C 301 16.24 0.74 25.66
C THR C 301 15.25 -0.37 25.34
N ILE C 302 13.97 -0.02 25.39
CA ILE C 302 12.88 -0.97 25.15
C ILE C 302 12.00 -0.37 24.06
N THR C 303 12.01 -0.99 22.88
CA THR C 303 10.98 -0.72 21.89
C THR C 303 9.70 -1.44 22.30
N GLY C 304 8.61 -0.69 22.42
CA GLY C 304 7.44 -1.19 23.11
C GLY C 304 6.18 -1.10 22.26
N ASP C 305 5.31 -2.09 22.47
CA ASP C 305 3.96 -2.10 21.94
C ASP C 305 3.04 -2.54 23.08
N ASN C 306 1.89 -1.90 23.19
CA ASN C 306 0.94 -2.19 24.26
C ASN C 306 -0.16 -3.10 23.71
N THR C 307 -0.32 -4.26 24.33
CA THR C 307 -1.27 -5.27 23.85
C THR C 307 -2.66 -4.97 24.41
N LYS C 308 -3.66 -5.02 23.53
CA LYS C 308 -5.05 -4.81 23.93
C LYS C 308 -5.18 -3.50 24.69
N TRP C 309 -4.58 -2.45 24.13
CA TRP C 309 -4.53 -1.15 24.80
C TRP C 309 -5.94 -0.62 25.03
N ASN C 310 -6.79 -0.69 24.02
CA ASN C 310 -8.13 -0.12 24.12
C ASN C 310 -9.03 -0.98 24.99
N GLU C 311 -8.83 -2.29 24.96
CA GLU C 311 -9.73 -3.21 25.65
C GLU C 311 -9.49 -3.24 27.15
N ASN C 312 -8.41 -2.61 27.63
CA ASN C 312 -8.12 -2.59 29.06
C ASN C 312 -8.24 -1.20 29.67
N GLN C 313 -8.14 -0.14 28.87
CA GLN C 313 -8.45 1.19 29.37
C GLN C 313 -9.93 1.27 29.69
N ASN C 314 -10.26 1.76 30.88
CA ASN C 314 -11.62 1.73 31.38
C ASN C 314 -12.14 3.14 31.60
N PRO C 315 -13.32 3.48 31.06
CA PRO C 315 -13.82 4.85 31.27
C PRO C 315 -14.02 5.20 32.74
N ARG C 316 -14.38 4.22 33.58
CA ARG C 316 -14.50 4.50 35.00
C ARG C 316 -13.18 5.00 35.57
N MET C 317 -12.06 4.51 35.04
CA MET C 317 -10.75 5.01 35.45
C MET C 317 -10.45 6.36 34.83
N PHE C 318 -10.93 6.63 33.61
CA PHE C 318 -10.73 7.94 33.02
C PHE C 318 -11.52 9.01 33.77
N LEU C 319 -12.71 8.64 34.28
CA LEU C 319 -13.43 9.56 35.15
C LEU C 319 -12.65 9.85 36.42
N ALA C 320 -11.94 8.85 36.94
CA ALA C 320 -11.15 9.03 38.15
C ALA C 320 -10.03 10.06 37.96
N MET C 321 -9.55 10.24 36.73
CA MET C 321 -8.49 11.20 36.47
C MET C 321 -9.01 12.52 35.92
N ILE C 322 -10.15 12.52 35.22
CA ILE C 322 -10.79 13.79 34.87
C ILE C 322 -11.33 14.46 36.13
N THR C 323 -11.64 13.68 37.17
CA THR C 323 -12.04 14.26 38.45
C THR C 323 -10.85 14.82 39.22
N TYR C 324 -9.65 14.28 39.00
CA TYR C 324 -8.46 14.80 39.65
C TYR C 324 -7.89 16.02 38.93
N ILE C 325 -7.88 15.99 37.60
CA ILE C 325 -7.43 17.16 36.85
C ILE C 325 -8.32 18.35 37.14
N THR C 326 -9.64 18.13 37.15
CA THR C 326 -10.61 19.20 37.42
C THR C 326 -10.89 19.21 38.93
N ARG C 327 -9.93 19.76 39.67
CA ARG C 327 -10.02 19.88 41.11
C ARG C 327 -9.94 21.35 41.50
N ASN C 328 -10.80 21.77 42.42
CA ASN C 328 -10.88 23.18 42.81
C ASN C 328 -11.25 24.07 41.64
N GLN C 329 -11.98 23.51 40.67
CA GLN C 329 -12.46 24.23 39.50
C GLN C 329 -13.95 24.48 39.62
N PRO C 330 -14.49 25.41 38.83
CA PRO C 330 -15.93 25.67 38.89
C PRO C 330 -16.72 24.38 38.64
N GLU C 331 -17.78 24.18 39.43
CA GLU C 331 -18.55 22.95 39.34
C GLU C 331 -19.21 22.77 37.98
N TRP C 332 -19.38 23.85 37.22
CA TRP C 332 -19.93 23.72 35.88
C TRP C 332 -18.90 23.15 34.92
N PHE C 333 -17.62 23.47 35.11
CA PHE C 333 -16.58 22.95 34.22
C PHE C 333 -16.32 21.47 34.49
N ARG C 334 -16.38 21.06 35.75
CA ARG C 334 -16.18 19.65 36.06
C ARG C 334 -17.33 18.79 35.54
N ASN C 335 -18.53 19.37 35.44
CA ASN C 335 -19.69 18.58 35.03
C ASN C 335 -19.65 18.27 33.55
N VAL C 336 -19.25 19.24 32.72
CA VAL C 336 -19.27 19.04 31.27
C VAL C 336 -18.29 17.95 30.88
N LEU C 337 -17.12 17.92 31.51
CA LEU C 337 -16.10 16.95 31.11
C LEU C 337 -16.45 15.54 31.57
N SER C 338 -16.94 15.39 32.80
CA SER C 338 -17.23 14.06 33.33
C SER C 338 -18.30 13.34 32.53
N ILE C 339 -19.12 14.07 31.76
CA ILE C 339 -20.23 13.44 31.05
C ILE C 339 -19.72 12.46 30.00
N ALA C 340 -18.60 12.78 29.35
CA ALA C 340 -18.07 11.86 28.35
C ALA C 340 -17.67 10.53 28.97
N PRO C 341 -16.85 10.47 30.03
CA PRO C 341 -16.62 9.19 30.69
C PRO C 341 -17.89 8.55 31.23
N ILE C 342 -18.84 9.35 31.72
CA ILE C 342 -20.06 8.77 32.27
C ILE C 342 -20.83 8.02 31.20
N MET C 343 -20.97 8.61 30.02
CA MET C 343 -21.63 7.91 28.91
C MET C 343 -20.79 6.73 28.45
N PHE C 344 -19.47 6.91 28.33
CA PHE C 344 -18.64 5.82 27.82
C PHE C 344 -18.74 4.59 28.71
N SER C 345 -18.84 4.79 30.02
CA SER C 345 -18.94 3.67 30.94
C SER C 345 -20.23 2.88 30.74
N ASN C 346 -21.27 3.51 30.19
CA ASN C 346 -22.54 2.86 29.93
C ASN C 346 -22.78 2.62 28.45
N LYS C 347 -21.77 2.83 27.60
CA LYS C 347 -21.95 2.70 26.17
C LYS C 347 -22.46 1.31 25.82
N MET C 348 -22.98 1.19 24.60
CA MET C 348 -23.44 -0.08 24.05
C MET C 348 -22.90 -0.24 22.64
N ALA C 349 -22.61 -1.48 22.27
CA ALA C 349 -22.01 -1.78 20.97
C ALA C 349 -23.06 -2.37 20.04
N ARG C 350 -23.08 -1.90 18.80
CA ARG C 350 -23.97 -2.42 17.78
C ARG C 350 -23.24 -3.52 17.01
N LEU C 351 -23.88 -4.68 16.91
CA LEU C 351 -23.25 -5.87 16.33
C LEU C 351 -23.39 -5.86 14.80
N GLY C 352 -22.86 -4.80 14.19
CA GLY C 352 -22.82 -4.68 12.75
C GLY C 352 -24.09 -5.10 12.05
N ARG C 353 -23.97 -5.84 10.95
CA ARG C 353 -25.12 -6.31 10.19
C ARG C 353 -25.53 -7.72 10.62
N GLY C 354 -24.62 -8.68 10.47
CA GLY C 354 -24.91 -10.04 10.84
C GLY C 354 -24.18 -11.00 9.92
N TYR C 355 -24.60 -12.26 9.96
CA TYR C 355 -24.03 -13.31 9.16
C TYR C 355 -24.91 -13.62 7.95
N MET C 356 -24.28 -13.99 6.85
CA MET C 356 -24.95 -14.33 5.61
C MET C 356 -24.91 -15.85 5.41
N PHE C 357 -26.06 -16.44 5.13
CA PHE C 357 -26.21 -17.88 5.00
C PHE C 357 -26.50 -18.26 3.56
N GLU C 358 -26.11 -19.48 3.19
CA GLU C 358 -26.38 -20.00 1.86
C GLU C 358 -26.38 -21.53 1.91
N SER C 359 -27.29 -22.13 1.16
CA SER C 359 -27.42 -23.59 1.09
C SER C 359 -27.34 -24.00 -0.37
N LYS C 360 -26.41 -24.90 -0.68
CA LYS C 360 -26.23 -25.39 -2.04
C LYS C 360 -27.28 -26.42 -2.43
N SER C 361 -27.80 -27.18 -1.46
CA SER C 361 -28.75 -28.25 -1.79
C SER C 361 -29.95 -27.70 -2.53
N MET C 362 -30.60 -26.68 -1.99
CA MET C 362 -31.67 -25.97 -2.68
C MET C 362 -31.21 -24.65 -3.27
N LYS C 363 -29.91 -24.32 -3.16
CA LYS C 363 -29.33 -23.17 -3.84
C LYS C 363 -30.09 -21.89 -3.49
N LEU C 364 -30.05 -21.53 -2.21
CA LEU C 364 -30.71 -20.31 -1.75
C LEU C 364 -29.82 -19.59 -0.75
N ARG C 365 -29.80 -18.27 -0.84
CA ARG C 365 -28.97 -17.42 0.02
C ARG C 365 -29.85 -16.42 0.76
N THR C 366 -29.52 -16.18 2.03
CA THR C 366 -30.25 -15.25 2.88
C THR C 366 -29.27 -14.49 3.76
N GLN C 367 -29.78 -13.48 4.45
CA GLN C 367 -28.95 -12.62 5.30
C GLN C 367 -29.78 -12.23 6.53
N ILE C 368 -29.45 -12.83 7.67
CA ILE C 368 -30.18 -12.55 8.91
C ILE C 368 -29.54 -11.35 9.60
N PRO C 369 -30.29 -10.31 9.95
CA PRO C 369 -29.70 -9.18 10.68
C PRO C 369 -29.15 -9.63 12.02
N ALA C 370 -28.42 -8.71 12.66
CA ALA C 370 -27.83 -9.00 13.96
C ALA C 370 -28.80 -8.79 15.11
N GLU C 371 -29.92 -8.10 14.87
CA GLU C 371 -30.86 -7.82 15.96
C GLU C 371 -31.49 -9.11 16.49
N MET C 372 -31.72 -10.09 15.62
CA MET C 372 -32.38 -11.32 16.02
C MET C 372 -31.42 -12.36 16.58
N LEU C 373 -30.13 -12.03 16.70
CA LEU C 373 -29.17 -12.99 17.22
C LEU C 373 -29.47 -13.37 18.67
N ALA C 374 -30.19 -12.51 19.39
CA ALA C 374 -30.53 -12.81 20.77
C ALA C 374 -31.30 -14.13 20.88
N ASN C 375 -32.31 -14.30 20.03
CA ASN C 375 -33.19 -15.47 20.05
C ASN C 375 -33.15 -16.13 18.67
N ILE C 376 -32.14 -16.96 18.46
CA ILE C 376 -31.97 -17.68 17.20
C ILE C 376 -31.31 -19.03 17.51
N ASP C 377 -31.76 -20.06 16.80
CA ASP C 377 -31.19 -21.39 17.00
C ASP C 377 -29.72 -21.39 16.63
N LEU C 378 -28.91 -22.09 17.42
CA LEU C 378 -27.48 -22.20 17.17
C LEU C 378 -27.14 -23.30 16.17
N LYS C 379 -28.14 -24.02 15.68
CA LYS C 379 -27.89 -25.08 14.70
C LYS C 379 -27.27 -24.53 13.42
N TYR C 380 -27.59 -23.28 13.07
CA TYR C 380 -27.19 -22.75 11.77
C TYR C 380 -25.72 -22.35 11.73
N PHE C 381 -25.15 -21.94 12.88
CA PHE C 381 -23.79 -21.46 12.90
C PHE C 381 -22.81 -22.62 13.02
N ASN C 382 -21.51 -22.29 13.08
CA ASN C 382 -20.46 -23.26 13.29
C ASN C 382 -19.98 -23.19 14.73
N GLU C 383 -19.00 -24.04 15.07
CA GLU C 383 -18.59 -24.18 16.46
C GLU C 383 -18.07 -22.86 17.03
N LEU C 384 -17.21 -22.18 16.30
CA LEU C 384 -16.58 -20.98 16.83
C LEU C 384 -17.60 -19.85 16.99
N THR C 385 -18.40 -19.60 15.96
CA THR C 385 -19.44 -18.58 16.09
C THR C 385 -20.51 -19.00 17.09
N LYS C 386 -20.75 -20.30 17.23
CA LYS C 386 -21.67 -20.78 18.25
C LYS C 386 -21.18 -20.41 19.63
N LYS C 387 -19.88 -20.63 19.90
CA LYS C 387 -19.31 -20.26 21.19
C LYS C 387 -19.37 -18.75 21.39
N LYS C 388 -19.08 -17.97 20.34
CA LYS C 388 -19.18 -16.52 20.47
C LYS C 388 -20.59 -16.10 20.84
N ILE C 389 -21.59 -16.68 20.18
CA ILE C 389 -22.98 -16.34 20.47
C ILE C 389 -23.33 -16.72 21.90
N GLU C 390 -22.91 -17.91 22.35
CA GLU C 390 -23.20 -18.33 23.70
C GLU C 390 -22.59 -17.38 24.72
N LYS C 391 -21.35 -16.94 24.48
CA LYS C 391 -20.68 -16.06 25.42
C LYS C 391 -21.22 -14.63 25.38
N ILE C 392 -21.77 -14.20 24.25
CA ILE C 392 -22.25 -12.82 24.15
C ILE C 392 -23.72 -12.65 24.50
N ARG C 393 -24.52 -13.71 24.40
CA ARG C 393 -25.96 -13.58 24.61
C ARG C 393 -26.33 -12.90 25.92
N PRO C 394 -25.75 -13.24 27.06
CA PRO C 394 -26.18 -12.59 28.32
C PRO C 394 -26.05 -11.08 28.29
N LEU C 395 -25.05 -10.54 27.61
CA LEU C 395 -24.80 -9.11 27.64
C LEU C 395 -25.80 -8.32 26.81
N LEU C 396 -26.13 -8.82 25.62
CA LEU C 396 -26.85 -8.00 24.65
C LEU C 396 -28.28 -7.72 25.08
N ILE C 397 -28.76 -6.52 24.73
CA ILE C 397 -30.14 -6.10 24.97
C ILE C 397 -30.53 -5.16 23.84
N ASP C 398 -31.71 -5.38 23.28
CA ASP C 398 -32.22 -4.55 22.18
C ASP C 398 -31.35 -4.68 20.94
N GLY C 399 -30.70 -5.83 20.78
CA GLY C 399 -29.84 -6.06 19.64
C GLY C 399 -28.47 -5.43 19.73
N THR C 400 -28.08 -4.93 20.89
CA THR C 400 -26.78 -4.31 21.09
C THR C 400 -26.11 -4.89 22.34
N ALA C 401 -24.81 -5.11 22.26
CA ALA C 401 -24.04 -5.63 23.37
C ALA C 401 -23.63 -4.49 24.29
N SER C 402 -23.79 -4.71 25.59
CA SER C 402 -23.46 -3.68 26.59
C SER C 402 -21.98 -3.80 26.92
N LEU C 403 -21.17 -2.95 26.29
CA LEU C 403 -19.72 -2.98 26.46
C LEU C 403 -19.32 -1.87 27.44
N SER C 404 -19.49 -2.16 28.72
CA SER C 404 -19.13 -1.21 29.77
C SER C 404 -17.64 -1.18 30.05
N PRO C 405 -17.02 -2.32 30.38
CA PRO C 405 -15.68 -2.27 30.98
C PRO C 405 -14.62 -1.59 30.12
N GLY C 406 -14.59 -1.87 28.82
CA GLY C 406 -13.53 -1.39 27.97
C GLY C 406 -13.87 -0.07 27.28
N MET C 407 -12.99 0.33 26.38
CA MET C 407 -13.16 1.53 25.56
C MET C 407 -12.85 1.18 24.12
N MET C 408 -13.73 1.60 23.20
CA MET C 408 -13.49 1.38 21.78
C MET C 408 -12.37 2.28 21.29
N MET C 409 -11.83 1.92 20.12
CA MET C 409 -10.61 2.53 19.62
C MET C 409 -10.83 3.99 19.21
N GLY C 410 -9.79 4.80 19.42
CA GLY C 410 -9.69 6.11 18.82
C GLY C 410 -10.43 7.23 19.53
N MET C 411 -11.10 6.96 20.65
CA MET C 411 -11.91 7.98 21.29
C MET C 411 -11.12 8.80 22.31
N PHE C 412 -10.26 8.16 23.09
CA PHE C 412 -9.47 8.87 24.09
C PHE C 412 -7.98 8.65 23.83
N ASN C 413 -7.56 8.85 22.58
CA ASN C 413 -6.14 8.71 22.25
C ASN C 413 -5.29 9.60 23.13
N MET C 414 -5.65 10.88 23.25
CA MET C 414 -4.80 11.82 23.96
C MET C 414 -4.89 11.62 25.48
N LEU C 415 -6.09 11.40 26.01
CA LEU C 415 -6.21 11.16 27.44
C LEU C 415 -5.49 9.87 27.83
N SER C 416 -5.62 8.82 27.02
CA SER C 416 -4.92 7.58 27.30
C SER C 416 -3.42 7.79 27.32
N THR C 417 -2.92 8.80 26.59
CA THR C 417 -1.50 9.09 26.60
C THR C 417 -1.05 9.76 27.89
N VAL C 418 -1.96 10.46 28.58
CA VAL C 418 -1.60 11.07 29.86
C VAL C 418 -1.33 10.01 30.91
N LEU C 419 -2.06 8.90 30.87
CA LEU C 419 -1.82 7.82 31.83
C LEU C 419 -0.46 7.19 31.61
N GLY C 420 -0.15 6.81 30.36
CA GLY C 420 1.15 6.24 30.08
C GLY C 420 2.28 7.19 30.43
N VAL C 421 2.10 8.47 30.13
CA VAL C 421 3.11 9.46 30.49
C VAL C 421 3.23 9.58 32.00
N SER C 422 2.11 9.45 32.72
CA SER C 422 2.17 9.47 34.17
C SER C 422 3.01 8.32 34.69
N ILE C 423 2.82 7.12 34.13
CA ILE C 423 3.62 5.97 34.56
C ILE C 423 5.09 6.19 34.22
N LEU C 424 5.38 6.69 33.01
CA LEU C 424 6.75 6.97 32.65
C LEU C 424 7.38 7.99 33.58
N ASN C 425 6.56 8.90 34.14
CA ASN C 425 7.06 9.90 35.06
C ASN C 425 7.50 9.29 36.39
N LEU C 426 6.86 8.19 36.80
CA LEU C 426 7.16 7.59 38.09
C LEU C 426 8.59 7.10 38.21
N GLY C 427 9.30 6.97 37.10
CA GLY C 427 10.71 6.65 37.15
C GLY C 427 11.57 7.90 37.03
N GLN C 428 12.07 8.39 38.15
CA GLN C 428 12.94 9.57 38.12
C GLN C 428 14.09 9.45 39.11
N LYS C 429 14.24 8.31 39.79
CA LYS C 429 15.19 8.12 40.89
C LYS C 429 14.76 8.88 42.13
N ARG C 430 13.70 9.67 42.06
CA ARG C 430 13.10 10.32 43.22
C ARG C 430 11.81 9.66 43.66
N TYR C 431 11.01 9.15 42.71
CA TYR C 431 9.87 8.30 43.02
C TYR C 431 10.21 6.81 42.96
N THR C 432 11.47 6.47 42.69
CA THR C 432 11.88 5.07 42.59
C THR C 432 12.59 4.57 43.84
N LYS C 433 13.33 5.44 44.54
CA LYS C 433 14.00 5.07 45.78
C LYS C 433 14.94 3.89 45.59
N THR C 434 15.63 3.86 44.45
CA THR C 434 16.52 2.75 44.16
C THR C 434 17.54 3.24 43.12
N THR C 435 18.62 2.46 42.97
CA THR C 435 19.70 2.85 42.07
C THR C 435 19.25 3.04 40.63
N TYR C 436 18.20 2.35 40.20
CA TYR C 436 17.75 2.40 38.81
C TYR C 436 16.67 3.46 38.62
N TRP C 437 16.53 3.89 37.38
CA TRP C 437 15.55 4.90 37.00
C TRP C 437 15.33 4.80 35.50
N TRP C 438 14.19 5.31 35.04
CA TRP C 438 13.81 5.17 33.64
C TRP C 438 13.19 6.47 33.15
N ASP C 439 13.07 6.58 31.82
CA ASP C 439 12.39 7.71 31.20
C ASP C 439 12.15 7.35 29.74
N GLY C 440 11.24 8.07 29.10
CA GLY C 440 10.95 7.75 27.71
C GLY C 440 9.84 8.55 27.06
N LEU C 441 9.22 7.95 26.05
CA LEU C 441 8.18 8.59 25.26
C LEU C 441 6.99 7.64 25.15
N GLN C 442 5.80 8.21 24.98
CA GLN C 442 4.61 7.40 24.76
C GLN C 442 3.62 8.17 23.90
N SER C 443 2.95 7.44 23.00
CA SER C 443 1.88 7.98 22.19
C SER C 443 0.83 6.89 22.02
N SER C 444 -0.37 7.11 22.56
CA SER C 444 -1.42 6.11 22.54
C SER C 444 -0.90 4.78 23.07
N ASP C 445 -0.70 3.80 22.20
CA ASP C 445 -0.32 2.45 22.60
C ASP C 445 1.12 2.11 22.28
N ASP C 446 1.91 3.05 21.77
CA ASP C 446 3.30 2.81 21.42
C ASP C 446 4.20 3.63 22.33
N PHE C 447 5.10 2.96 23.04
CA PHE C 447 5.99 3.62 23.98
C PHE C 447 7.42 3.16 23.75
N ALA C 448 8.36 4.02 24.16
CA ALA C 448 9.78 3.71 24.16
C ALA C 448 10.32 4.05 25.54
N LEU C 449 10.99 3.09 26.18
CA LEU C 449 11.48 3.23 27.54
C LEU C 449 12.99 3.05 27.58
N ILE C 450 13.63 3.80 28.47
CA ILE C 450 15.07 3.74 28.67
C ILE C 450 15.33 3.57 30.17
N VAL C 451 16.17 2.61 30.51
CA VAL C 451 16.48 2.27 31.90
C VAL C 451 17.98 2.37 32.10
N ASN C 452 18.41 3.15 33.08
CA ASN C 452 19.82 3.32 33.41
C ASN C 452 20.08 2.70 34.77
N ALA C 453 20.84 1.61 34.80
CA ALA C 453 21.11 0.90 36.05
C ALA C 453 22.58 0.53 36.12
N PRO C 454 23.13 0.39 37.33
CA PRO C 454 24.55 0.00 37.44
C PRO C 454 24.86 -1.35 36.84
N ASN C 455 23.95 -2.31 36.91
CA ASN C 455 24.21 -3.68 36.52
C ASN C 455 23.11 -4.18 35.60
N HIS C 456 23.34 -5.36 35.02
CA HIS C 456 22.30 -6.03 34.25
C HIS C 456 21.12 -6.38 35.14
N GLU C 457 21.39 -6.85 36.35
CA GLU C 457 20.32 -7.11 37.31
C GLU C 457 19.58 -5.82 37.66
N GLY C 458 20.32 -4.72 37.74
CA GLY C 458 19.67 -3.43 37.96
C GLY C 458 18.70 -3.08 36.85
N ILE C 459 19.10 -3.32 35.60
CA ILE C 459 18.20 -3.07 34.46
C ILE C 459 16.98 -3.98 34.57
N GLN C 460 17.21 -5.28 34.78
CA GLN C 460 16.10 -6.21 34.84
C GLN C 460 15.12 -5.85 35.95
N ALA C 461 15.63 -5.28 37.05
CA ALA C 461 14.74 -4.82 38.11
C ALA C 461 14.04 -3.52 37.74
N GLY C 462 14.71 -2.64 37.00
CA GLY C 462 14.06 -1.41 36.56
C GLY C 462 12.94 -1.68 35.57
N VAL C 463 13.12 -2.66 34.69
CA VAL C 463 12.06 -3.03 33.76
C VAL C 463 10.86 -3.57 34.52
N ASP C 464 11.10 -4.43 35.52
CA ASP C 464 10.02 -5.06 36.25
C ASP C 464 9.16 -4.02 36.97
N ARG C 465 9.79 -3.05 37.62
CA ARG C 465 9.03 -2.07 38.38
C ARG C 465 8.25 -1.11 37.48
N PHE C 466 8.55 -1.07 36.18
CA PHE C 466 7.74 -0.31 35.25
C PHE C 466 6.61 -1.15 34.67
N TYR C 467 6.91 -2.40 34.31
CA TYR C 467 5.86 -3.30 33.81
C TYR C 467 4.78 -3.51 34.86
N ARG C 468 5.17 -3.70 36.12
CA ARG C 468 4.18 -3.93 37.17
C ARG C 468 3.35 -2.69 37.44
N THR C 469 3.99 -1.52 37.53
CA THR C 469 3.24 -0.29 37.72
C THR C 469 2.28 -0.06 36.56
N CYS C 470 2.69 -0.40 35.34
CA CYS C 470 1.78 -0.33 34.21
C CYS C 470 0.59 -1.26 34.40
N LYS C 471 0.85 -2.49 34.87
CA LYS C 471 -0.23 -3.42 35.13
C LYS C 471 -1.19 -2.89 36.19
N LEU C 472 -0.69 -2.07 37.11
CA LEU C 472 -1.55 -1.55 38.17
C LEU C 472 -2.60 -0.59 37.63
N VAL C 473 -2.25 0.19 36.62
CA VAL C 473 -3.17 1.18 36.06
C VAL C 473 -3.84 0.67 34.78
N GLY C 474 -3.80 -0.63 34.55
CA GLY C 474 -4.47 -1.23 33.41
C GLY C 474 -3.69 -1.19 32.11
N ILE C 475 -2.47 -0.69 32.11
CA ILE C 475 -1.62 -0.68 30.93
C ILE C 475 -0.85 -1.99 30.87
N ASN C 476 -0.92 -2.68 29.74
CA ASN C 476 -0.32 -4.01 29.58
C ASN C 476 0.73 -3.94 28.47
N MET C 477 2.00 -3.95 28.85
CA MET C 477 3.06 -4.06 27.86
C MET C 477 2.91 -5.36 27.08
N SER C 478 3.17 -5.30 25.79
CA SER C 478 3.10 -6.49 24.94
C SER C 478 4.46 -7.17 24.94
N LYS C 479 4.52 -8.40 25.47
CA LYS C 479 5.77 -9.14 25.53
C LYS C 479 6.12 -9.83 24.22
N LYS C 480 5.19 -9.93 23.28
CA LYS C 480 5.43 -10.55 22.00
C LYS C 480 5.64 -9.53 20.89
N LYS C 481 5.80 -8.25 21.24
CA LYS C 481 6.12 -7.22 20.25
C LYS C 481 7.16 -6.25 20.75
N SER C 482 7.87 -6.57 21.82
CA SER C 482 8.88 -5.69 22.41
C SER C 482 10.21 -6.40 22.46
N TYR C 483 11.28 -5.61 22.50
CA TYR C 483 12.63 -6.14 22.61
C TYR C 483 13.49 -5.11 23.31
N ILE C 484 14.64 -5.57 23.82
CA ILE C 484 15.54 -4.74 24.60
C ILE C 484 16.86 -4.68 23.86
N ASN C 485 17.49 -3.51 23.84
CA ASN C 485 18.84 -3.38 23.30
C ASN C 485 19.49 -2.14 23.90
N ARG C 486 20.81 -2.14 23.91
CA ARG C 486 21.56 -1.02 24.47
C ARG C 486 21.14 0.27 23.77
N THR C 487 21.22 1.38 24.50
CA THR C 487 20.72 2.64 23.98
C THR C 487 21.51 3.07 22.74
N GLY C 488 20.81 3.75 21.84
CA GLY C 488 21.37 4.14 20.56
C GLY C 488 20.67 3.53 19.36
N THR C 489 19.65 2.70 19.55
CA THR C 489 18.93 2.08 18.44
C THR C 489 17.58 1.63 18.94
N PHE C 490 16.51 2.18 18.37
CA PHE C 490 15.15 1.79 18.77
C PHE C 490 14.16 2.36 17.77
N GLU C 491 12.87 2.21 18.09
CA GLU C 491 11.78 2.66 17.24
C GLU C 491 10.73 3.34 18.11
N PHE C 492 9.96 4.24 17.50
CA PHE C 492 8.84 4.89 18.19
C PHE C 492 7.87 5.41 17.14
N THR C 493 6.69 4.80 17.05
CA THR C 493 5.66 5.20 16.11
C THR C 493 6.22 5.31 14.69
N SER C 494 6.96 4.28 14.29
CA SER C 494 7.57 4.14 12.97
C SER C 494 8.70 5.13 12.73
N PHE C 495 9.06 5.96 13.69
CA PHE C 495 10.28 6.75 13.63
C PHE C 495 11.42 5.88 14.16
N PHE C 496 12.38 5.58 13.30
CA PHE C 496 13.46 4.67 13.64
C PHE C 496 14.71 5.46 13.98
N TYR C 497 15.21 5.28 15.20
CA TYR C 497 16.37 6.01 15.70
C TYR C 497 17.58 5.09 15.71
N ARG C 498 18.67 5.54 15.10
CA ARG C 498 19.92 4.80 15.04
C ARG C 498 21.07 5.79 15.14
N TYR C 499 21.72 5.85 16.30
CA TYR C 499 22.92 6.67 16.50
C TYR C 499 22.68 8.11 16.06
N GLY C 500 21.56 8.68 16.48
CA GLY C 500 21.28 10.08 16.27
C GLY C 500 20.62 10.43 14.95
N PHE C 501 20.46 9.47 14.05
CA PHE C 501 19.80 9.69 12.76
C PHE C 501 18.42 9.06 12.83
N VAL C 502 17.39 9.89 12.73
CA VAL C 502 16.01 9.44 12.86
C VAL C 502 15.37 9.41 11.48
N ALA C 503 14.88 8.24 11.09
CA ALA C 503 14.17 8.07 9.82
C ALA C 503 12.67 8.05 10.09
N ASN C 504 11.94 8.93 9.40
CA ASN C 504 10.51 9.11 9.61
C ASN C 504 9.76 8.41 8.48
N PHE C 505 9.04 7.34 8.83
CA PHE C 505 8.26 6.60 7.85
C PHE C 505 6.87 6.27 8.39
N SER C 506 6.34 7.11 9.28
CA SER C 506 5.03 6.85 9.85
C SER C 506 3.93 7.04 8.83
N MET C 507 4.05 8.05 7.97
CA MET C 507 3.00 8.42 7.03
C MET C 507 3.32 7.89 5.65
N GLU C 508 2.29 7.38 4.97
CA GLU C 508 2.44 6.85 3.63
C GLU C 508 2.56 7.98 2.61
N LEU C 509 2.98 7.61 1.40
CA LEU C 509 3.05 8.57 0.32
C LEU C 509 1.64 9.04 -0.05
N PRO C 510 1.46 10.30 -0.43
CA PRO C 510 0.14 10.77 -0.82
C PRO C 510 -0.23 10.34 -2.22
N SER C 511 -1.36 10.82 -2.73
CA SER C 511 -1.76 10.60 -4.12
C SER C 511 -1.42 11.85 -4.91
N PHE C 512 -0.32 11.81 -5.65
CA PHE C 512 0.06 12.92 -6.53
C PHE C 512 -0.74 12.79 -7.82
N GLY C 513 -1.77 13.61 -7.95
CA GLY C 513 -2.62 13.55 -9.13
C GLY C 513 -3.55 14.74 -9.16
N VAL C 514 -4.35 14.78 -10.23
CA VAL C 514 -5.31 15.88 -10.39
C VAL C 514 -6.37 15.77 -9.31
N SER C 515 -6.56 16.84 -8.55
CA SER C 515 -7.59 16.85 -7.52
C SER C 515 -8.98 16.69 -8.11
N GLY C 516 -9.26 17.39 -9.20
CA GLY C 516 -10.54 17.31 -9.86
C GLY C 516 -11.41 18.54 -9.74
N ILE C 517 -10.85 19.69 -9.35
CA ILE C 517 -11.65 20.91 -9.26
C ILE C 517 -11.72 21.60 -10.62
N ASN C 518 -10.58 22.03 -11.15
CA ASN C 518 -10.51 22.71 -12.43
C ASN C 518 -9.03 22.97 -12.75
N GLU C 519 -8.80 23.58 -13.92
CA GLU C 519 -7.43 23.68 -14.45
C GLU C 519 -6.53 24.49 -13.52
N SER C 520 -7.03 25.60 -12.99
CA SER C 520 -6.20 26.48 -12.18
C SER C 520 -6.08 26.03 -10.72
N ALA C 521 -6.81 24.99 -10.32
CA ALA C 521 -6.73 24.47 -8.96
C ALA C 521 -5.82 23.25 -8.87
N ASP C 522 -5.99 22.28 -9.76
CA ASP C 522 -5.17 21.07 -9.71
C ASP C 522 -3.69 21.42 -9.78
N MET C 523 -3.31 22.31 -10.71
CA MET C 523 -1.91 22.69 -10.85
C MET C 523 -1.40 23.48 -9.66
N SER C 524 -2.29 23.94 -8.78
CA SER C 524 -1.88 24.61 -7.55
C SER C 524 -2.13 23.75 -6.32
N ILE C 525 -2.71 22.57 -6.48
CA ILE C 525 -2.94 21.66 -5.35
C ILE C 525 -1.95 20.51 -5.37
N GLY C 526 -1.68 19.91 -6.53
CA GLY C 526 -0.69 18.84 -6.57
C GLY C 526 0.70 19.32 -6.22
N VAL C 527 1.11 20.45 -6.80
CA VAL C 527 2.43 21.01 -6.53
C VAL C 527 2.49 21.70 -5.17
N THR C 528 1.37 21.81 -4.48
CA THR C 528 1.35 22.24 -3.08
C THR C 528 1.44 21.03 -2.15
N VAL C 529 0.79 19.92 -2.52
CA VAL C 529 0.91 18.70 -1.75
C VAL C 529 2.35 18.19 -1.77
N ILE C 530 2.99 18.24 -2.94
CA ILE C 530 4.38 17.81 -3.03
C ILE C 530 5.24 18.60 -2.05
N LYS C 531 5.10 19.93 -2.08
CA LYS C 531 5.87 20.78 -1.17
C LYS C 531 5.56 20.47 0.29
N ASN C 532 4.27 20.33 0.61
CA ASN C 532 3.87 20.12 1.99
C ASN C 532 4.47 18.83 2.54
N ASN C 533 4.41 17.74 1.76
CA ASN C 533 5.03 16.51 2.23
C ASN C 533 6.56 16.60 2.21
N MET C 534 7.13 17.47 1.38
CA MET C 534 8.57 17.69 1.45
C MET C 534 8.95 18.34 2.78
N ILE C 535 8.11 19.24 3.29
CA ILE C 535 8.45 19.92 4.54
C ILE C 535 7.97 19.10 5.73
N ASN C 536 6.83 18.45 5.61
CA ASN C 536 6.22 17.72 6.73
C ASN C 536 6.70 16.27 6.78
N ASN C 537 6.46 15.52 5.72
CA ASN C 537 6.73 14.08 5.69
C ASN C 537 8.17 13.74 5.34
N ASP C 538 8.98 14.74 5.00
CA ASP C 538 10.39 14.54 4.69
C ASP C 538 10.58 13.44 3.64
N LEU C 539 10.05 13.71 2.45
CA LEU C 539 10.32 12.89 1.28
C LEU C 539 11.45 13.53 0.49
N GLY C 540 12.44 12.72 0.13
CA GLY C 540 13.66 13.24 -0.44
C GLY C 540 13.42 13.99 -1.73
N PRO C 541 14.30 14.95 -2.04
CA PRO C 541 14.08 15.78 -3.23
C PRO C 541 14.01 14.97 -4.52
N ALA C 542 14.72 13.85 -4.62
CA ALA C 542 14.63 13.03 -5.82
C ALA C 542 13.21 12.50 -6.02
N THR C 543 12.55 12.10 -4.93
CA THR C 543 11.16 11.65 -5.04
C THR C 543 10.22 12.82 -5.28
N ALA C 544 10.53 14.00 -4.75
CA ALA C 544 9.71 15.17 -5.03
C ALA C 544 9.75 15.51 -6.52
N GLN C 545 10.93 15.44 -7.13
CA GLN C 545 11.03 15.71 -8.57
C GLN C 545 10.26 14.67 -9.38
N MET C 546 10.42 13.39 -9.06
CA MET C 546 9.69 12.36 -9.78
C MET C 546 8.22 12.31 -9.40
N ALA C 547 7.85 12.91 -8.26
CA ALA C 547 6.44 13.08 -7.94
C ALA C 547 5.84 14.21 -8.77
N LEU C 548 6.61 15.28 -8.99
CA LEU C 548 6.17 16.37 -9.84
C LEU C 548 6.06 15.96 -11.29
N GLN C 549 6.65 14.83 -11.67
CA GLN C 549 6.55 14.32 -13.03
C GLN C 549 5.37 13.38 -13.21
N LEU C 550 5.16 12.47 -12.26
CA LEU C 550 3.99 11.59 -12.33
C LEU C 550 2.69 12.37 -12.13
N PHE C 551 2.76 13.59 -11.58
CA PHE C 551 1.58 14.42 -11.48
C PHE C 551 1.33 15.16 -12.79
N ILE C 552 2.35 15.87 -13.28
CA ILE C 552 2.20 16.63 -14.52
C ILE C 552 1.86 15.71 -15.68
N LYS C 553 2.29 14.45 -15.63
CA LYS C 553 1.90 13.46 -16.62
C LYS C 553 0.43 13.06 -16.49
N ASP C 554 -0.21 13.37 -15.36
CA ASP C 554 -1.63 13.17 -15.18
C ASP C 554 -2.43 14.44 -15.45
N TYR C 555 -1.92 15.58 -15.01
CA TYR C 555 -2.55 16.86 -15.35
C TYR C 555 -2.53 17.11 -16.85
N ARG C 556 -1.57 16.53 -17.56
CA ARG C 556 -1.45 16.71 -19.00
C ARG C 556 -2.26 15.69 -19.79
N TYR C 557 -2.83 14.69 -19.14
CA TYR C 557 -3.62 13.66 -19.81
C TYR C 557 -5.11 13.81 -19.59
N THR C 558 -5.53 14.20 -18.38
CA THR C 558 -6.95 14.40 -18.13
C THR C 558 -7.47 15.64 -18.86
N TYR C 559 -6.73 16.74 -18.78
CA TYR C 559 -7.13 17.99 -19.41
C TYR C 559 -6.66 18.12 -20.85
N ARG C 560 -5.96 17.12 -21.38
CA ARG C 560 -5.48 17.13 -22.75
C ARG C 560 -4.58 18.32 -23.04
N CYS C 561 -3.86 18.79 -22.03
CA CYS C 561 -2.89 19.87 -22.18
C CYS C 561 -1.52 19.34 -22.58
N HIS C 562 -1.49 18.58 -23.67
CA HIS C 562 -0.31 17.79 -24.06
C HIS C 562 0.83 18.62 -24.63
N ARG C 563 0.82 19.96 -24.57
CA ARG C 563 1.94 20.77 -25.04
C ARG C 563 1.91 20.90 -26.56
N GLY C 564 2.51 21.97 -27.09
CA GLY C 564 2.49 22.21 -28.51
C GLY C 564 3.57 21.50 -29.29
N ASP C 565 4.67 21.12 -28.63
CA ASP C 565 5.75 20.44 -29.33
C ASP C 565 5.36 19.00 -29.69
N THR C 566 4.74 18.29 -28.76
CA THR C 566 4.37 16.90 -29.01
C THR C 566 3.32 16.81 -30.11
N GLN C 567 3.28 15.65 -30.77
CA GLN C 567 2.31 15.40 -31.83
C GLN C 567 1.09 14.63 -31.33
N ILE C 568 0.69 14.87 -30.09
CA ILE C 568 -0.45 14.19 -29.50
C ILE C 568 -1.73 14.77 -30.09
N GLN C 569 -2.56 13.91 -30.68
CA GLN C 569 -3.80 14.32 -31.33
C GLN C 569 -4.98 13.96 -30.44
N THR C 570 -5.84 14.95 -30.19
CA THR C 570 -7.02 14.80 -29.35
C THR C 570 -8.05 15.83 -29.82
N ARG C 571 -9.14 15.96 -29.06
CA ARG C 571 -10.12 16.99 -29.36
C ARG C 571 -9.51 18.38 -29.24
N ARG C 572 -8.70 18.60 -28.21
CA ARG C 572 -8.11 19.90 -27.93
C ARG C 572 -6.78 20.11 -28.64
N SER C 573 -6.36 19.16 -29.47
CA SER C 573 -5.03 19.21 -30.07
C SER C 573 -4.88 20.28 -31.14
N PHE C 574 -5.95 20.94 -31.54
CA PHE C 574 -5.86 21.93 -32.61
C PHE C 574 -5.52 23.32 -32.09
N GLU C 575 -6.43 23.90 -31.27
CA GLU C 575 -6.23 25.27 -30.82
C GLU C 575 -4.86 25.46 -30.20
N LEU C 576 -4.49 24.59 -29.26
CA LEU C 576 -3.20 24.71 -28.59
C LEU C 576 -2.08 24.98 -29.58
N GLU C 577 -2.04 24.22 -30.68
CA GLU C 577 -0.93 24.36 -31.62
C GLU C 577 -0.75 25.81 -32.05
N LYS C 578 -1.84 26.45 -32.47
CA LYS C 578 -1.70 27.83 -32.96
C LYS C 578 -1.40 28.80 -31.82
N LEU C 579 -1.86 28.52 -30.60
CA LEU C 579 -1.44 29.33 -29.47
C LEU C 579 0.07 29.25 -29.29
N TRP C 580 0.68 28.13 -29.67
CA TRP C 580 2.13 28.01 -29.69
C TRP C 580 2.76 28.89 -30.75
N GLU C 581 2.10 29.03 -31.90
CA GLU C 581 2.75 29.68 -33.04
C GLU C 581 2.85 31.19 -32.86
N GLN C 582 1.79 31.82 -32.35
CA GLN C 582 1.71 33.27 -32.31
C GLN C 582 2.30 33.87 -31.03
N THR C 583 3.22 33.17 -30.38
CA THR C 583 3.85 33.65 -29.16
C THR C 583 5.36 33.53 -29.27
N ARG C 584 6.06 34.50 -28.69
CA ARG C 584 7.52 34.53 -28.72
C ARG C 584 8.10 33.84 -27.48
N SER C 585 7.77 34.35 -26.30
CA SER C 585 8.22 33.74 -25.04
C SER C 585 7.32 32.55 -24.76
N LYS C 586 7.67 31.41 -25.34
CA LYS C 586 6.89 30.19 -25.17
C LYS C 586 6.93 29.67 -23.74
N ALA C 587 7.94 30.06 -22.96
CA ALA C 587 7.97 29.70 -21.54
C ALA C 587 6.80 30.32 -20.79
N GLY C 588 6.30 31.46 -21.25
CA GLY C 588 5.21 32.11 -20.55
C GLY C 588 3.93 31.30 -20.54
N LEU C 589 3.71 30.52 -21.60
CA LEU C 589 2.48 29.74 -21.69
C LEU C 589 2.30 28.84 -20.48
N LEU C 590 1.10 28.86 -19.91
CA LEU C 590 0.79 27.98 -18.80
C LEU C 590 0.72 26.52 -19.27
N VAL C 591 1.00 25.60 -18.36
CA VAL C 591 0.87 24.18 -18.67
C VAL C 591 -0.56 23.86 -19.11
N SER C 592 -1.53 24.64 -18.66
CA SER C 592 -2.91 24.43 -19.09
C SER C 592 -3.08 24.76 -20.56
N ASP C 593 -2.26 25.66 -21.10
CA ASP C 593 -2.31 26.03 -22.51
C ASP C 593 -1.16 25.44 -23.31
N GLY C 594 -0.67 24.27 -22.91
CA GLY C 594 0.38 23.61 -23.65
C GLY C 594 1.75 24.22 -23.51
N GLY C 595 1.99 24.96 -22.43
CA GLY C 595 3.28 25.58 -22.22
C GLY C 595 4.28 24.65 -21.57
N PRO C 596 5.53 25.08 -21.46
CA PRO C 596 6.53 24.28 -20.76
C PRO C 596 6.27 24.23 -19.27
N ASN C 597 6.72 23.14 -18.65
CA ASN C 597 6.63 22.98 -17.20
C ASN C 597 7.92 23.53 -16.59
N LEU C 598 7.79 24.58 -15.77
CA LEU C 598 8.94 25.26 -15.20
C LEU C 598 9.12 24.97 -13.71
N TYR C 599 8.24 24.17 -13.10
CA TYR C 599 8.39 23.87 -11.69
C TYR C 599 9.56 22.94 -11.43
N ASN C 600 10.30 23.24 -10.37
CA ASN C 600 11.31 22.37 -9.81
C ASN C 600 11.18 22.44 -8.29
N ILE C 601 12.17 21.92 -7.57
CA ILE C 601 12.09 21.93 -6.12
C ILE C 601 12.03 23.36 -5.59
N ARG C 602 12.75 24.28 -6.24
CA ARG C 602 12.91 25.61 -5.67
C ARG C 602 11.63 26.44 -5.73
N ASN C 603 10.81 26.26 -6.76
CA ASN C 603 9.62 27.08 -6.97
C ASN C 603 8.35 26.25 -6.96
N LEU C 604 8.22 25.35 -5.98
CA LEU C 604 7.00 24.58 -5.82
C LEU C 604 5.93 25.32 -5.02
N HIS C 605 6.27 26.45 -4.39
CA HIS C 605 5.31 27.21 -3.61
C HIS C 605 4.72 28.38 -4.39
N ILE C 606 5.41 28.87 -5.41
CA ILE C 606 4.90 30.00 -6.19
C ILE C 606 3.78 29.53 -7.09
N PRO C 607 2.68 30.27 -7.22
CA PRO C 607 1.63 29.89 -8.17
C PRO C 607 2.11 29.99 -9.61
N GLU C 608 1.51 29.18 -10.47
CA GLU C 608 1.95 29.08 -11.85
C GLU C 608 1.91 30.43 -12.55
N VAL C 609 0.79 31.16 -12.41
CA VAL C 609 0.61 32.41 -13.15
C VAL C 609 1.67 33.42 -12.74
N CYS C 610 1.87 33.60 -11.43
CA CYS C 610 2.87 34.56 -10.98
C CYS C 610 4.27 34.11 -11.33
N LEU C 611 4.49 32.80 -11.43
CA LEU C 611 5.81 32.31 -11.86
C LEU C 611 6.08 32.72 -13.30
N LYS C 612 5.13 32.45 -14.20
CA LYS C 612 5.35 32.69 -15.62
C LYS C 612 5.04 34.11 -16.07
N TRP C 613 4.55 34.97 -15.15
CA TRP C 613 4.14 36.32 -15.54
C TRP C 613 5.25 37.05 -16.29
N GLU C 614 6.46 37.07 -15.72
CA GLU C 614 7.52 37.91 -16.28
C GLU C 614 7.88 37.53 -17.71
N LEU C 615 7.56 36.32 -18.15
CA LEU C 615 7.89 35.87 -19.50
C LEU C 615 6.66 35.55 -20.33
N MET C 616 5.49 36.02 -19.92
CA MET C 616 4.30 35.88 -20.74
C MET C 616 4.25 36.98 -21.80
N ASP C 617 3.60 36.67 -22.91
CA ASP C 617 3.37 37.67 -23.94
C ASP C 617 2.24 38.59 -23.51
N GLU C 618 2.49 39.90 -23.57
CA GLU C 618 1.46 40.86 -23.19
C GLU C 618 0.17 40.60 -23.97
N ASP C 619 0.30 40.30 -25.26
CA ASP C 619 -0.86 39.90 -26.04
C ASP C 619 -1.51 38.64 -25.48
N TYR C 620 -0.77 37.85 -24.72
CA TYR C 620 -1.30 36.66 -24.08
C TYR C 620 -1.70 36.89 -22.63
N GLN C 621 -0.99 37.78 -21.91
CA GLN C 621 -1.44 38.16 -20.57
C GLN C 621 -2.82 38.81 -20.62
N GLY C 622 -3.03 39.72 -21.58
CA GLY C 622 -4.31 40.39 -21.67
C GLY C 622 -5.46 39.41 -21.88
N ARG C 623 -5.29 38.48 -22.82
CA ARG C 623 -6.32 37.49 -23.07
C ARG C 623 -6.46 36.52 -21.90
N LEU C 624 -5.36 36.25 -21.18
CA LEU C 624 -5.37 35.17 -20.19
C LEU C 624 -6.37 35.44 -19.07
N CYS C 625 -6.45 36.69 -18.60
CA CYS C 625 -7.25 37.01 -17.44
C CYS C 625 -8.49 37.81 -17.80
N ASN C 626 -8.34 39.00 -18.39
CA ASN C 626 -9.44 39.76 -18.97
C ASN C 626 -10.71 39.62 -18.12
N PRO C 627 -10.77 40.27 -16.94
CA PRO C 627 -11.81 39.96 -15.96
C PRO C 627 -13.19 39.66 -16.54
N LEU C 628 -13.55 40.26 -17.67
CA LEU C 628 -14.83 40.01 -18.32
C LEU C 628 -14.81 38.68 -19.07
N ASN C 629 -14.51 37.61 -18.33
CA ASN C 629 -14.40 36.29 -18.92
C ASN C 629 -15.76 35.60 -18.96
N PRO C 630 -16.07 34.84 -20.03
CA PRO C 630 -17.29 34.04 -20.03
C PRO C 630 -17.21 32.80 -19.16
N PHE C 631 -16.04 32.50 -18.58
CA PHE C 631 -15.82 31.28 -17.82
C PHE C 631 -15.86 31.51 -16.32
N VAL C 632 -15.07 32.45 -15.81
CA VAL C 632 -15.05 32.76 -14.38
C VAL C 632 -15.92 33.98 -14.10
N MET C 655 -5.12 25.18 -1.88
CA MET C 655 -4.80 26.60 -1.78
C MET C 655 -4.66 27.22 -3.17
N GLU C 656 -5.73 27.14 -3.95
CA GLU C 656 -5.72 27.65 -5.31
C GLU C 656 -6.19 29.10 -5.34
N TYR C 657 -5.58 29.88 -6.24
CA TYR C 657 -5.86 31.31 -6.37
C TYR C 657 -5.28 31.77 -7.70
N ASP C 658 -5.24 33.09 -7.91
CA ASP C 658 -4.82 33.69 -9.17
C ASP C 658 -5.74 33.22 -10.31
N ALA C 659 -7.01 33.60 -10.19
CA ALA C 659 -8.01 33.17 -11.15
C ALA C 659 -7.68 33.69 -12.55
N VAL C 660 -7.87 32.83 -13.54
CA VAL C 660 -7.65 33.14 -14.94
C VAL C 660 -8.72 32.42 -15.76
N ALA C 661 -8.65 32.58 -17.08
CA ALA C 661 -9.63 31.95 -17.97
C ALA C 661 -9.73 30.45 -17.73
N THR C 662 -8.72 29.83 -17.14
CA THR C 662 -8.72 28.40 -16.86
C THR C 662 -9.20 28.15 -15.43
N THR C 663 -10.44 28.56 -15.18
CA THR C 663 -11.08 28.36 -13.88
C THR C 663 -12.53 27.93 -14.08
N HIS C 664 -12.76 27.00 -15.01
CA HIS C 664 -14.10 26.59 -15.36
C HIS C 664 -14.72 25.78 -14.21
N SER C 665 -15.95 25.33 -14.42
CA SER C 665 -16.67 24.54 -13.42
C SER C 665 -17.44 23.42 -14.09
N LYS D 41 -16.76 8.57 -4.53
CA LYS D 41 -17.01 9.64 -5.49
C LYS D 41 -15.79 9.82 -6.41
N ASN D 42 -14.61 9.89 -5.81
CA ASN D 42 -13.37 9.88 -6.57
C ASN D 42 -13.34 11.04 -7.58
N PRO D 43 -13.13 12.27 -7.12
CA PRO D 43 -13.23 13.41 -8.04
C PRO D 43 -12.31 13.34 -9.24
N ALA D 44 -11.14 12.71 -9.11
CA ALA D 44 -10.21 12.64 -10.24
C ALA D 44 -10.81 11.85 -11.40
N LEU D 45 -11.39 10.68 -11.09
CA LEU D 45 -12.02 9.88 -12.14
C LEU D 45 -13.20 10.63 -12.76
N ARG D 46 -13.98 11.32 -11.94
CA ARG D 46 -15.09 12.10 -12.47
C ARG D 46 -14.58 13.19 -13.41
N MET D 47 -13.50 13.87 -13.05
CA MET D 47 -12.94 14.88 -13.93
C MET D 47 -12.46 14.27 -15.24
N LYS D 48 -11.81 13.10 -15.17
CA LYS D 48 -11.38 12.44 -16.40
C LYS D 48 -12.58 12.15 -17.29
N TRP D 49 -13.61 11.51 -16.73
CA TRP D 49 -14.78 11.14 -17.53
C TRP D 49 -15.48 12.37 -18.09
N MET D 50 -15.52 13.46 -17.32
CA MET D 50 -16.23 14.66 -17.74
C MET D 50 -15.46 15.41 -18.81
N MET D 51 -14.14 15.44 -18.71
CA MET D 51 -13.33 16.03 -19.79
C MET D 51 -13.32 15.15 -21.02
N ALA D 52 -13.67 13.87 -20.89
CA ALA D 52 -13.79 13.01 -22.06
C ALA D 52 -14.90 13.50 -22.99
N MET D 53 -16.05 13.89 -22.43
CA MET D 53 -17.21 14.23 -23.22
C MET D 53 -17.13 15.68 -23.71
N LYS D 54 -18.15 16.07 -24.49
CA LYS D 54 -18.19 17.40 -25.08
C LYS D 54 -19.02 18.35 -24.22
N TYR D 55 -18.62 19.62 -24.23
CA TYR D 55 -19.31 20.69 -23.52
C TYR D 55 -19.46 20.39 -22.02
N PRO D 56 -18.36 20.18 -21.30
CA PRO D 56 -18.46 19.99 -19.84
C PRO D 56 -18.54 21.30 -19.07
N ILE D 57 -17.87 22.34 -19.55
CA ILE D 57 -17.78 23.59 -18.81
C ILE D 57 -19.08 24.35 -18.88
N THR D 58 -19.57 24.80 -17.72
CA THR D 58 -20.68 25.74 -17.67
C THR D 58 -20.16 27.14 -17.96
N ALA D 59 -21.03 27.97 -18.56
CA ALA D 59 -20.64 29.32 -18.93
C ALA D 59 -21.84 30.24 -18.84
N ASP D 60 -21.56 31.54 -18.77
CA ASP D 60 -22.60 32.56 -18.76
C ASP D 60 -23.23 32.65 -20.15
N LYS D 61 -24.21 33.53 -20.28
CA LYS D 61 -24.83 33.80 -21.57
C LYS D 61 -24.06 34.82 -22.40
N ARG D 62 -23.03 35.45 -21.82
CA ARG D 62 -22.24 36.42 -22.57
C ARG D 62 -21.48 35.76 -23.71
N ILE D 63 -21.19 34.47 -23.58
CA ILE D 63 -20.35 33.77 -24.54
C ILE D 63 -21.00 33.73 -25.91
N ILE D 64 -22.31 33.98 -25.96
CA ILE D 64 -23.01 33.96 -27.25
C ILE D 64 -22.35 34.92 -28.23
N GLU D 65 -22.02 36.13 -27.76
CA GLU D 65 -21.36 37.12 -28.60
C GLU D 65 -19.84 37.12 -28.47
N MET D 66 -19.31 36.66 -27.33
CA MET D 66 -17.88 36.78 -27.10
C MET D 66 -17.08 35.76 -27.91
N ILE D 67 -17.54 34.52 -28.00
CA ILE D 67 -16.78 33.45 -28.63
C ILE D 67 -17.61 32.83 -29.75
N PRO D 68 -17.04 32.62 -30.95
CA PRO D 68 -17.82 32.02 -32.04
C PRO D 68 -18.25 30.59 -31.74
N GLU D 69 -19.05 30.01 -32.63
CA GLU D 69 -19.51 28.63 -32.52
C GLU D 69 -18.50 27.62 -33.06
N ARG D 70 -17.54 28.05 -33.87
CA ARG D 70 -16.62 27.14 -34.52
C ARG D 70 -15.24 27.78 -34.58
N ASN D 71 -14.29 27.06 -35.14
CA ASN D 71 -12.92 27.53 -35.31
C ASN D 71 -12.47 27.21 -36.73
N GLU D 72 -11.18 27.38 -36.99
CA GLU D 72 -10.66 27.15 -38.34
C GLU D 72 -11.03 25.76 -38.85
N GLN D 73 -10.80 24.74 -38.03
CA GLN D 73 -11.13 23.38 -38.41
C GLN D 73 -12.62 23.06 -38.25
N GLY D 74 -13.40 23.96 -37.68
CA GLY D 74 -14.82 23.73 -37.53
C GLY D 74 -15.17 22.78 -36.41
N GLN D 75 -14.67 23.06 -35.22
CA GLN D 75 -14.97 22.28 -34.02
C GLN D 75 -15.79 23.12 -33.06
N THR D 76 -16.84 22.51 -32.50
CA THR D 76 -17.79 23.25 -31.68
C THR D 76 -17.13 23.78 -30.42
N LEU D 77 -16.94 25.10 -30.36
CA LEU D 77 -16.37 25.73 -29.18
C LEU D 77 -17.37 25.84 -28.03
N TRP D 78 -18.66 25.81 -28.32
CA TRP D 78 -19.69 25.84 -27.28
C TRP D 78 -21.01 25.40 -27.90
N SER D 79 -22.02 25.25 -27.05
CA SER D 79 -23.34 24.85 -27.50
C SER D 79 -24.36 25.32 -26.48
N LYS D 80 -25.52 25.77 -26.97
CA LYS D 80 -26.58 26.26 -26.11
C LYS D 80 -27.13 25.13 -25.23
N VAL D 89 -25.28 28.08 -20.74
CA VAL D 89 -24.98 27.23 -21.90
C VAL D 89 -23.75 26.38 -21.59
N MET D 90 -23.69 25.20 -22.20
CA MET D 90 -22.56 24.31 -22.01
C MET D 90 -21.43 24.72 -22.95
N VAL D 91 -20.19 24.64 -22.46
CA VAL D 91 -19.02 25.07 -23.19
C VAL D 91 -17.98 23.97 -23.19
N SER D 92 -17.44 23.65 -24.37
CA SER D 92 -16.33 22.72 -24.47
C SER D 92 -15.05 23.41 -24.00
N PRO D 93 -14.09 22.65 -23.45
CA PRO D 93 -12.82 23.27 -23.03
C PRO D 93 -12.08 23.91 -24.18
N LEU D 94 -12.35 23.50 -25.42
CA LEU D 94 -11.65 24.08 -26.56
C LEU D 94 -11.88 25.58 -26.67
N ALA D 95 -12.96 26.09 -26.09
CA ALA D 95 -13.19 27.53 -26.09
C ALA D 95 -12.18 28.26 -25.22
N VAL D 96 -11.75 27.64 -24.11
CA VAL D 96 -10.80 28.29 -23.22
C VAL D 96 -9.50 28.58 -23.96
N THR D 97 -9.08 27.66 -24.82
CA THR D 97 -7.89 27.90 -25.63
C THR D 97 -8.14 29.02 -26.64
N TRP D 98 -9.33 29.05 -27.23
CA TRP D 98 -9.65 30.11 -28.20
C TRP D 98 -9.54 31.48 -27.57
N TRP D 99 -10.12 31.65 -26.37
CA TRP D 99 -10.04 32.95 -25.71
C TRP D 99 -8.60 33.33 -25.44
N ASN D 100 -7.78 32.37 -24.99
CA ASN D 100 -6.36 32.64 -24.76
C ASN D 100 -5.59 32.79 -26.06
N ARG D 101 -6.04 32.14 -27.13
CA ARG D 101 -5.34 32.23 -28.40
C ARG D 101 -5.64 33.55 -29.10
N ASN D 102 -6.91 33.78 -29.46
CA ASN D 102 -7.33 35.02 -30.13
C ASN D 102 -8.69 35.43 -29.55
N GLY D 103 -8.65 36.24 -28.50
CA GLY D 103 -9.86 36.73 -27.87
C GLY D 103 -9.70 38.18 -27.45
N PRO D 104 -10.70 38.71 -26.77
CA PRO D 104 -10.61 40.10 -26.30
C PRO D 104 -9.36 40.33 -25.48
N THR D 105 -8.44 41.17 -25.98
CA THR D 105 -7.16 41.39 -25.33
C THR D 105 -7.35 42.38 -24.18
N THR D 106 -6.23 42.82 -23.60
CA THR D 106 -6.24 43.79 -22.51
C THR D 106 -4.81 44.24 -22.28
N SER D 107 -4.66 45.39 -21.64
CA SER D 107 -3.35 45.97 -21.33
C SER D 107 -3.29 46.42 -19.89
N THR D 108 -3.85 45.60 -18.99
CA THR D 108 -3.92 45.93 -17.57
C THR D 108 -2.78 45.27 -16.82
N VAL D 109 -2.17 46.02 -15.90
CA VAL D 109 -1.08 45.52 -15.08
C VAL D 109 -1.48 45.59 -13.61
N HIS D 110 -2.79 45.47 -13.35
CA HIS D 110 -3.29 45.54 -11.98
C HIS D 110 -3.09 44.24 -11.22
N TYR D 111 -2.83 43.14 -11.91
CA TYR D 111 -2.58 41.86 -11.24
C TYR D 111 -1.33 41.90 -10.38
N PRO D 112 -0.21 42.45 -10.86
CA PRO D 112 0.97 42.60 -10.00
C PRO D 112 0.67 43.24 -8.65
N LYS D 113 -0.45 43.98 -8.55
CA LYS D 113 -0.81 44.66 -7.31
C LYS D 113 -1.95 44.00 -6.55
N VAL D 114 -2.90 43.37 -7.23
CA VAL D 114 -3.96 42.66 -6.49
C VAL D 114 -3.36 41.48 -5.74
N TYR D 115 -2.42 40.78 -6.37
CA TYR D 115 -1.68 39.68 -5.75
C TYR D 115 -0.26 40.19 -5.48
N LYS D 116 -0.08 40.84 -4.34
CA LYS D 116 1.21 41.44 -4.02
C LYS D 116 2.17 40.41 -3.41
N THR D 117 1.69 39.58 -2.50
CA THR D 117 2.56 38.64 -1.81
C THR D 117 3.16 37.63 -2.77
N TYR D 118 2.38 37.15 -3.73
CA TYR D 118 2.87 36.11 -4.64
C TYR D 118 3.94 36.67 -5.57
N PHE D 119 3.72 37.87 -6.12
CA PHE D 119 4.76 38.49 -6.93
C PHE D 119 5.97 38.85 -6.10
N GLU D 120 5.78 39.20 -4.83
CA GLU D 120 6.92 39.42 -3.94
C GLU D 120 7.73 38.13 -3.78
N LYS D 121 7.04 37.00 -3.61
CA LYS D 121 7.73 35.71 -3.53
C LYS D 121 8.50 35.43 -4.82
N VAL D 122 7.88 35.69 -5.96
CA VAL D 122 8.55 35.46 -7.24
C VAL D 122 9.79 36.33 -7.34
N GLU D 123 9.67 37.60 -6.95
CA GLU D 123 10.82 38.51 -7.01
C GLU D 123 11.94 38.04 -6.10
N ARG D 124 11.61 37.62 -4.88
CA ARG D 124 12.63 37.19 -3.94
C ARG D 124 13.30 35.90 -4.39
N LEU D 125 12.56 35.01 -5.05
CA LEU D 125 13.18 33.81 -5.60
C LEU D 125 14.05 34.12 -6.83
N LYS D 126 13.63 35.09 -7.65
CA LYS D 126 14.38 35.43 -8.85
C LYS D 126 15.66 36.20 -8.53
N HIS D 127 15.65 36.99 -7.46
CA HIS D 127 16.83 37.76 -7.06
C HIS D 127 17.58 37.11 -5.91
N GLY D 128 17.22 35.88 -5.54
CA GLY D 128 17.87 35.19 -4.44
C GLY D 128 19.09 34.41 -4.92
N THR D 129 20.17 34.52 -4.14
CA THR D 129 21.44 33.86 -4.45
C THR D 129 21.57 32.60 -3.60
N PHE D 130 21.98 31.51 -4.23
CA PHE D 130 22.13 30.22 -3.56
C PHE D 130 23.54 30.06 -3.01
N GLY D 131 23.72 29.03 -2.19
CA GLY D 131 25.00 28.71 -1.62
C GLY D 131 25.28 27.22 -1.67
N PRO D 132 26.47 26.81 -1.21
CA PRO D 132 26.83 25.39 -1.27
C PRO D 132 25.95 24.54 -0.37
N VAL D 133 25.76 23.30 -0.79
CA VAL D 133 25.05 22.31 0.03
C VAL D 133 25.97 21.84 1.15
N HIS D 134 25.36 21.36 2.24
CA HIS D 134 26.10 20.81 3.36
C HIS D 134 25.34 19.60 3.88
N PHE D 135 25.82 18.40 3.56
CA PHE D 135 25.28 17.19 4.16
C PHE D 135 25.90 17.00 5.54
N ARG D 136 25.05 16.86 6.55
CA ARG D 136 25.50 16.88 7.94
C ARG D 136 24.69 15.88 8.75
N ASN D 137 25.06 15.74 10.01
CA ASN D 137 24.36 14.86 10.94
C ASN D 137 23.13 15.55 11.50
N GLN D 138 22.04 14.79 11.62
CA GLN D 138 20.80 15.32 12.18
C GLN D 138 21.03 15.86 13.58
N SER D 226 10.09 35.52 7.68
CA SER D 226 9.04 34.57 7.32
C SER D 226 9.31 33.90 5.98
N VAL D 227 10.30 34.42 5.25
CA VAL D 227 10.67 33.83 3.97
C VAL D 227 11.26 32.44 4.17
N TYR D 228 12.02 32.26 5.25
CA TYR D 228 12.58 30.93 5.54
C TYR D 228 11.48 29.90 5.74
N ILE D 229 10.38 30.31 6.37
CA ILE D 229 9.28 29.37 6.57
C ILE D 229 8.78 28.83 5.25
N GLU D 230 8.67 29.70 4.24
CA GLU D 230 8.15 29.26 2.94
C GLU D 230 9.20 28.50 2.14
N VAL D 231 10.48 28.85 2.24
CA VAL D 231 11.50 28.16 1.46
C VAL D 231 12.08 27.00 2.28
N LEU D 232 11.39 26.63 3.37
CA LEU D 232 11.82 25.48 4.15
C LEU D 232 12.02 24.24 3.30
N HIS D 233 11.19 24.06 2.28
CA HIS D 233 11.34 22.87 1.43
C HIS D 233 12.68 22.86 0.70
N LEU D 234 13.39 23.99 0.65
CA LEU D 234 14.76 24.05 0.15
C LEU D 234 15.80 24.09 1.26
N THR D 235 15.65 25.03 2.19
CA THR D 235 16.73 25.32 3.12
C THR D 235 17.09 24.12 3.98
N GLN D 236 16.10 23.37 4.43
CA GLN D 236 16.29 22.28 5.37
C GLN D 236 15.79 20.97 4.79
N GLY D 237 16.53 19.89 5.06
CA GLY D 237 16.14 18.56 4.63
C GLY D 237 16.36 17.53 5.71
N THR D 238 16.18 16.25 5.38
CA THR D 238 16.33 15.20 6.39
C THR D 238 17.76 15.14 6.90
N CYS D 239 18.74 15.23 6.01
CA CYS D 239 20.14 15.13 6.41
C CYS D 239 21.04 16.13 5.69
N TRP D 240 20.46 17.14 5.02
CA TRP D 240 21.25 18.11 4.27
C TRP D 240 20.67 19.49 4.46
N GLU D 241 21.53 20.50 4.37
CA GLU D 241 21.15 21.90 4.51
C GLU D 241 21.60 22.66 3.27
N GLN D 242 20.68 23.43 2.69
CA GLN D 242 20.95 24.21 1.48
C GLN D 242 21.05 25.67 1.89
N MET D 243 22.29 26.17 2.01
CA MET D 243 22.52 27.55 2.39
C MET D 243 21.98 28.46 1.28
N TYR D 244 20.86 29.12 1.55
CA TYR D 244 20.17 29.93 0.56
C TYR D 244 19.77 31.26 1.18
N THR D 245 19.96 32.33 0.41
CA THR D 245 19.58 33.68 0.83
C THR D 245 18.55 34.22 -0.17
N PRO D 246 17.37 34.66 0.27
CA PRO D 246 16.36 35.10 -0.69
C PRO D 246 16.62 36.47 -1.30
N GLY D 247 17.38 37.33 -0.62
CA GLY D 247 17.67 38.64 -1.15
C GLY D 247 16.49 39.58 -1.09
N GLY D 248 16.70 40.79 -1.59
CA GLY D 248 15.66 41.80 -1.62
C GLY D 248 15.08 42.12 -0.25
#